data_7M6O
#
_entry.id   7M6O
#
_cell.length_a   1.00
_cell.length_b   1.00
_cell.length_c   1.00
_cell.angle_alpha   90.00
_cell.angle_beta   90.00
_cell.angle_gamma   90.00
#
_symmetry.space_group_name_H-M   'P 1'
#
loop_
_entity.id
_entity.type
_entity.pdbx_description
1 polymer 'Glycine receptor subunit alphaZ1'
2 non-polymer 2-acetamido-2-deoxy-beta-D-glucopyranose
3 non-polymer (6aR,10aR)-6,6,9-trimethyl-3-pentyl-6a,7,8,10a-tetrahydro-6H-benzo[c]chromen-1-ol
4 non-polymer GLYCINE
#
_entity_poly.entity_id   1
_entity_poly.type   'polypeptide(L)'
_entity_poly.pdbx_seq_one_letter_code
;MFALGIYLWETIVFFSLAASQQAAARKAASPMPPSEFLDKLMGKVSGYDARIRPNFKGPPVNVTCNIFINSFGSIAETTM
DYRVNIFLRQQWNDPRLAYSEYPDDSLDLDPSMLDSIWKPDLFFANEKGANFHEVTTDNKLLRISKNGNVLYSIRITLVL
ACPMDLKNFPMDVQTCIMQLESFGYTMNDLIFEWDEKGAVQVADGLTLPQFILKEEKDLRYCTKHYNTGKFTCIEARFHL
ERQMGYYLIQMYIPSLLIVILSWVSFWINMDAAPARVGLGITTVLTMTTQSSGSRASLPKVSYVKAIDIWMAVCLLFVFS
ALLEYAAVNFIARQHKELLRFQRRRRHLKEDEAGDGRFSFAAYGMGPACLQAKDGMAIKGNNNNAPTSTNPPEKTVEEMR
KLFISRAKRIDTVSRVAFPLVFLIFNIFYWITYKIIRSEDIHKQ
;
_entity_poly.pdbx_strand_id   A,B,C,D,E
#
loop_
_chem_comp.id
_chem_comp.type
_chem_comp.name
_chem_comp.formula
NAG D-saccharide, beta linking 2-acetamido-2-deoxy-beta-D-glucopyranose 'C8 H15 N O6'
TCI non-polymer (6aR,10aR)-6,6,9-trimethyl-3-pentyl-6a,7,8,10a-tetrahydro-6H-benzo[c]chromen-1-ol 'C21 H30 O2'
#
# COMPACT_ATOMS: atom_id res chain seq x y z
N MET A 32 25.59 38.24 40.19
CA MET A 32 24.99 38.76 38.95
C MET A 32 23.75 37.95 38.61
N PRO A 33 22.69 38.62 38.20
CA PRO A 33 21.48 37.90 37.80
C PRO A 33 21.63 37.30 36.41
N PRO A 34 21.00 36.15 36.16
CA PRO A 34 21.12 35.55 34.83
C PRO A 34 20.33 36.29 33.77
N SER A 35 19.16 36.82 34.16
CA SER A 35 18.24 37.48 33.23
C SER A 35 18.86 38.70 32.58
N GLU A 36 19.57 39.51 33.38
CA GLU A 36 20.21 40.71 32.87
C GLU A 36 21.27 40.35 31.85
N PHE A 37 22.06 39.30 32.09
CA PHE A 37 23.09 38.95 31.11
C PHE A 37 22.45 38.42 29.84
N LEU A 38 21.44 37.56 29.95
CA LEU A 38 20.82 36.99 28.74
C LEU A 38 20.13 38.04 27.88
N ASP A 39 19.44 39.01 28.47
CA ASP A 39 18.87 40.01 27.56
C ASP A 39 19.87 41.10 27.16
N LYS A 40 20.86 41.42 28.00
CA LYS A 40 21.85 42.41 27.61
C LYS A 40 22.72 41.90 26.47
N LEU A 41 22.97 40.59 26.45
CA LEU A 41 23.91 40.04 25.49
C LEU A 41 23.31 39.99 24.09
N MET A 42 22.08 39.51 23.98
CA MET A 42 21.49 39.23 22.67
C MET A 42 20.08 39.78 22.59
N GLY A 43 19.85 41.01 23.04
CA GLY A 43 18.49 41.53 22.99
C GLY A 43 18.40 42.86 22.27
N LYS A 44 17.50 43.70 22.78
CA LYS A 44 17.14 44.96 22.14
C LYS A 44 18.12 46.07 22.46
N VAL A 45 18.73 46.02 23.65
CA VAL A 45 19.74 47.02 24.00
C VAL A 45 21.03 46.78 23.25
N SER A 46 21.27 45.54 22.86
CA SER A 46 22.42 45.19 22.04
C SER A 46 22.14 45.54 20.59
N GLY A 47 23.16 46.05 19.91
CA GLY A 47 23.07 46.35 18.49
C GLY A 47 23.20 45.15 17.55
N TYR A 48 22.86 43.96 18.05
CA TYR A 48 22.99 42.70 17.33
C TYR A 48 21.84 42.54 16.36
N ASP A 49 22.08 42.73 15.08
CA ASP A 49 21.06 42.42 14.08
C ASP A 49 21.29 41.00 13.58
N ALA A 50 20.26 40.17 13.67
CA ALA A 50 20.34 38.75 13.32
C ALA A 50 20.25 38.50 11.83
N ARG A 51 20.10 39.53 11.01
CA ARG A 51 20.00 39.38 9.57
C ARG A 51 21.31 39.60 8.85
N ILE A 52 22.38 39.97 9.56
CA ILE A 52 23.67 40.27 8.96
C ILE A 52 24.67 39.20 9.38
N ARG A 53 25.43 38.69 8.41
CA ARG A 53 26.47 37.71 8.68
C ARG A 53 27.60 38.31 9.50
N PRO A 54 28.25 37.52 10.35
CA PRO A 54 29.48 37.98 11.00
C PRO A 54 30.58 38.24 9.99
N ASN A 55 31.47 39.19 10.34
CA ASN A 55 32.55 39.67 9.48
C ASN A 55 32.02 40.19 8.14
N PHE A 56 31.02 41.05 8.21
CA PHE A 56 30.42 41.64 7.02
C PHE A 56 31.44 42.50 6.27
N LYS A 57 31.38 42.42 4.93
CA LYS A 57 32.37 42.99 4.02
C LYS A 57 33.78 42.50 4.34
N GLY A 58 33.90 41.21 4.61
CA GLY A 58 35.12 40.62 5.08
C GLY A 58 35.34 39.23 4.54
N PRO A 59 36.38 38.55 5.02
CA PRO A 59 36.65 37.18 4.59
C PRO A 59 35.50 36.25 4.92
N PRO A 60 35.27 35.25 4.08
CA PRO A 60 34.17 34.28 4.31
C PRO A 60 34.21 33.55 5.64
N VAL A 61 33.01 33.29 6.18
CA VAL A 61 32.81 32.63 7.47
C VAL A 61 33.06 31.14 7.32
N ASN A 62 34.11 30.63 7.95
CA ASN A 62 34.44 29.22 7.88
C ASN A 62 33.57 28.40 8.83
N VAL A 63 33.12 27.22 8.38
CA VAL A 63 32.20 26.36 9.13
C VAL A 63 32.69 24.93 9.05
N THR A 64 32.97 24.32 10.21
CA THR A 64 33.29 22.89 10.31
C THR A 64 32.06 22.07 10.66
N CYS A 65 31.88 20.94 9.96
CA CYS A 65 30.68 20.10 10.09
C CYS A 65 31.05 18.69 10.56
N ASN A 66 30.44 18.26 11.66
CA ASN A 66 30.61 16.93 12.24
C ASN A 66 29.27 16.19 12.24
N ILE A 67 29.24 14.96 11.74
CA ILE A 67 28.01 14.17 11.66
C ILE A 67 28.11 12.89 12.48
N PHE A 68 27.05 12.59 13.24
CA PHE A 68 26.91 11.33 13.99
C PHE A 68 25.71 10.55 13.46
N ILE A 69 25.92 9.30 13.09
CA ILE A 69 24.86 8.45 12.53
C ILE A 69 24.21 7.64 13.64
N ASN A 70 22.95 7.94 13.93
CA ASN A 70 22.19 7.24 14.97
C ASN A 70 21.65 5.89 14.50
N SER A 71 21.00 5.84 13.33
CA SER A 71 20.34 4.60 12.89
C SER A 71 20.20 4.58 11.38
N PHE A 72 21.00 3.75 10.71
CA PHE A 72 20.92 3.55 9.27
C PHE A 72 19.89 2.47 8.99
N GLY A 73 18.98 2.72 8.05
CA GLY A 73 17.92 1.73 7.83
C GLY A 73 17.15 1.92 6.55
N SER A 74 16.26 0.95 6.29
CA SER A 74 15.29 0.99 5.18
C SER A 74 15.88 1.16 3.79
N ILE A 75 16.97 0.46 3.49
CA ILE A 75 17.48 0.50 2.13
C ILE A 75 16.58 -0.32 1.22
N ALA A 76 16.28 0.22 0.04
CA ALA A 76 15.38 -0.43 -0.89
C ALA A 76 15.86 -0.16 -2.31
N GLU A 77 15.36 -0.97 -3.24
CA GLU A 77 15.77 -0.89 -4.63
C GLU A 77 14.74 -0.24 -5.55
N THR A 78 13.45 -0.54 -5.38
CA THR A 78 12.44 -0.05 -6.30
C THR A 78 12.33 1.47 -6.24
N THR A 79 12.21 2.01 -5.03
CA THR A 79 12.10 3.45 -4.83
C THR A 79 13.42 4.18 -5.12
N MET A 80 14.57 3.47 -5.03
CA MET A 80 15.94 4.00 -5.21
C MET A 80 16.40 4.96 -4.11
N ASP A 81 16.07 4.67 -2.85
CA ASP A 81 16.48 5.56 -1.77
C ASP A 81 16.59 4.81 -0.45
N TYR A 82 17.27 5.44 0.52
CA TYR A 82 17.44 4.89 1.86
C TYR A 82 17.08 5.94 2.91
N ARG A 83 16.96 5.49 4.15
CA ARG A 83 16.56 6.32 5.29
C ARG A 83 17.68 6.40 6.31
N VAL A 84 17.94 7.59 6.85
CA VAL A 84 19.01 7.74 7.84
C VAL A 84 18.59 8.79 8.87
N ASN A 85 18.93 8.54 10.14
CA ASN A 85 18.69 9.46 11.24
C ASN A 85 20.04 9.94 11.78
N ILE A 86 20.35 11.22 11.56
CA ILE A 86 21.66 11.77 11.89
C ILE A 86 21.58 12.77 13.05
N PHE A 87 22.75 13.14 13.56
CA PHE A 87 22.98 14.22 14.52
C PHE A 87 23.93 15.25 13.89
N LEU A 88 23.39 16.20 13.11
CA LEU A 88 24.22 17.26 12.54
C LEU A 88 24.83 18.16 13.61
N ARG A 89 26.10 18.52 13.43
CA ARG A 89 26.81 19.44 14.33
C ARG A 89 27.71 20.35 13.53
N GLN A 90 27.50 21.67 13.64
CA GLN A 90 28.28 22.66 12.90
C GLN A 90 28.79 23.75 13.84
N GLN A 91 30.06 24.11 13.71
CA GLN A 91 30.69 25.14 14.54
C GLN A 91 31.22 26.28 13.67
N TRP A 92 30.99 27.51 14.14
CA TRP A 92 31.56 28.69 13.49
C TRP A 92 31.89 29.74 14.54
N ASN A 93 32.64 30.75 14.14
CA ASN A 93 33.10 31.79 15.04
C ASN A 93 32.34 33.09 14.77
N ASP A 94 32.11 33.85 15.84
CA ASP A 94 31.50 35.16 15.75
C ASP A 94 32.38 36.17 16.48
N PRO A 95 32.66 37.34 15.89
CA PRO A 95 33.39 38.37 16.64
C PRO A 95 32.57 39.01 17.74
N ARG A 96 31.27 39.15 17.54
CA ARG A 96 30.32 39.48 18.59
C ARG A 96 30.09 38.22 19.42
N LEU A 97 29.23 38.34 20.45
CA LEU A 97 28.91 37.27 21.40
C LEU A 97 30.17 36.80 22.15
N ALA A 98 31.04 37.74 22.46
CA ALA A 98 32.22 37.49 23.28
C ALA A 98 32.03 38.23 24.60
N TYR A 99 31.67 37.49 25.64
CA TYR A 99 31.25 38.13 26.89
C TYR A 99 32.46 38.52 27.74
N SER A 100 33.22 37.51 28.21
CA SER A 100 34.38 37.68 29.10
C SER A 100 34.10 38.44 30.39
N GLU A 101 32.97 38.15 31.04
CA GLU A 101 32.72 38.81 32.33
C GLU A 101 32.36 37.75 33.37
N TYR A 102 31.66 36.68 32.97
CA TYR A 102 31.48 35.57 33.91
C TYR A 102 32.78 34.77 34.03
N PRO A 103 33.03 34.19 35.21
CA PRO A 103 34.30 33.46 35.41
C PRO A 103 34.37 32.09 34.75
N ASP A 104 33.31 31.58 34.15
CA ASP A 104 33.35 30.26 33.56
C ASP A 104 33.66 30.32 32.07
N ASP A 105 33.98 29.16 31.50
CA ASP A 105 34.47 29.08 30.13
C ASP A 105 33.35 29.01 29.09
N SER A 106 32.33 28.18 29.31
CA SER A 106 31.28 27.99 28.34
C SER A 106 29.92 28.09 29.03
N LEU A 107 28.87 28.22 28.22
CA LEU A 107 27.52 28.34 28.73
C LEU A 107 26.59 27.45 27.93
N ASP A 108 25.75 26.69 28.61
CA ASP A 108 24.72 25.89 27.97
C ASP A 108 23.42 26.67 28.03
N LEU A 109 23.05 27.27 26.91
CA LEU A 109 21.88 28.13 26.89
C LEU A 109 20.62 27.31 26.60
N ASP A 110 19.48 27.97 26.75
CA ASP A 110 18.20 27.37 26.44
C ASP A 110 18.08 27.21 24.92
N PRO A 111 17.44 26.14 24.45
CA PRO A 111 17.20 26.03 23.00
C PRO A 111 15.94 26.65 22.42
N SER A 112 15.26 27.53 23.14
CA SER A 112 14.08 28.16 22.57
C SER A 112 14.40 29.54 22.04
N MET A 113 15.60 30.04 22.27
CA MET A 113 16.04 31.33 21.77
C MET A 113 17.05 31.18 20.65
N LEU A 114 16.87 30.16 19.82
CA LEU A 114 17.68 29.95 18.64
C LEU A 114 17.21 30.77 17.45
N ASP A 115 16.21 31.62 17.64
CA ASP A 115 15.74 32.47 16.56
C ASP A 115 16.36 33.84 16.58
N SER A 116 17.17 34.16 17.58
CA SER A 116 17.79 35.46 17.71
C SER A 116 19.29 35.46 17.41
N ILE A 117 19.76 34.52 16.58
CA ILE A 117 21.17 34.44 16.21
C ILE A 117 21.26 34.12 14.73
N TRP A 118 22.48 34.06 14.22
CA TRP A 118 22.74 33.88 12.79
C TRP A 118 23.04 32.41 12.53
N LYS A 119 21.99 31.61 12.39
CA LYS A 119 22.19 30.27 11.89
C LYS A 119 22.50 30.31 10.39
N PRO A 120 23.43 29.49 9.92
CA PRO A 120 23.65 29.39 8.47
C PRO A 120 22.64 28.49 7.80
N ASP A 121 22.40 28.74 6.51
CA ASP A 121 21.52 27.89 5.73
C ASP A 121 22.26 26.65 5.25
N LEU A 122 21.57 25.51 5.25
CA LEU A 122 22.16 24.25 4.83
C LEU A 122 21.04 23.35 4.37
N PHE A 123 21.20 22.75 3.20
CA PHE A 123 20.25 21.77 2.69
C PHE A 123 21.00 20.67 1.98
N PHE A 124 20.29 19.59 1.69
CA PHE A 124 20.84 18.43 1.01
C PHE A 124 20.25 18.35 -0.39
N ALA A 125 21.11 18.09 -1.38
CA ALA A 125 20.63 18.07 -2.78
C ALA A 125 19.63 16.96 -3.03
N ASN A 126 19.92 15.75 -2.56
CA ASN A 126 18.99 14.63 -2.68
C ASN A 126 18.06 14.55 -1.48
N GLU A 127 17.18 15.55 -1.36
CA GLU A 127 16.32 15.72 -0.21
C GLU A 127 14.88 15.26 -0.40
N LYS A 128 14.47 14.27 0.37
CA LYS A 128 13.09 13.80 0.43
C LYS A 128 12.78 13.70 1.92
N GLY A 129 11.51 13.90 2.30
CA GLY A 129 11.18 13.92 3.72
C GLY A 129 11.88 15.06 4.43
N ALA A 130 12.75 14.70 5.39
CA ALA A 130 13.62 15.57 6.21
C ALA A 130 12.94 16.34 7.35
N ASN A 131 11.77 15.91 7.81
CA ASN A 131 11.10 16.56 8.93
C ASN A 131 11.85 16.45 10.27
N PHE A 132 11.78 17.52 11.06
CA PHE A 132 12.39 17.59 12.38
C PHE A 132 11.62 16.78 13.43
N HIS A 133 12.33 16.40 14.50
CA HIS A 133 11.77 15.68 15.64
C HIS A 133 11.50 16.63 16.80
N GLU A 134 10.23 16.84 17.16
CA GLU A 134 9.90 17.78 18.24
C GLU A 134 8.94 17.07 19.21
N VAL A 135 9.50 16.20 20.06
CA VAL A 135 8.75 15.50 21.09
C VAL A 135 8.98 16.17 22.43
N THR A 136 7.92 16.70 23.03
CA THR A 136 7.84 17.41 24.31
C THR A 136 8.53 18.76 24.19
N THR A 137 9.81 18.72 23.84
CA THR A 137 10.66 19.88 23.64
C THR A 137 11.42 19.66 22.33
N ASP A 138 11.74 20.74 21.64
CA ASP A 138 12.48 20.66 20.40
C ASP A 138 13.88 20.08 20.66
N ASN A 139 14.28 19.12 19.83
CA ASN A 139 15.60 18.51 19.97
C ASN A 139 16.62 19.44 19.33
N LYS A 140 17.17 20.31 20.16
CA LYS A 140 18.10 21.36 19.75
C LYS A 140 19.15 21.52 20.85
N LEU A 141 20.30 22.09 20.49
CA LEU A 141 21.36 22.30 21.47
C LEU A 141 22.12 23.57 21.10
N LEU A 142 22.43 24.38 22.12
CA LEU A 142 23.18 25.62 21.96
C LEU A 142 24.30 25.68 23.00
N ARG A 143 25.50 26.04 22.56
CA ARG A 143 26.62 26.31 23.43
C ARG A 143 27.39 27.50 22.89
N ILE A 144 28.10 28.20 23.77
CA ILE A 144 28.79 29.45 23.42
C ILE A 144 30.02 29.55 24.32
N SER A 145 31.18 29.81 23.72
CA SER A 145 32.42 29.93 24.46
C SER A 145 32.77 31.40 24.67
N LYS A 146 33.90 31.63 25.35
CA LYS A 146 34.29 32.98 25.70
C LYS A 146 34.77 33.76 24.48
N ASN A 147 35.45 33.10 23.56
CA ASN A 147 35.94 33.78 22.36
C ASN A 147 34.84 34.03 21.35
N GLY A 148 33.79 33.21 21.33
CA GLY A 148 32.73 33.36 20.36
C GLY A 148 32.41 32.14 19.52
N ASN A 149 33.05 31.02 19.83
CA ASN A 149 32.80 29.77 19.13
C ASN A 149 31.50 29.15 19.58
N VAL A 150 30.58 28.92 18.64
CA VAL A 150 29.27 28.38 18.96
C VAL A 150 29.23 26.90 18.59
N LEU A 151 28.21 26.19 19.10
CA LEU A 151 28.02 24.77 18.80
C LEU A 151 26.53 24.52 18.63
N TYR A 152 26.13 24.14 17.42
CA TYR A 152 24.74 23.91 17.04
C TYR A 152 24.51 22.44 16.70
N SER A 153 23.58 21.79 17.39
CA SER A 153 23.28 20.37 17.17
C SER A 153 21.79 20.16 16.89
N ILE A 154 21.48 19.44 15.79
CA ILE A 154 20.13 19.23 15.31
C ILE A 154 19.94 17.76 14.99
N ARG A 155 18.82 17.17 15.45
CA ARG A 155 18.42 15.81 15.09
C ARG A 155 17.40 15.85 13.94
N ILE A 156 17.70 15.14 12.84
CA ILE A 156 16.87 15.12 11.63
C ILE A 156 16.93 13.73 10.98
N THR A 157 15.76 13.23 10.57
CA THR A 157 15.66 12.01 9.77
C THR A 157 15.57 12.31 8.27
N LEU A 158 16.51 11.79 7.49
CA LEU A 158 16.65 12.08 6.06
C LEU A 158 16.29 10.89 5.20
N VAL A 159 15.40 11.09 4.23
CA VAL A 159 15.24 10.16 3.10
C VAL A 159 16.11 10.66 1.95
N LEU A 160 17.14 9.89 1.59
CA LEU A 160 18.13 10.30 0.61
C LEU A 160 18.15 9.35 -0.57
N ALA A 161 18.22 9.90 -1.79
CA ALA A 161 18.17 9.10 -3.01
C ALA A 161 19.55 8.60 -3.40
N CYS A 162 19.69 7.28 -3.56
CA CYS A 162 20.92 6.63 -3.99
C CYS A 162 20.70 5.97 -5.34
N PRO A 163 21.36 6.40 -6.41
CA PRO A 163 21.20 5.79 -7.75
C PRO A 163 22.08 4.56 -7.96
N MET A 164 21.68 3.46 -7.35
CA MET A 164 22.44 2.22 -7.39
C MET A 164 22.46 1.57 -8.78
N ASP A 165 23.60 0.97 -9.13
CA ASP A 165 23.79 0.26 -10.38
C ASP A 165 23.78 -1.24 -10.11
N LEU A 166 22.78 -1.93 -10.67
CA LEU A 166 22.61 -3.37 -10.47
C LEU A 166 23.21 -4.17 -11.61
N LYS A 167 24.46 -3.92 -11.99
CA LYS A 167 25.10 -4.73 -13.03
C LYS A 167 25.30 -6.17 -12.57
N ASN A 168 25.65 -6.37 -11.31
CA ASN A 168 25.84 -7.69 -10.71
C ASN A 168 24.88 -7.74 -9.53
N PHE A 169 23.72 -8.39 -9.69
CA PHE A 169 22.69 -8.27 -8.65
C PHE A 169 22.98 -9.01 -7.35
N PRO A 170 23.29 -10.32 -7.33
CA PRO A 170 23.49 -10.94 -6.00
C PRO A 170 24.76 -10.47 -5.30
N MET A 171 25.84 -10.22 -6.04
CA MET A 171 27.10 -9.80 -5.44
C MET A 171 27.37 -8.39 -5.91
N ASP A 172 27.38 -7.42 -5.00
CA ASP A 172 27.58 -6.04 -5.43
C ASP A 172 28.02 -5.17 -4.26
N VAL A 173 28.64 -4.06 -4.61
CA VAL A 173 28.97 -2.99 -3.67
C VAL A 173 28.30 -1.71 -4.16
N GLN A 174 27.59 -1.05 -3.26
CA GLN A 174 26.83 0.14 -3.59
C GLN A 174 27.41 1.34 -2.87
N THR A 175 27.56 2.44 -3.59
CA THR A 175 28.06 3.69 -3.01
C THR A 175 26.91 4.69 -2.96
N CYS A 176 26.63 5.20 -1.77
CA CYS A 176 25.55 6.14 -1.55
C CYS A 176 26.08 7.48 -1.05
N ILE A 177 25.50 8.55 -1.59
CA ILE A 177 26.06 9.90 -1.54
C ILE A 177 25.24 10.78 -0.60
N MET A 178 25.91 11.50 0.29
CA MET A 178 25.30 12.57 1.09
C MET A 178 25.97 13.90 0.75
N GLN A 179 25.18 14.91 0.38
CA GLN A 179 25.72 16.22 -0.01
C GLN A 179 25.16 17.33 0.87
N LEU A 180 26.04 18.19 1.39
CA LEU A 180 25.68 19.37 2.17
C LEU A 180 26.13 20.63 1.47
N GLU A 181 25.19 21.54 1.15
CA GLU A 181 25.57 22.73 0.40
C GLU A 181 24.72 23.92 0.78
N SER A 182 25.24 25.12 0.48
CA SER A 182 24.61 26.39 0.80
C SER A 182 23.70 26.87 -0.33
N PHE A 183 22.41 27.04 -0.02
CA PHE A 183 21.44 27.48 -1.02
C PHE A 183 21.63 28.94 -1.43
N GLY A 184 21.76 29.84 -0.46
CA GLY A 184 21.71 31.25 -0.78
C GLY A 184 22.97 32.09 -0.79
N TYR A 185 24.13 31.56 -0.42
CA TYR A 185 25.33 32.37 -0.37
C TYR A 185 26.34 31.85 -1.38
N THR A 186 27.20 32.74 -1.88
CA THR A 186 28.18 32.36 -2.89
C THR A 186 29.46 31.94 -2.19
N MET A 187 30.55 31.75 -2.95
CA MET A 187 31.82 31.32 -2.38
C MET A 187 32.44 32.36 -1.49
N ASN A 188 32.23 33.64 -1.79
CA ASN A 188 32.77 34.75 -1.00
C ASN A 188 32.29 34.75 0.47
N ASP A 189 31.34 33.89 0.84
CA ASP A 189 30.80 33.77 2.18
C ASP A 189 30.59 32.28 2.44
N LEU A 190 30.46 31.93 3.73
CA LEU A 190 30.08 30.60 4.22
C LEU A 190 30.78 29.41 3.53
N ILE A 191 32.11 29.40 3.54
CA ILE A 191 32.81 28.22 3.04
C ILE A 191 32.69 27.06 4.03
N PHE A 192 32.22 25.90 3.54
CA PHE A 192 32.04 24.70 4.36
C PHE A 192 33.29 23.83 4.36
N GLU A 193 33.80 23.53 5.55
CA GLU A 193 34.95 22.65 5.73
C GLU A 193 34.58 21.42 6.54
N TRP A 194 35.30 20.33 6.31
CA TRP A 194 35.13 19.13 7.13
C TRP A 194 35.96 19.27 8.41
N ASP A 195 35.81 18.30 9.30
CA ASP A 195 36.57 18.24 10.54
C ASP A 195 37.66 17.19 10.42
N GLU A 196 38.89 17.57 10.85
CA GLU A 196 40.04 16.67 10.70
C GLU A 196 39.90 15.41 11.53
N LYS A 197 39.37 15.50 12.74
CA LYS A 197 39.28 14.34 13.62
C LYS A 197 37.81 14.02 13.89
N GLY A 198 37.46 12.74 13.76
CA GLY A 198 36.11 12.25 14.02
C GLY A 198 35.03 12.89 13.16
N ALA A 199 35.27 12.99 11.85
CA ALA A 199 34.29 13.62 10.96
C ALA A 199 32.99 12.83 10.87
N VAL A 200 33.06 11.50 10.81
CA VAL A 200 31.88 10.66 10.72
C VAL A 200 31.96 9.61 11.82
N GLN A 201 30.95 9.55 12.66
CA GLN A 201 30.87 8.58 13.74
C GLN A 201 29.63 7.72 13.57
N VAL A 202 29.67 6.51 14.12
CA VAL A 202 28.56 5.58 14.06
C VAL A 202 28.27 5.09 15.47
N ALA A 203 26.99 4.90 15.79
CA ALA A 203 26.59 4.39 17.09
C ALA A 203 27.05 2.96 17.26
N ASP A 204 27.46 2.62 18.48
CA ASP A 204 27.96 1.29 18.79
C ASP A 204 26.86 0.24 18.67
N GLY A 205 27.24 -0.93 18.17
CA GLY A 205 26.30 -2.02 17.96
C GLY A 205 25.19 -1.73 16.98
N LEU A 206 25.51 -1.12 15.85
CA LEU A 206 24.54 -0.85 14.81
C LEU A 206 24.73 -1.83 13.69
N THR A 207 23.67 -2.53 13.32
CA THR A 207 23.71 -3.57 12.31
C THR A 207 22.58 -3.37 11.31
N LEU A 208 22.79 -3.90 10.12
CA LEU A 208 21.82 -3.90 9.05
C LEU A 208 21.49 -5.34 8.72
N PRO A 209 20.21 -5.68 8.53
CA PRO A 209 19.86 -7.07 8.22
C PRO A 209 20.39 -7.56 6.88
N GLN A 210 20.35 -6.73 5.84
CA GLN A 210 20.71 -7.13 4.49
C GLN A 210 22.14 -6.79 4.11
N PHE A 211 22.69 -5.65 4.52
CA PHE A 211 23.99 -5.16 4.08
C PHE A 211 25.00 -5.12 5.23
N ILE A 212 26.29 -5.13 4.89
CA ILE A 212 27.37 -4.88 5.83
C ILE A 212 28.04 -3.55 5.50
N LEU A 213 28.04 -2.63 6.46
CA LEU A 213 28.72 -1.35 6.30
C LEU A 213 30.24 -1.49 6.45
N LYS A 214 30.99 -0.77 5.60
CA LYS A 214 32.45 -0.76 5.63
C LYS A 214 32.99 0.45 6.33
N GLU A 215 34.00 0.24 7.18
CA GLU A 215 34.60 1.32 7.95
C GLU A 215 35.72 1.98 7.11
N GLU A 216 35.31 2.67 6.04
CA GLU A 216 36.24 3.48 5.26
C GLU A 216 35.85 4.95 5.23
N LYS A 217 34.64 5.28 4.73
CA LYS A 217 34.05 6.62 4.79
C LYS A 217 34.92 7.72 4.20
N ASP A 218 35.33 7.55 2.94
CA ASP A 218 36.13 8.55 2.24
C ASP A 218 35.35 9.85 2.02
N LEU A 219 36.00 10.97 2.32
CA LEU A 219 35.40 12.30 2.29
C LEU A 219 36.10 13.19 1.26
N ARG A 220 35.33 13.74 0.34
CA ARG A 220 35.85 14.74 -0.59
C ARG A 220 34.76 15.76 -0.88
N TYR A 221 35.17 16.93 -1.35
CA TYR A 221 34.23 18.01 -1.63
C TYR A 221 34.24 18.44 -3.09
N CYS A 222 33.04 18.63 -3.64
CA CYS A 222 32.86 19.06 -5.03
C CYS A 222 32.01 20.34 -5.07
N THR A 223 32.56 21.39 -5.67
CA THR A 223 31.87 22.67 -5.77
C THR A 223 30.74 22.57 -6.81
N LYS A 224 29.75 23.45 -6.70
CA LYS A 224 28.59 23.49 -7.59
C LYS A 224 28.61 24.80 -8.37
N HIS A 225 28.42 24.72 -9.69
CA HIS A 225 28.37 25.89 -10.55
C HIS A 225 26.97 26.07 -11.11
N TYR A 226 26.45 27.29 -11.02
CA TYR A 226 25.13 27.64 -11.55
C TYR A 226 25.26 28.95 -12.29
N ASN A 227 24.23 29.30 -13.05
CA ASN A 227 24.19 30.60 -13.72
C ASN A 227 24.16 31.75 -12.73
N THR A 228 23.45 31.58 -11.60
CA THR A 228 23.44 32.60 -10.56
C THR A 228 24.81 32.78 -9.92
N GLY A 229 25.54 31.69 -9.67
CA GLY A 229 26.86 31.79 -9.09
C GLY A 229 27.42 30.43 -8.78
N LYS A 230 28.56 30.43 -8.10
CA LYS A 230 29.24 29.20 -7.70
C LYS A 230 29.13 29.02 -6.19
N PHE A 231 28.64 27.85 -5.77
CA PHE A 231 28.24 27.56 -4.39
C PHE A 231 29.02 26.38 -3.81
N THR A 232 29.41 26.50 -2.55
CA THR A 232 30.20 25.48 -1.87
C THR A 232 29.37 24.23 -1.57
N CYS A 233 30.04 23.07 -1.56
CA CYS A 233 29.41 21.81 -1.19
C CYS A 233 30.46 20.84 -0.66
N ILE A 234 30.03 19.91 0.18
CA ILE A 234 30.87 18.83 0.70
C ILE A 234 30.10 17.52 0.63
N GLU A 235 30.82 16.42 0.44
CA GLU A 235 30.23 15.12 0.14
C GLU A 235 30.81 14.04 1.05
N ALA A 236 29.96 13.07 1.45
CA ALA A 236 30.37 11.92 2.23
C ALA A 236 29.88 10.63 1.59
N ARG A 237 30.74 9.61 1.51
CA ARG A 237 30.44 8.37 0.81
C ARG A 237 30.48 7.16 1.74
N PHE A 238 29.49 6.28 1.60
CA PHE A 238 29.40 5.05 2.38
C PHE A 238 29.42 3.85 1.44
N HIS A 239 30.14 2.80 1.82
CA HIS A 239 30.25 1.59 1.02
C HIS A 239 29.45 0.46 1.67
N LEU A 240 28.64 -0.23 0.88
CA LEU A 240 27.77 -1.29 1.39
C LEU A 240 28.01 -2.62 0.65
N GLU A 241 28.09 -3.72 1.39
CA GLU A 241 28.23 -5.06 0.83
C GLU A 241 26.99 -5.89 1.12
N ARG A 242 26.39 -6.43 0.08
CA ARG A 242 25.20 -7.26 0.23
C ARG A 242 25.57 -8.66 0.71
N GLN A 243 24.73 -9.23 1.56
CA GLN A 243 24.90 -10.58 2.07
C GLN A 243 24.36 -11.61 1.09
N MET A 244 25.18 -12.61 0.81
CA MET A 244 24.91 -13.67 -0.13
C MET A 244 24.08 -14.81 0.48
N GLY A 245 23.88 -14.80 1.80
CA GLY A 245 23.26 -15.92 2.50
C GLY A 245 21.83 -16.19 2.11
N TYR A 246 21.02 -15.14 2.03
CA TYR A 246 19.59 -15.28 1.79
C TYR A 246 19.30 -15.70 0.36
N TYR A 247 20.02 -15.08 -0.58
CA TYR A 247 19.78 -15.30 -1.99
C TYR A 247 20.07 -16.74 -2.38
N LEU A 248 21.07 -17.37 -1.75
CA LEU A 248 21.41 -18.75 -2.07
C LEU A 248 20.26 -19.69 -1.75
N ILE A 249 19.70 -19.55 -0.55
CA ILE A 249 18.64 -20.43 -0.11
C ILE A 249 17.35 -20.21 -0.89
N GLN A 250 16.96 -18.96 -1.14
CA GLN A 250 15.74 -18.78 -1.95
C GLN A 250 15.91 -19.15 -3.43
N MET A 251 17.04 -18.85 -4.05
CA MET A 251 17.05 -19.09 -5.49
C MET A 251 18.06 -20.11 -5.98
N TYR A 252 19.29 -20.08 -5.49
CA TYR A 252 20.33 -20.96 -6.04
C TYR A 252 20.05 -22.43 -5.75
N ILE A 253 19.70 -22.76 -4.51
CA ILE A 253 19.43 -24.15 -4.12
C ILE A 253 18.16 -24.74 -4.75
N PRO A 254 16.97 -24.10 -4.77
CA PRO A 254 15.83 -24.77 -5.41
C PRO A 254 15.98 -24.94 -6.91
N SER A 255 16.56 -23.97 -7.61
CA SER A 255 16.75 -24.13 -9.05
C SER A 255 17.66 -25.32 -9.32
N LEU A 256 18.76 -25.41 -8.56
CA LEU A 256 19.65 -26.56 -8.65
C LEU A 256 18.94 -27.86 -8.24
N LEU A 257 17.89 -27.75 -7.42
CA LEU A 257 17.09 -28.94 -7.08
C LEU A 257 16.27 -29.37 -8.27
N ILE A 258 15.64 -28.42 -8.97
CA ILE A 258 14.81 -28.73 -10.13
C ILE A 258 15.69 -29.41 -11.17
N VAL A 259 16.92 -28.89 -11.32
CA VAL A 259 17.90 -29.44 -12.24
C VAL A 259 18.25 -30.87 -11.81
N ILE A 260 18.39 -31.11 -10.50
CA ILE A 260 18.72 -32.44 -9.97
C ILE A 260 17.55 -33.39 -10.24
N LEU A 261 16.33 -32.89 -10.10
CA LEU A 261 15.11 -33.62 -10.39
C LEU A 261 14.99 -33.94 -11.87
N SER A 262 15.70 -33.25 -12.75
CA SER A 262 15.82 -33.75 -14.12
C SER A 262 17.08 -34.57 -14.45
N TRP A 263 18.15 -34.55 -13.65
CA TRP A 263 19.38 -35.21 -14.09
C TRP A 263 19.29 -36.72 -14.21
N VAL A 264 18.72 -37.40 -13.23
CA VAL A 264 18.73 -38.86 -13.22
C VAL A 264 17.38 -39.41 -12.75
N SER A 265 16.36 -38.57 -12.81
CA SER A 265 15.01 -39.10 -12.59
C SER A 265 14.32 -39.68 -13.81
N PHE A 266 14.41 -39.10 -15.01
CA PHE A 266 13.69 -39.76 -16.10
C PHE A 266 14.57 -40.57 -17.04
N TRP A 267 15.88 -40.29 -17.10
CA TRP A 267 16.81 -41.09 -17.89
C TRP A 267 16.79 -42.56 -17.48
N ILE A 268 16.65 -42.83 -16.20
CA ILE A 268 16.53 -44.21 -15.71
C ILE A 268 15.26 -44.86 -16.22
N ASN A 269 14.17 -44.11 -16.31
CA ASN A 269 12.86 -44.64 -16.69
C ASN A 269 12.84 -45.18 -18.12
N MET A 270 11.91 -46.12 -18.32
CA MET A 270 11.72 -46.85 -19.57
C MET A 270 11.40 -45.90 -20.72
N ASP A 271 11.94 -46.23 -21.90
CA ASP A 271 11.79 -45.38 -23.08
C ASP A 271 10.34 -45.19 -23.50
N ALA A 272 9.53 -46.25 -23.43
CA ALA A 272 8.11 -46.11 -23.78
C ALA A 272 7.31 -45.62 -22.58
N ALA A 273 7.54 -44.37 -22.16
CA ALA A 273 6.74 -43.84 -21.07
C ALA A 273 6.13 -42.46 -21.33
N PRO A 274 4.81 -42.33 -21.20
CA PRO A 274 4.17 -41.00 -21.30
C PRO A 274 4.58 -40.08 -20.18
N ALA A 275 4.72 -40.67 -18.99
CA ALA A 275 5.08 -39.94 -17.79
C ALA A 275 6.44 -39.28 -17.89
N ARG A 276 7.39 -39.89 -18.59
CA ARG A 276 8.73 -39.30 -18.65
C ARG A 276 8.69 -37.91 -19.27
N VAL A 277 7.89 -37.77 -20.34
CA VAL A 277 7.76 -36.47 -20.99
C VAL A 277 6.93 -35.55 -20.11
N GLY A 278 5.93 -36.12 -19.40
CA GLY A 278 5.15 -35.31 -18.46
C GLY A 278 6.03 -34.70 -17.38
N LEU A 279 6.92 -35.53 -16.82
CA LEU A 279 7.87 -35.12 -15.80
C LEU A 279 8.67 -33.93 -16.31
N GLY A 280 9.16 -34.06 -17.55
CA GLY A 280 10.07 -33.06 -18.08
C GLY A 280 9.35 -31.76 -18.34
N ILE A 281 8.12 -31.85 -18.88
CA ILE A 281 7.35 -30.65 -19.23
C ILE A 281 7.04 -29.88 -17.95
N THR A 282 6.61 -30.59 -16.89
CA THR A 282 6.27 -29.95 -15.62
C THR A 282 7.48 -29.26 -15.01
N THR A 283 8.66 -29.91 -15.07
CA THR A 283 9.88 -29.28 -14.55
C THR A 283 10.21 -27.98 -15.29
N VAL A 284 10.04 -27.98 -16.62
CA VAL A 284 10.33 -26.78 -17.42
C VAL A 284 9.37 -25.66 -17.01
N LEU A 285 8.10 -26.03 -16.85
CA LEU A 285 7.05 -25.09 -16.50
C LEU A 285 7.27 -24.43 -15.16
N THR A 286 7.40 -25.23 -14.11
CA THR A 286 7.65 -24.62 -12.80
C THR A 286 8.96 -23.85 -12.69
N MET A 287 10.04 -24.28 -13.36
CA MET A 287 11.26 -23.48 -13.25
C MET A 287 11.08 -22.12 -13.93
N THR A 288 10.43 -22.06 -15.09
CA THR A 288 10.19 -20.74 -15.71
C THR A 288 9.27 -19.89 -14.84
N THR A 289 8.31 -20.50 -14.14
CA THR A 289 7.46 -19.73 -13.23
C THR A 289 8.30 -19.17 -12.07
N GLN A 290 9.29 -19.93 -11.60
CA GLN A 290 10.23 -19.42 -10.58
C GLN A 290 11.07 -18.28 -11.13
N SER A 291 11.50 -18.38 -12.39
CA SER A 291 12.27 -17.32 -13.03
C SER A 291 11.48 -16.03 -13.09
N SER A 292 10.19 -16.12 -13.42
CA SER A 292 9.31 -14.96 -13.37
C SER A 292 9.17 -14.44 -11.94
N GLY A 293 9.09 -15.35 -10.98
CA GLY A 293 8.98 -14.99 -9.57
C GLY A 293 10.16 -14.22 -9.01
N SER A 294 11.37 -14.52 -9.48
CA SER A 294 12.60 -13.90 -8.98
C SER A 294 12.62 -12.38 -9.20
N ARG A 295 12.18 -11.90 -10.36
CA ARG A 295 12.16 -10.46 -10.67
C ARG A 295 10.88 -9.79 -10.20
N ALA A 296 10.74 -9.67 -8.88
CA ALA A 296 9.56 -9.03 -8.33
C ALA A 296 9.90 -7.72 -7.63
N SER A 297 10.81 -7.74 -6.65
CA SER A 297 11.21 -6.52 -5.97
C SER A 297 11.97 -5.56 -6.88
N LEU A 298 12.73 -6.09 -7.83
CA LEU A 298 13.65 -5.33 -8.66
C LEU A 298 12.98 -4.28 -9.53
N PRO A 299 13.55 -3.08 -9.62
CA PRO A 299 13.03 -2.07 -10.55
C PRO A 299 13.35 -2.48 -11.98
N LYS A 300 12.52 -2.02 -12.91
CA LYS A 300 12.71 -2.34 -14.32
C LYS A 300 13.99 -1.70 -14.85
N VAL A 301 14.84 -2.49 -15.50
CA VAL A 301 16.10 -2.02 -16.07
C VAL A 301 16.33 -2.72 -17.41
N SER A 302 17.00 -2.01 -18.32
CA SER A 302 17.29 -2.55 -19.65
C SER A 302 18.35 -3.65 -19.62
N TYR A 303 19.43 -3.43 -18.90
CA TYR A 303 20.57 -4.35 -18.89
C TYR A 303 20.28 -5.63 -18.13
N VAL A 304 21.12 -6.65 -18.40
CA VAL A 304 20.94 -8.01 -17.88
C VAL A 304 21.83 -8.25 -16.66
N LYS A 305 21.20 -8.68 -15.56
CA LYS A 305 21.83 -9.04 -14.30
C LYS A 305 22.39 -10.46 -14.33
N ALA A 306 23.28 -10.76 -13.37
CA ALA A 306 23.91 -12.08 -13.26
C ALA A 306 22.92 -13.21 -12.98
N ILE A 307 21.93 -12.94 -12.11
CA ILE A 307 20.91 -13.91 -11.76
C ILE A 307 20.10 -14.33 -12.98
N ASP A 308 19.88 -13.40 -13.91
CA ASP A 308 19.23 -13.70 -15.18
C ASP A 308 20.04 -14.68 -16.01
N ILE A 309 21.38 -14.52 -16.00
CA ILE A 309 22.26 -15.43 -16.74
C ILE A 309 22.14 -16.85 -16.18
N TRP A 310 22.14 -16.97 -14.86
CA TRP A 310 22.06 -18.28 -14.22
C TRP A 310 20.72 -18.97 -14.52
N MET A 311 19.62 -18.20 -14.41
CA MET A 311 18.29 -18.77 -14.69
C MET A 311 18.14 -19.17 -16.15
N ALA A 312 18.69 -18.37 -17.06
CA ALA A 312 18.66 -18.69 -18.49
C ALA A 312 19.40 -19.98 -18.81
N VAL A 313 20.58 -20.16 -18.21
CA VAL A 313 21.35 -21.38 -18.44
C VAL A 313 20.65 -22.63 -17.91
N CYS A 314 20.06 -22.53 -16.71
CA CYS A 314 19.31 -23.66 -16.15
C CYS A 314 18.11 -24.02 -17.03
N LEU A 315 17.41 -23.00 -17.53
CA LEU A 315 16.29 -23.21 -18.45
C LEU A 315 16.75 -23.89 -19.73
N LEU A 316 17.94 -23.53 -20.21
CA LEU A 316 18.50 -24.18 -21.39
C LEU A 316 18.75 -25.68 -21.18
N PHE A 317 19.28 -26.06 -20.00
CA PHE A 317 19.48 -27.49 -19.73
C PHE A 317 18.16 -28.26 -19.66
N VAL A 318 17.18 -27.75 -18.93
CA VAL A 318 15.93 -28.50 -18.80
C VAL A 318 15.18 -28.59 -20.14
N PHE A 319 15.26 -27.56 -20.99
CA PHE A 319 14.68 -27.62 -22.33
C PHE A 319 15.41 -28.65 -23.20
N SER A 320 16.74 -28.75 -23.02
CA SER A 320 17.50 -29.75 -23.77
C SER A 320 17.10 -31.16 -23.39
N ALA A 321 16.72 -31.37 -22.12
CA ALA A 321 16.28 -32.69 -21.68
C ALA A 321 15.11 -33.22 -22.54
N LEU A 322 14.11 -32.36 -22.80
CA LEU A 322 12.99 -32.75 -23.66
C LEU A 322 13.46 -32.98 -25.06
N LEU A 323 14.39 -32.12 -25.52
CA LEU A 323 14.96 -32.24 -26.87
C LEU A 323 15.46 -33.67 -27.08
N GLU A 324 16.39 -34.10 -26.22
CA GLU A 324 16.93 -35.46 -26.24
C GLU A 324 15.83 -36.53 -26.24
N TYR A 325 14.77 -36.34 -25.44
CA TYR A 325 13.64 -37.28 -25.51
C TYR A 325 13.00 -37.36 -26.89
N ALA A 326 12.70 -36.20 -27.48
CA ALA A 326 12.19 -36.17 -28.86
C ALA A 326 13.09 -36.93 -29.82
N ALA A 327 14.40 -36.78 -29.67
CA ALA A 327 15.35 -37.50 -30.51
C ALA A 327 15.24 -39.02 -30.37
N VAL A 328 15.29 -39.52 -29.13
CA VAL A 328 15.21 -40.97 -28.93
C VAL A 328 13.84 -41.53 -29.34
N ASN A 329 12.78 -40.77 -29.12
CA ASN A 329 11.45 -41.20 -29.56
C ASN A 329 11.35 -41.31 -31.07
N PHE A 330 11.95 -40.35 -31.80
CA PHE A 330 11.94 -40.41 -33.26
C PHE A 330 12.75 -41.59 -33.80
N ILE A 331 13.89 -41.87 -33.18
CA ILE A 331 14.68 -43.02 -33.58
C ILE A 331 13.94 -44.33 -33.30
N ALA A 332 13.31 -44.43 -32.13
CA ALA A 332 12.50 -45.60 -31.79
C ALA A 332 11.29 -45.76 -32.72
N ARG A 333 10.68 -44.64 -33.13
CA ARG A 333 9.57 -44.72 -34.09
C ARG A 333 10.03 -45.30 -35.42
N GLN A 334 11.21 -44.89 -35.92
CA GLN A 334 11.74 -45.51 -37.13
C GLN A 334 11.97 -47.00 -36.93
N HIS A 335 12.47 -47.37 -35.75
CA HIS A 335 12.71 -48.78 -35.43
C HIS A 335 11.42 -49.59 -35.47
N LYS A 336 10.36 -49.06 -34.86
CA LYS A 336 9.05 -49.73 -34.86
C LYS A 336 8.43 -49.77 -36.25
N GLU A 337 8.58 -48.69 -37.02
CA GLU A 337 8.00 -48.59 -38.36
C GLU A 337 8.61 -49.63 -39.29
N LEU A 338 9.95 -49.74 -39.30
CA LEU A 338 10.55 -50.79 -40.12
C LEU A 338 10.31 -52.16 -39.52
N LEU A 339 10.20 -52.26 -38.18
CA LEU A 339 10.01 -53.54 -37.51
C LEU A 339 8.71 -54.23 -37.92
N ARG A 340 7.64 -53.45 -38.07
CA ARG A 340 6.33 -53.99 -38.48
C ARG A 340 6.37 -54.56 -39.90
N THR A 395 17.65 -59.01 -42.47
CA THR A 395 18.19 -57.66 -42.62
C THR A 395 17.45 -56.66 -41.74
N VAL A 396 16.12 -56.82 -41.63
CA VAL A 396 15.33 -55.94 -40.79
C VAL A 396 15.73 -56.04 -39.32
N GLU A 397 15.98 -57.26 -38.84
CA GLU A 397 16.41 -57.46 -37.45
C GLU A 397 17.76 -56.79 -37.21
N GLU A 398 18.67 -56.93 -38.19
CA GLU A 398 19.99 -56.30 -38.09
C GLU A 398 19.85 -54.78 -38.05
N MET A 399 18.89 -54.23 -38.79
CA MET A 399 18.63 -52.80 -38.75
C MET A 399 17.91 -52.42 -37.46
N ARG A 400 17.07 -53.33 -36.97
CA ARG A 400 16.39 -53.16 -35.68
C ARG A 400 17.41 -53.12 -34.55
N LYS A 401 18.40 -54.02 -34.62
CA LYS A 401 19.47 -54.02 -33.63
C LYS A 401 20.26 -52.72 -33.74
N LEU A 402 20.50 -52.25 -34.96
CA LEU A 402 21.29 -51.05 -35.15
C LEU A 402 20.61 -49.87 -34.46
N PHE A 403 19.29 -49.78 -34.65
CA PHE A 403 18.51 -48.66 -34.14
C PHE A 403 18.44 -48.67 -32.61
N ILE A 404 18.22 -49.86 -32.02
CA ILE A 404 18.22 -49.92 -30.55
C ILE A 404 19.61 -49.62 -30.02
N SER A 405 20.67 -50.10 -30.71
CA SER A 405 22.02 -49.83 -30.24
C SER A 405 22.23 -48.32 -30.24
N ARG A 406 21.71 -47.62 -31.28
CA ARG A 406 21.85 -46.17 -31.36
C ARG A 406 21.20 -45.55 -30.14
N ALA A 407 20.04 -46.11 -29.75
CA ALA A 407 19.27 -45.57 -28.63
C ALA A 407 20.10 -45.66 -27.37
N LYS A 408 20.72 -46.83 -27.16
CA LYS A 408 21.48 -47.07 -25.94
C LYS A 408 22.68 -46.14 -25.90
N ARG A 409 23.36 -45.95 -27.08
CA ARG A 409 24.57 -45.12 -27.08
C ARG A 409 24.20 -43.71 -26.68
N ILE A 410 23.08 -43.21 -27.24
CA ILE A 410 22.68 -41.82 -27.03
C ILE A 410 22.37 -41.61 -25.56
N ASP A 411 21.60 -42.53 -24.97
CA ASP A 411 21.18 -42.33 -23.59
C ASP A 411 22.38 -42.43 -22.64
N THR A 412 23.25 -43.44 -22.81
CA THR A 412 24.35 -43.60 -21.84
C THR A 412 25.32 -42.43 -21.97
N VAL A 413 25.56 -42.03 -23.23
CA VAL A 413 26.52 -40.97 -23.54
C VAL A 413 26.04 -39.72 -22.86
N SER A 414 24.72 -39.47 -22.92
CA SER A 414 24.16 -38.30 -22.29
C SER A 414 24.33 -38.39 -20.77
N ARG A 415 24.09 -39.59 -20.21
CA ARG A 415 24.10 -39.80 -18.75
C ARG A 415 25.45 -39.47 -18.15
N VAL A 416 26.49 -39.52 -18.96
CA VAL A 416 27.80 -39.08 -18.47
C VAL A 416 28.24 -37.75 -19.12
N ALA A 417 27.66 -37.36 -20.27
CA ALA A 417 28.09 -36.14 -20.94
C ALA A 417 27.64 -34.90 -20.18
N PHE A 418 26.38 -34.86 -19.76
CA PHE A 418 25.84 -33.65 -19.13
C PHE A 418 26.52 -33.19 -17.84
N PRO A 419 26.91 -34.05 -16.86
CA PRO A 419 27.46 -33.52 -15.59
C PRO A 419 28.66 -32.61 -15.74
N LEU A 420 29.61 -32.99 -16.61
CA LEU A 420 30.83 -32.21 -16.72
C LEU A 420 30.54 -30.79 -17.20
N VAL A 421 29.64 -30.62 -18.18
CA VAL A 421 29.46 -29.27 -18.73
C VAL A 421 28.89 -28.36 -17.65
N PHE A 422 28.08 -28.92 -16.76
CA PHE A 422 27.49 -28.18 -15.66
C PHE A 422 28.58 -27.75 -14.70
N LEU A 423 29.48 -28.70 -14.42
CA LEU A 423 30.61 -28.49 -13.53
C LEU A 423 31.53 -27.40 -14.05
N ILE A 424 31.83 -27.44 -15.36
CA ILE A 424 32.73 -26.47 -16.00
C ILE A 424 32.07 -25.10 -15.92
N PHE A 425 30.74 -25.07 -16.02
CA PHE A 425 29.98 -23.83 -16.05
C PHE A 425 30.09 -23.19 -14.67
N ASN A 426 29.64 -23.93 -13.64
CA ASN A 426 29.61 -23.40 -12.29
C ASN A 426 30.98 -22.92 -11.84
N ILE A 427 32.05 -23.68 -12.15
CA ILE A 427 33.38 -23.23 -11.74
C ILE A 427 33.77 -21.95 -12.45
N PHE A 428 33.43 -21.83 -13.75
CA PHE A 428 33.74 -20.63 -14.52
C PHE A 428 32.99 -19.40 -13.99
N TYR A 429 31.69 -19.56 -13.75
CA TYR A 429 30.83 -18.49 -13.29
C TYR A 429 31.25 -17.99 -11.91
N TRP A 430 31.48 -18.92 -10.98
CA TRP A 430 31.82 -18.53 -9.62
C TRP A 430 33.19 -17.86 -9.57
N ILE A 431 34.19 -18.39 -10.30
CA ILE A 431 35.51 -17.79 -10.25
C ILE A 431 35.50 -16.40 -10.91
N THR A 432 34.76 -16.22 -12.01
CA THR A 432 34.73 -14.90 -12.63
C THR A 432 34.02 -13.87 -11.76
N TYR A 433 32.96 -14.26 -11.04
CA TYR A 433 32.32 -13.27 -10.18
C TYR A 433 33.16 -12.94 -8.95
N LYS A 434 33.87 -13.93 -8.38
CA LYS A 434 34.77 -13.63 -7.26
C LYS A 434 35.93 -12.73 -7.70
N ILE A 435 36.46 -12.94 -8.90
CA ILE A 435 37.60 -12.11 -9.28
C ILE A 435 37.13 -10.72 -9.68
N ILE A 436 35.94 -10.57 -10.28
CA ILE A 436 35.49 -9.22 -10.61
C ILE A 436 35.20 -8.42 -9.33
N ARG A 437 34.62 -9.04 -8.26
CA ARG A 437 34.45 -8.24 -7.04
C ARG A 437 35.81 -7.87 -6.44
N SER A 438 36.78 -8.80 -6.50
CA SER A 438 38.12 -8.54 -5.99
C SER A 438 38.80 -7.40 -6.74
N GLU A 439 38.66 -7.34 -8.07
CA GLU A 439 39.22 -6.22 -8.82
C GLU A 439 38.47 -4.92 -8.55
N ASP A 440 37.14 -4.96 -8.46
CA ASP A 440 36.36 -3.74 -8.28
C ASP A 440 36.60 -3.08 -6.92
N ILE A 441 36.75 -3.88 -5.86
CA ILE A 441 36.88 -3.31 -4.51
C ILE A 441 38.15 -2.45 -4.39
N HIS A 442 39.24 -2.86 -5.04
CA HIS A 442 40.46 -2.05 -5.13
C HIS A 442 40.21 -0.72 -5.84
N MET B 32 28.71 53.41 6.84
CA MET B 32 27.26 53.34 6.96
C MET B 32 26.86 52.04 7.63
N PRO B 33 25.92 52.09 8.56
CA PRO B 33 25.45 50.86 9.21
C PRO B 33 24.50 50.08 8.30
N PRO B 34 24.52 48.75 8.39
CA PRO B 34 23.62 47.98 7.52
C PRO B 34 22.17 48.06 7.95
N SER B 35 21.94 48.12 9.28
CA SER B 35 20.59 48.11 9.85
C SER B 35 19.78 49.31 9.39
N GLU B 36 20.40 50.48 9.37
CA GLU B 36 19.71 51.70 8.95
C GLU B 36 19.29 51.60 7.50
N PHE B 37 20.14 51.06 6.63
CA PHE B 37 19.75 50.95 5.23
C PHE B 37 18.63 49.93 5.04
N LEU B 38 18.72 48.77 5.71
CA LEU B 38 17.69 47.75 5.55
C LEU B 38 16.32 48.18 6.07
N ASP B 39 16.26 48.90 7.21
CA ASP B 39 14.91 49.33 7.59
C ASP B 39 14.47 50.61 6.88
N LYS B 40 15.41 51.50 6.49
CA LYS B 40 15.01 52.70 5.77
C LYS B 40 14.48 52.35 4.38
N LEU B 41 15.03 51.30 3.77
CA LEU B 41 14.69 50.99 2.39
C LEU B 41 13.31 50.39 2.28
N MET B 42 12.99 49.41 3.14
CA MET B 42 11.78 48.64 2.99
C MET B 42 11.04 48.51 4.32
N GLY B 43 10.91 49.60 5.07
CA GLY B 43 10.24 49.48 6.36
C GLY B 43 9.09 50.46 6.51
N LYS B 44 8.94 50.93 7.75
CA LYS B 44 7.79 51.75 8.14
C LYS B 44 7.97 53.21 7.77
N VAL B 45 9.21 53.69 7.75
CA VAL B 45 9.47 55.06 7.34
C VAL B 45 9.31 55.22 5.84
N SER B 46 9.52 54.14 5.10
CA SER B 46 9.29 54.13 3.67
C SER B 46 7.81 54.01 3.38
N GLY B 47 7.35 54.71 2.36
CA GLY B 47 5.97 54.62 1.91
C GLY B 47 5.65 53.41 1.05
N TYR B 48 6.41 52.34 1.20
CA TYR B 48 6.30 51.12 0.41
C TYR B 48 5.14 50.28 0.92
N ASP B 49 4.03 50.26 0.20
CA ASP B 49 2.96 49.33 0.55
C ASP B 49 3.13 48.07 -0.28
N ALA B 50 3.19 46.93 0.41
CA ALA B 50 3.43 45.64 -0.25
C ALA B 50 2.19 45.04 -0.88
N ARG B 51 1.05 45.69 -0.81
CA ARG B 51 -0.18 45.20 -1.40
C ARG B 51 -0.47 45.79 -2.76
N ILE B 52 0.34 46.71 -3.26
CA ILE B 52 0.13 47.37 -4.53
C ILE B 52 1.21 46.94 -5.51
N ARG B 53 0.80 46.59 -6.73
CA ARG B 53 1.73 46.23 -7.78
C ARG B 53 2.58 47.42 -8.21
N PRO B 54 3.81 47.18 -8.64
CA PRO B 54 4.60 48.24 -9.25
C PRO B 54 3.98 48.71 -10.57
N ASN B 55 4.21 49.99 -10.88
CA ASN B 55 3.62 50.67 -12.04
C ASN B 55 2.10 50.60 -12.03
N PHE B 56 1.52 50.96 -10.88
CA PHE B 56 0.07 50.97 -10.72
C PHE B 56 -0.59 51.98 -11.65
N LYS B 57 -1.73 51.58 -12.22
CA LYS B 57 -2.44 52.30 -13.30
C LYS B 57 -1.52 52.53 -14.50
N GLY B 58 -0.77 51.49 -14.86
CA GLY B 58 0.26 51.59 -15.86
C GLY B 58 0.37 50.33 -16.71
N PRO B 59 1.38 50.28 -17.57
CA PRO B 59 1.59 49.09 -18.39
C PRO B 59 1.87 47.87 -17.54
N PRO B 60 1.43 46.69 -18.00
CA PRO B 60 1.64 45.43 -17.25
C PRO B 60 3.10 45.10 -16.92
N VAL B 61 3.27 44.51 -15.74
CA VAL B 61 4.57 44.13 -15.20
C VAL B 61 5.07 42.89 -15.92
N ASN B 62 6.16 43.02 -16.68
CA ASN B 62 6.73 41.89 -17.40
C ASN B 62 7.58 41.02 -16.48
N VAL B 63 7.49 39.70 -16.64
CA VAL B 63 8.17 38.73 -15.78
C VAL B 63 8.79 37.64 -16.66
N THR B 64 10.11 37.49 -16.57
CA THR B 64 10.84 36.40 -17.21
C THR B 64 11.06 35.22 -16.25
N CYS B 65 10.82 34.00 -16.73
CA CYS B 65 10.86 32.79 -15.91
C CYS B 65 11.91 31.81 -16.42
N ASN B 66 12.84 31.43 -15.55
CA ASN B 66 13.89 30.45 -15.83
C ASN B 66 13.75 29.26 -14.90
N ILE B 67 13.77 28.04 -15.45
CA ILE B 67 13.59 26.81 -14.69
C ILE B 67 14.83 25.92 -14.78
N PHE B 68 15.26 25.36 -13.64
CA PHE B 68 16.33 24.38 -13.55
C PHE B 68 15.78 23.08 -12.99
N ILE B 69 15.99 21.97 -13.70
CA ILE B 69 15.48 20.65 -13.28
C ILE B 69 16.55 19.91 -12.48
N ASN B 70 16.28 19.72 -11.19
CA ASN B 70 17.22 19.03 -10.31
C ASN B 70 17.15 17.51 -10.44
N SER B 71 15.94 16.93 -10.41
CA SER B 71 15.80 15.47 -10.41
C SER B 71 14.44 15.04 -10.95
N PHE B 72 14.43 14.51 -12.17
CA PHE B 72 13.23 13.96 -12.79
C PHE B 72 13.05 12.53 -12.35
N GLY B 73 11.86 12.15 -11.90
CA GLY B 73 11.70 10.79 -11.39
C GLY B 73 10.26 10.35 -11.24
N SER B 74 10.11 9.07 -10.87
CA SER B 74 8.83 8.45 -10.52
C SER B 74 7.73 8.53 -11.59
N ILE B 75 8.08 8.30 -12.85
CA ILE B 75 7.04 8.24 -13.86
C ILE B 75 6.27 6.93 -13.73
N ALA B 76 4.94 7.02 -13.83
CA ALA B 76 4.09 5.86 -13.65
C ALA B 76 2.91 5.99 -14.60
N GLU B 77 2.24 4.86 -14.82
CA GLU B 77 1.12 4.79 -15.74
C GLU B 77 -0.24 4.72 -15.09
N THR B 78 -0.39 3.95 -14.01
CA THR B 78 -1.70 3.76 -13.40
C THR B 78 -2.25 5.06 -12.83
N THR B 79 -1.44 5.76 -12.05
CA THR B 79 -1.83 7.03 -11.45
C THR B 79 -1.93 8.15 -12.49
N MET B 80 -1.23 8.03 -13.62
CA MET B 80 -1.16 9.03 -14.73
C MET B 80 -0.40 10.30 -14.35
N ASP B 81 0.70 10.20 -13.60
CA ASP B 81 1.44 11.41 -13.23
C ASP B 81 2.91 11.09 -12.95
N TYR B 82 3.73 12.14 -12.93
CA TYR B 82 5.15 12.02 -12.66
C TYR B 82 5.57 13.04 -11.59
N ARG B 83 6.78 12.87 -11.07
CA ARG B 83 7.33 13.69 -9.99
C ARG B 83 8.55 14.47 -10.49
N VAL B 84 8.67 15.74 -10.13
CA VAL B 84 9.80 16.54 -10.55
C VAL B 84 10.17 17.52 -9.44
N ASN B 85 11.49 17.73 -9.26
CA ASN B 85 12.03 18.69 -8.29
C ASN B 85 12.74 19.80 -9.07
N ILE B 86 12.17 21.00 -9.06
CA ILE B 86 12.67 22.10 -9.87
C ILE B 86 13.28 23.20 -9.01
N PHE B 87 13.97 24.13 -9.68
CA PHE B 87 14.47 25.41 -9.14
C PHE B 87 13.83 26.55 -9.92
N LEU B 88 12.65 27.00 -9.52
CA LEU B 88 12.00 28.15 -10.16
C LEU B 88 12.80 29.44 -9.95
N ARG B 89 12.91 30.24 -11.00
CA ARG B 89 13.58 31.55 -10.95
C ARG B 89 12.82 32.55 -11.81
N GLN B 90 12.37 33.64 -11.19
CA GLN B 90 11.60 34.68 -11.89
C GLN B 90 12.17 36.06 -11.59
N GLN B 91 12.32 36.88 -12.63
CA GLN B 91 12.86 38.24 -12.50
C GLN B 91 11.86 39.27 -12.99
N TRP B 92 11.72 40.36 -12.25
CA TRP B 92 10.89 41.49 -12.66
C TRP B 92 11.54 42.78 -12.18
N ASN B 93 11.05 43.90 -12.70
CA ASN B 93 11.59 45.21 -12.38
C ASN B 93 10.63 45.98 -11.48
N ASP B 94 11.21 46.81 -10.60
CA ASP B 94 10.43 47.68 -9.73
C ASP B 94 10.98 49.10 -9.86
N PRO B 95 10.11 50.10 -10.02
CA PRO B 95 10.61 51.50 -10.02
C PRO B 95 11.09 51.95 -8.66
N ARG B 96 10.44 51.49 -7.60
CA ARG B 96 10.93 51.63 -6.23
C ARG B 96 12.06 50.61 -6.04
N LEU B 97 12.62 50.58 -4.82
CA LEU B 97 13.76 49.72 -4.45
C LEU B 97 14.97 50.00 -5.33
N ALA B 98 15.18 51.26 -5.67
CA ALA B 98 16.36 51.72 -6.39
C ALA B 98 17.17 52.59 -5.44
N TYR B 99 18.25 52.02 -4.89
CA TYR B 99 18.96 52.68 -3.81
C TYR B 99 19.94 53.72 -4.35
N SER B 100 20.97 53.27 -5.08
CA SER B 100 22.04 54.09 -5.64
C SER B 100 22.80 54.94 -4.61
N GLU B 101 23.11 54.36 -3.45
CA GLU B 101 23.92 55.11 -2.49
C GLU B 101 25.10 54.27 -2.03
N TYR B 102 24.93 52.95 -1.92
CA TYR B 102 26.10 52.12 -1.69
C TYR B 102 26.92 51.97 -2.97
N PRO B 103 28.25 51.83 -2.85
CA PRO B 103 29.10 51.77 -4.05
C PRO B 103 29.06 50.44 -4.81
N ASP B 104 28.38 49.41 -4.31
CA ASP B 104 28.37 48.13 -4.99
C ASP B 104 27.15 47.98 -5.88
N ASP B 105 27.19 46.97 -6.75
CA ASP B 105 26.19 46.79 -7.78
C ASP B 105 24.96 46.03 -7.30
N SER B 106 25.13 44.92 -6.58
CA SER B 106 24.01 44.10 -6.16
C SER B 106 24.14 43.77 -4.67
N LEU B 107 23.06 43.28 -4.09
CA LEU B 107 23.04 42.93 -2.69
C LEU B 107 22.37 41.57 -2.51
N ASP B 108 22.98 40.72 -1.70
CA ASP B 108 22.40 39.42 -1.35
C ASP B 108 21.74 39.58 0.00
N LEU B 109 20.42 39.72 0.02
CA LEU B 109 19.71 39.97 1.25
C LEU B 109 19.37 38.66 1.97
N ASP B 110 18.89 38.80 3.19
CA ASP B 110 18.45 37.66 3.96
C ASP B 110 17.14 37.14 3.37
N PRO B 111 16.92 35.83 3.39
CA PRO B 111 15.62 35.29 2.93
C PRO B 111 14.48 35.20 3.93
N SER B 112 14.57 35.84 5.09
CA SER B 112 13.47 35.78 6.03
C SER B 112 12.58 37.01 5.93
N MET B 113 12.99 38.00 5.15
CA MET B 113 12.20 39.20 4.94
C MET B 113 11.60 39.24 3.54
N LEU B 114 11.21 38.08 3.03
CA LEU B 114 10.51 37.98 1.76
C LEU B 114 9.03 38.22 1.90
N ASP B 115 8.54 38.61 3.07
CA ASP B 115 7.14 38.91 3.25
C ASP B 115 6.84 40.39 3.13
N SER B 116 7.86 41.22 2.97
CA SER B 116 7.68 42.67 2.89
C SER B 116 7.89 43.21 1.48
N ILE B 117 7.67 42.40 0.44
CA ILE B 117 7.83 42.82 -0.95
C ILE B 117 6.67 42.25 -1.76
N TRP B 118 6.65 42.60 -3.05
CA TRP B 118 5.55 42.22 -3.93
C TRP B 118 5.97 40.99 -4.73
N LYS B 119 5.81 39.83 -4.14
CA LYS B 119 5.94 38.61 -4.92
C LYS B 119 4.72 38.43 -5.82
N PRO B 120 4.90 37.99 -7.07
CA PRO B 120 3.75 37.68 -7.91
C PRO B 120 3.17 36.31 -7.60
N ASP B 121 1.88 36.15 -7.88
CA ASP B 121 1.24 34.85 -7.72
C ASP B 121 1.54 33.97 -8.93
N LEU B 122 1.72 32.67 -8.67
CA LEU B 122 2.02 31.71 -9.72
C LEU B 122 1.61 30.35 -9.23
N PHE B 123 0.85 29.62 -10.05
CA PHE B 123 0.47 28.26 -9.76
C PHE B 123 0.50 27.43 -11.03
N PHE B 124 0.43 26.12 -10.85
CA PHE B 124 0.45 25.18 -11.97
C PHE B 124 -0.93 24.54 -12.11
N ALA B 125 -1.43 24.46 -13.34
CA ALA B 125 -2.78 23.92 -13.54
C ALA B 125 -2.91 22.46 -13.12
N ASN B 126 -1.97 21.63 -13.52
CA ASN B 126 -1.95 20.23 -13.11
C ASN B 126 -1.15 20.04 -11.80
N GLU B 127 -1.71 20.58 -10.73
CA GLU B 127 -1.04 20.63 -9.43
C GLU B 127 -1.50 19.58 -8.44
N LYS B 128 -0.58 18.72 -8.04
CA LYS B 128 -0.79 17.74 -6.97
C LYS B 128 0.44 17.86 -6.08
N GLY B 129 0.30 17.59 -4.78
CA GLY B 129 1.42 17.78 -3.88
C GLY B 129 1.85 19.25 -3.83
N ALA B 130 3.09 19.50 -4.27
CA ALA B 130 3.75 20.81 -4.39
C ALA B 130 4.23 21.46 -3.09
N ASN B 131 4.44 20.70 -2.02
CA ASN B 131 4.95 21.25 -0.76
C ASN B 131 6.39 21.76 -0.85
N PHE B 132 6.67 22.86 -0.14
CA PHE B 132 7.99 23.48 -0.07
C PHE B 132 8.96 22.67 0.81
N HIS B 133 10.25 22.88 0.56
CA HIS B 133 11.35 22.26 1.32
C HIS B 133 11.91 23.24 2.34
N GLU B 134 11.74 22.98 3.63
CA GLU B 134 12.23 23.91 4.66
C GLU B 134 13.03 23.11 5.69
N VAL B 135 14.27 22.76 5.33
CA VAL B 135 15.20 22.07 6.21
C VAL B 135 16.19 23.06 6.80
N THR B 136 16.18 23.21 8.12
CA THR B 136 17.01 24.10 8.96
C THR B 136 16.62 25.55 8.71
N THR B 137 16.73 25.97 7.45
CA THR B 137 16.40 27.29 6.98
C THR B 137 15.58 27.12 5.70
N ASP B 138 14.68 28.07 5.44
CA ASP B 138 13.85 28.02 4.25
C ASP B 138 14.74 28.15 3.00
N ASN B 139 14.50 27.28 2.02
CA ASN B 139 15.27 27.32 0.77
C ASN B 139 14.69 28.42 -0.10
N LYS B 140 15.26 29.61 0.06
CA LYS B 140 14.82 30.83 -0.61
C LYS B 140 16.04 31.65 -0.99
N LEU B 141 15.88 32.56 -1.95
CA LEU B 141 17.00 33.40 -2.37
C LEU B 141 16.45 34.76 -2.80
N LEU B 142 17.13 35.83 -2.39
CA LEU B 142 16.77 37.19 -2.74
C LEU B 142 18.00 37.95 -3.22
N ARG B 143 17.86 38.66 -4.34
CA ARG B 143 18.89 39.57 -4.82
C ARG B 143 18.22 40.81 -5.37
N ILE B 144 18.95 41.93 -5.38
CA ILE B 144 18.40 43.24 -5.76
C ILE B 144 19.53 44.03 -6.39
N SER B 145 19.28 44.62 -7.56
CA SER B 145 20.27 45.40 -8.26
C SER B 145 20.02 46.89 -8.03
N LYS B 146 20.89 47.72 -8.63
CA LYS B 146 20.81 49.16 -8.42
C LYS B 146 19.61 49.77 -9.12
N ASN B 147 19.27 49.26 -10.29
CA ASN B 147 18.13 49.80 -11.04
C ASN B 147 16.80 49.33 -10.47
N GLY B 148 16.76 48.16 -9.83
CA GLY B 148 15.52 47.64 -9.29
C GLY B 148 15.15 46.24 -9.75
N ASN B 149 16.04 45.59 -10.49
CA ASN B 149 15.81 44.24 -10.95
C ASN B 149 16.02 43.23 -9.82
N VAL B 150 15.00 42.44 -9.52
CA VAL B 150 15.06 41.49 -8.42
C VAL B 150 15.28 40.09 -8.98
N LEU B 151 15.66 39.16 -8.11
CA LEU B 151 15.87 37.76 -8.47
C LEU B 151 15.34 36.88 -7.35
N TYR B 152 14.30 36.10 -7.65
CA TYR B 152 13.61 35.23 -6.70
C TYR B 152 13.79 33.78 -7.09
N SER B 153 14.34 32.97 -6.19
CA SER B 153 14.58 31.54 -6.44
C SER B 153 13.93 30.68 -5.36
N ILE B 154 13.16 29.67 -5.78
CA ILE B 154 12.38 28.80 -4.89
C ILE B 154 12.61 27.34 -5.31
N ARG B 155 12.87 26.48 -4.33
CA ARG B 155 12.92 25.03 -4.54
C ARG B 155 11.59 24.38 -4.16
N ILE B 156 10.99 23.63 -5.09
CA ILE B 156 9.68 23.00 -4.93
C ILE B 156 9.65 21.65 -5.66
N THR B 157 9.10 20.62 -5.00
CA THR B 157 8.83 19.33 -5.62
C THR B 157 7.38 19.23 -6.11
N LEU B 158 7.20 18.98 -7.40
CA LEU B 158 5.89 18.99 -8.05
C LEU B 158 5.46 17.58 -8.47
N VAL B 159 4.25 17.17 -8.08
CA VAL B 159 3.58 16.03 -8.70
C VAL B 159 2.66 16.57 -9.80
N LEU B 160 2.96 16.24 -11.06
CA LEU B 160 2.27 16.81 -12.21
C LEU B 160 1.59 15.71 -13.02
N ALA B 161 0.36 15.95 -13.45
CA ALA B 161 -0.42 14.95 -14.17
C ALA B 161 -0.13 14.99 -15.67
N CYS B 162 0.26 13.85 -16.23
CA CYS B 162 0.52 13.70 -17.65
C CYS B 162 -0.49 12.72 -18.25
N PRO B 163 -1.37 13.13 -19.16
CA PRO B 163 -2.37 12.23 -19.79
C PRO B 163 -1.81 11.46 -20.98
N MET B 164 -0.98 10.46 -20.69
CA MET B 164 -0.32 9.68 -21.73
C MET B 164 -1.29 8.81 -22.53
N ASP B 165 -1.00 8.68 -23.82
CA ASP B 165 -1.77 7.85 -24.75
C ASP B 165 -0.98 6.58 -25.06
N LEU B 166 -1.53 5.44 -24.66
CA LEU B 166 -0.86 4.14 -24.85
C LEU B 166 -1.37 3.43 -26.08
N LYS B 167 -1.39 4.08 -27.24
CA LYS B 167 -1.80 3.41 -28.47
C LYS B 167 -0.81 2.32 -28.86
N ASN B 168 0.48 2.58 -28.67
CA ASN B 168 1.56 1.63 -28.96
C ASN B 168 2.31 1.45 -27.64
N PHE B 169 2.04 0.35 -26.91
CA PHE B 169 2.57 0.27 -25.54
C PHE B 169 4.08 0.02 -25.45
N PRO B 170 4.69 -0.99 -26.08
CA PRO B 170 6.14 -1.16 -25.86
C PRO B 170 6.97 -0.05 -26.51
N MET B 171 6.58 0.46 -27.66
CA MET B 171 7.35 1.48 -28.36
C MET B 171 6.49 2.74 -28.37
N ASP B 172 6.93 3.80 -27.70
CA ASP B 172 6.11 5.00 -27.65
C ASP B 172 6.95 6.20 -27.27
N VAL B 173 6.41 7.37 -27.62
CA VAL B 173 6.93 8.65 -27.19
C VAL B 173 5.83 9.40 -26.46
N GLN B 174 6.14 9.88 -25.27
CA GLN B 174 5.16 10.54 -24.42
C GLN B 174 5.52 12.00 -24.24
N THR B 175 4.54 12.87 -24.37
CA THR B 175 4.73 14.31 -24.17
C THR B 175 4.04 14.71 -22.88
N CYS B 176 4.80 15.31 -21.97
CA CYS B 176 4.29 15.74 -20.67
C CYS B 176 4.39 17.25 -20.53
N ILE B 177 3.35 17.85 -19.96
CA ILE B 177 3.07 19.28 -20.02
C ILE B 177 3.30 19.91 -18.64
N MET B 178 4.01 21.04 -18.62
CA MET B 178 4.11 21.90 -17.44
C MET B 178 3.54 23.28 -17.78
N GLN B 179 2.59 23.75 -16.97
CA GLN B 179 1.92 25.03 -17.20
C GLN B 179 2.11 25.98 -16.03
N LEU B 180 2.52 27.22 -16.30
CA LEU B 180 2.65 28.27 -15.31
C LEU B 180 1.70 29.43 -15.63
N GLU B 181 0.79 29.77 -14.70
CA GLU B 181 -0.19 30.80 -15.01
C GLU B 181 -0.58 31.57 -13.76
N SER B 182 -1.12 32.78 -13.98
CA SER B 182 -1.51 33.71 -12.94
C SER B 182 -2.96 33.50 -12.51
N PHE B 183 -3.17 33.18 -11.23
CA PHE B 183 -4.51 32.94 -10.72
C PHE B 183 -5.35 34.22 -10.63
N GLY B 184 -4.80 35.27 -10.05
CA GLY B 184 -5.62 36.43 -9.74
C GLY B 184 -5.55 37.70 -10.56
N TYR B 185 -4.66 37.80 -11.55
CA TYR B 185 -4.54 39.02 -12.31
C TYR B 185 -4.90 38.76 -13.77
N THR B 186 -5.40 39.79 -14.45
CA THR B 186 -5.82 39.63 -15.84
C THR B 186 -4.64 39.94 -16.76
N MET B 187 -4.89 40.07 -18.06
CA MET B 187 -3.82 40.34 -19.03
C MET B 187 -3.24 41.72 -18.86
N ASN B 188 -4.05 42.70 -18.44
CA ASN B 188 -3.60 44.07 -18.23
C ASN B 188 -2.49 44.21 -17.18
N ASP B 189 -2.14 43.14 -16.47
CA ASP B 189 -1.10 43.10 -15.46
C ASP B 189 -0.38 41.77 -15.59
N LEU B 190 0.83 41.70 -15.03
CA LEU B 190 1.64 40.47 -14.88
C LEU B 190 1.70 39.55 -16.12
N ILE B 191 2.14 40.11 -17.25
CA ILE B 191 2.36 39.25 -18.41
C ILE B 191 3.61 38.39 -18.22
N PHE B 192 3.47 37.08 -18.37
CA PHE B 192 4.58 36.13 -18.21
C PHE B 192 5.31 35.89 -19.53
N GLU B 193 6.62 36.10 -19.53
CA GLU B 193 7.47 35.85 -20.69
C GLU B 193 8.52 34.78 -20.38
N TRP B 194 8.95 34.07 -21.41
CA TRP B 194 10.06 33.14 -21.26
C TRP B 194 11.38 33.88 -21.37
N ASP B 195 12.48 33.17 -21.15
CA ASP B 195 13.82 33.72 -21.26
C ASP B 195 14.45 33.23 -22.56
N GLU B 196 15.08 34.15 -23.30
CA GLU B 196 15.65 33.82 -24.60
C GLU B 196 16.80 32.83 -24.49
N LYS B 197 17.65 32.97 -23.49
CA LYS B 197 18.81 32.11 -23.37
C LYS B 197 18.70 31.27 -22.10
N GLY B 198 18.96 29.97 -22.22
CA GLY B 198 18.94 29.04 -21.11
C GLY B 198 17.62 28.95 -20.38
N ALA B 199 16.51 28.85 -21.12
CA ALA B 199 15.19 28.79 -20.49
C ALA B 199 14.99 27.53 -19.66
N VAL B 200 15.45 26.38 -20.13
CA VAL B 200 15.31 25.12 -19.41
C VAL B 200 16.69 24.49 -19.31
N GLN B 201 17.13 24.20 -18.09
CA GLN B 201 18.40 23.55 -17.85
C GLN B 201 18.18 22.23 -17.11
N VAL B 202 19.12 21.32 -17.26
CA VAL B 202 19.07 20.01 -16.61
C VAL B 202 20.38 19.78 -15.89
N ALA B 203 20.33 19.15 -14.72
CA ALA B 203 21.52 18.83 -13.96
C ALA B 203 22.36 17.79 -14.70
N ASP B 204 23.68 17.95 -14.62
CA ASP B 204 24.60 17.06 -15.29
C ASP B 204 24.54 15.65 -14.71
N GLY B 205 24.65 14.66 -15.60
CA GLY B 205 24.59 13.26 -15.20
C GLY B 205 23.27 12.83 -14.61
N LEU B 206 22.16 13.25 -15.19
CA LEU B 206 20.84 12.86 -14.73
C LEU B 206 20.29 11.81 -15.69
N THR B 207 19.89 10.67 -15.14
CA THR B 207 19.41 9.55 -15.92
C THR B 207 18.11 9.02 -15.33
N LEU B 208 17.33 8.37 -16.18
CA LEU B 208 16.09 7.74 -15.82
C LEU B 208 16.24 6.25 -16.11
N PRO B 209 15.80 5.38 -15.20
CA PRO B 209 15.93 3.94 -15.44
C PRO B 209 15.12 3.43 -16.62
N GLN B 210 13.89 3.91 -16.79
CA GLN B 210 12.98 3.40 -17.81
C GLN B 210 12.97 4.21 -19.10
N PHE B 211 13.08 5.54 -19.05
CA PHE B 211 12.92 6.41 -20.21
C PHE B 211 14.23 7.13 -20.55
N ILE B 212 14.34 7.58 -21.80
CA ILE B 212 15.42 8.46 -22.24
C ILE B 212 14.85 9.84 -22.57
N LEU B 213 15.34 10.86 -21.87
CA LEU B 213 14.94 12.24 -22.16
C LEU B 213 15.60 12.78 -23.42
N LYS B 214 14.84 13.53 -24.22
CA LYS B 214 15.32 14.16 -25.45
C LYS B 214 15.66 15.62 -25.24
N GLU B 215 16.80 16.05 -25.80
CA GLU B 215 17.26 17.43 -25.66
C GLU B 215 16.63 18.28 -26.78
N GLU B 216 15.31 18.46 -26.70
CA GLU B 216 14.62 19.39 -27.59
C GLU B 216 13.92 20.51 -26.84
N LYS B 217 12.98 20.19 -25.94
CA LYS B 217 12.34 21.14 -25.01
C LYS B 217 11.69 22.35 -25.70
N ASP B 218 10.80 22.07 -26.64
CA ASP B 218 10.06 23.13 -27.33
C ASP B 218 9.13 23.90 -26.39
N LEU B 219 9.18 25.23 -26.49
CA LEU B 219 8.48 26.15 -25.60
C LEU B 219 7.47 26.99 -26.39
N ARG B 220 6.21 26.94 -25.97
CA ARG B 220 5.19 27.83 -26.52
C ARG B 220 4.22 28.20 -25.43
N TYR B 221 3.49 29.31 -25.63
CA TYR B 221 2.56 29.80 -24.64
C TYR B 221 1.13 29.86 -25.16
N CYS B 222 0.19 29.39 -24.33
CA CYS B 222 -1.24 29.40 -24.64
C CYS B 222 -2.01 30.15 -23.57
N THR B 223 -2.76 31.18 -23.99
CA THR B 223 -3.55 31.99 -23.06
C THR B 223 -4.77 31.20 -22.59
N LYS B 224 -5.31 31.58 -21.44
CA LYS B 224 -6.48 30.94 -20.83
C LYS B 224 -7.65 31.92 -20.80
N HIS B 225 -8.81 31.48 -21.25
CA HIS B 225 -10.03 32.29 -21.24
C HIS B 225 -11.03 31.74 -20.22
N TYR B 226 -11.56 32.61 -19.39
CA TYR B 226 -12.57 32.25 -18.41
C TYR B 226 -13.68 33.30 -18.45
N ASN B 227 -14.80 32.99 -17.79
CA ASN B 227 -15.88 33.97 -17.68
C ASN B 227 -15.45 35.20 -16.88
N THR B 228 -14.63 35.01 -15.84
CA THR B 228 -14.11 36.14 -15.08
C THR B 228 -13.17 37.01 -15.92
N GLY B 229 -12.33 36.41 -16.74
CA GLY B 229 -11.43 37.19 -17.58
C GLY B 229 -10.48 36.29 -18.33
N LYS B 230 -9.52 36.91 -19.00
CA LYS B 230 -8.50 36.21 -19.76
C LYS B 230 -7.14 36.34 -19.07
N PHE B 231 -6.51 35.20 -18.81
CA PHE B 231 -5.33 35.09 -17.95
C PHE B 231 -4.13 34.50 -18.71
N THR B 232 -2.95 35.07 -18.46
CA THR B 232 -1.72 34.63 -19.13
C THR B 232 -1.26 33.25 -18.66
N CYS B 233 -0.60 32.52 -19.56
CA CYS B 233 -0.02 31.23 -19.24
C CYS B 233 1.14 30.94 -20.19
N ILE B 234 2.10 30.12 -19.71
CA ILE B 234 3.21 29.65 -20.52
C ILE B 234 3.39 28.15 -20.28
N GLU B 235 3.87 27.45 -21.30
CA GLU B 235 3.91 25.98 -21.31
C GLU B 235 5.28 25.48 -21.72
N ALA B 236 5.72 24.37 -21.11
CA ALA B 236 6.97 23.69 -21.45
C ALA B 236 6.72 22.21 -21.68
N ARG B 237 7.32 21.66 -22.75
CA ARG B 237 7.08 20.28 -23.16
C ARG B 237 8.35 19.44 -23.14
N PHE B 238 8.24 18.22 -22.62
CA PHE B 238 9.35 17.28 -22.57
C PHE B 238 8.99 16.02 -23.35
N HIS B 239 9.94 15.48 -24.10
CA HIS B 239 9.72 14.27 -24.89
C HIS B 239 10.46 13.10 -24.27
N LEU B 240 9.77 11.97 -24.11
CA LEU B 240 10.33 10.78 -23.47
C LEU B 240 10.26 9.56 -24.37
N GLU B 241 11.35 8.79 -24.44
CA GLU B 241 11.41 7.54 -25.20
C GLU B 241 11.57 6.36 -24.26
N ARG B 242 10.68 5.39 -24.36
CA ARG B 242 10.74 4.20 -23.53
C ARG B 242 11.80 3.23 -24.04
N GLN B 243 12.48 2.57 -23.11
CA GLN B 243 13.48 1.57 -23.45
C GLN B 243 12.84 0.22 -23.70
N MET B 244 13.23 -0.38 -24.82
CA MET B 244 12.73 -1.65 -25.31
C MET B 244 13.41 -2.86 -24.67
N GLY B 245 14.50 -2.63 -23.92
CA GLY B 245 15.33 -3.73 -23.42
C GLY B 245 14.64 -4.65 -22.44
N TYR B 246 13.92 -4.08 -21.49
CA TYR B 246 13.31 -4.85 -20.41
C TYR B 246 12.13 -5.66 -20.91
N TYR B 247 11.31 -5.03 -21.74
CA TYR B 247 10.07 -5.64 -22.23
C TYR B 247 10.37 -6.88 -23.05
N LEU B 248 11.47 -6.86 -23.82
CA LEU B 248 11.81 -8.01 -24.66
C LEU B 248 12.07 -9.25 -23.82
N ILE B 249 12.89 -9.09 -22.78
CA ILE B 249 13.27 -10.21 -21.94
C ILE B 249 12.09 -10.73 -21.11
N GLN B 250 11.28 -9.85 -20.52
CA GLN B 250 10.12 -10.38 -19.79
C GLN B 250 9.03 -10.97 -20.68
N MET B 251 8.74 -10.37 -21.82
CA MET B 251 7.58 -10.91 -22.53
C MET B 251 7.85 -11.49 -23.90
N TYR B 252 8.66 -10.84 -24.73
CA TYR B 252 8.83 -11.31 -26.11
C TYR B 252 9.54 -12.66 -26.18
N ILE B 253 10.65 -12.82 -25.44
CA ILE B 253 11.42 -14.06 -25.44
C ILE B 253 10.68 -15.25 -24.81
N PRO B 254 10.05 -15.18 -23.62
CA PRO B 254 9.37 -16.40 -23.12
C PRO B 254 8.18 -16.82 -23.94
N SER B 255 7.39 -15.88 -24.47
CA SER B 255 6.26 -16.27 -25.30
C SER B 255 6.76 -17.00 -26.54
N LEU B 256 7.81 -16.45 -27.17
CA LEU B 256 8.43 -17.11 -28.31
C LEU B 256 9.04 -18.45 -27.90
N LEU B 257 9.39 -18.61 -26.62
CA LEU B 257 9.88 -19.91 -26.13
C LEU B 257 8.74 -20.91 -26.08
N ILE B 258 7.57 -20.49 -25.57
CA ILE B 258 6.41 -21.37 -25.46
C ILE B 258 6.05 -21.84 -26.87
N VAL B 259 6.10 -20.90 -27.81
CA VAL B 259 5.82 -21.18 -29.22
C VAL B 259 6.84 -22.20 -29.74
N ILE B 260 8.12 -22.05 -29.37
CA ILE B 260 9.17 -22.97 -29.81
C ILE B 260 8.93 -24.35 -29.21
N LEU B 261 8.48 -24.39 -27.97
CA LEU B 261 8.10 -25.60 -27.26
C LEU B 261 6.90 -26.28 -27.90
N SER B 262 6.10 -25.57 -28.68
CA SER B 262 5.13 -26.26 -29.53
C SER B 262 5.55 -26.54 -30.98
N TRP B 263 6.59 -25.90 -31.53
CA TRP B 263 6.84 -26.05 -32.98
C TRP B 263 7.27 -27.45 -33.40
N VAL B 264 8.19 -28.07 -32.68
CA VAL B 264 8.76 -29.35 -33.11
C VAL B 264 8.93 -30.29 -31.91
N SER B 265 8.24 -30.00 -30.82
CA SER B 265 8.20 -30.96 -29.74
C SER B 265 7.14 -32.04 -29.84
N PHE B 266 5.91 -31.76 -30.28
CA PHE B 266 4.98 -32.89 -30.33
C PHE B 266 4.74 -33.44 -31.73
N TRP B 267 4.99 -32.67 -32.78
CA TRP B 267 4.90 -33.16 -34.16
C TRP B 267 5.79 -34.37 -34.40
N ILE B 268 6.98 -34.39 -33.79
CA ILE B 268 7.87 -35.53 -33.88
C ILE B 268 7.26 -36.77 -33.21
N ASN B 269 6.56 -36.57 -32.10
CA ASN B 269 6.02 -37.67 -31.31
C ASN B 269 4.97 -38.48 -32.07
N MET B 270 4.83 -39.74 -31.64
CA MET B 270 3.96 -40.74 -32.24
C MET B 270 2.50 -40.30 -32.19
N ASP B 271 1.77 -40.63 -33.27
CA ASP B 271 0.38 -40.20 -33.40
C ASP B 271 -0.52 -40.74 -32.30
N ALA B 272 -0.32 -41.99 -31.88
CA ALA B 272 -1.13 -42.53 -30.79
C ALA B 272 -0.51 -42.17 -29.43
N ALA B 273 -0.54 -40.88 -29.09
CA ALA B 273 -0.04 -40.51 -27.76
C ALA B 273 -0.98 -39.61 -26.96
N PRO B 274 -1.34 -40.01 -25.74
CA PRO B 274 -2.13 -39.13 -24.85
C PRO B 274 -1.35 -37.89 -24.44
N ALA B 275 -0.05 -38.09 -24.22
CA ALA B 275 0.83 -37.02 -23.79
C ALA B 275 0.93 -35.90 -24.79
N ARG B 276 0.85 -36.19 -26.10
CA ARG B 276 1.01 -35.13 -27.09
C ARG B 276 -0.08 -34.07 -26.92
N VAL B 277 -1.31 -34.50 -26.66
CA VAL B 277 -2.41 -33.57 -26.46
C VAL B 277 -2.24 -32.91 -25.09
N GLY B 278 -1.73 -33.67 -24.09
CA GLY B 278 -1.46 -33.07 -22.79
C GLY B 278 -0.47 -31.93 -22.89
N LEU B 279 0.61 -32.15 -23.64
CA LEU B 279 1.65 -31.17 -23.88
C LEU B 279 1.01 -29.90 -24.44
N GLY B 280 0.15 -30.08 -25.44
CA GLY B 280 -0.40 -28.95 -26.16
C GLY B 280 -1.35 -28.17 -25.27
N ILE B 281 -2.18 -28.87 -24.48
CA ILE B 281 -3.17 -28.21 -23.63
C ILE B 281 -2.43 -27.38 -22.58
N THR B 282 -1.38 -27.95 -21.97
CA THR B 282 -0.63 -27.24 -20.94
C THR B 282 0.03 -25.99 -21.50
N THR B 283 0.59 -26.08 -22.72
CA THR B 283 1.20 -24.90 -23.35
C THR B 283 0.18 -23.80 -23.57
N VAL B 284 -1.04 -24.15 -24.02
CA VAL B 284 -2.09 -23.16 -24.25
C VAL B 284 -2.46 -22.49 -22.93
N LEU B 285 -2.57 -23.31 -21.89
CA LEU B 285 -2.97 -22.84 -20.57
C LEU B 285 -1.97 -21.86 -19.97
N THR B 286 -0.71 -22.27 -19.86
CA THR B 286 0.28 -21.35 -19.33
C THR B 286 0.50 -20.10 -20.17
N MET B 287 0.42 -20.17 -21.52
CA MET B 287 0.61 -18.93 -22.27
C MET B 287 -0.54 -17.95 -22.01
N THR B 288 -1.80 -18.44 -21.94
CA THR B 288 -2.90 -17.52 -21.64
C THR B 288 -2.75 -16.95 -20.22
N THR B 289 -2.22 -17.74 -19.27
CA THR B 289 -1.97 -17.21 -17.93
C THR B 289 -0.91 -16.10 -17.96
N GLN B 290 0.10 -16.26 -18.84
CA GLN B 290 1.09 -15.19 -19.04
C GLN B 290 0.46 -13.94 -19.66
N SER B 291 -0.46 -14.15 -20.60
CA SER B 291 -1.17 -13.03 -21.23
C SER B 291 -1.97 -12.24 -20.20
N SER B 292 -2.63 -12.95 -19.28
CA SER B 292 -3.29 -12.27 -18.17
C SER B 292 -2.30 -11.56 -17.27
N GLY B 293 -1.12 -12.17 -17.06
CA GLY B 293 -0.08 -11.58 -16.23
C GLY B 293 0.50 -10.28 -16.78
N SER B 294 0.58 -10.15 -18.10
CA SER B 294 1.18 -8.97 -18.73
C SER B 294 0.43 -7.68 -18.41
N ARG B 295 -0.90 -7.71 -18.41
CA ARG B 295 -1.70 -6.51 -18.11
C ARG B 295 -1.96 -6.35 -16.61
N ALA B 296 -0.89 -6.00 -15.89
CA ALA B 296 -1.04 -5.80 -14.44
C ALA B 296 -0.81 -4.35 -14.05
N SER B 297 0.34 -3.77 -14.40
CA SER B 297 0.62 -2.37 -14.09
C SER B 297 -0.31 -1.41 -14.85
N LEU B 298 -0.69 -1.80 -16.07
CA LEU B 298 -1.40 -0.93 -17.00
C LEU B 298 -2.77 -0.47 -16.49
N PRO B 299 -3.11 0.81 -16.68
CA PRO B 299 -4.47 1.27 -16.34
C PRO B 299 -5.46 0.73 -17.36
N LYS B 300 -6.70 0.57 -16.92
CA LYS B 300 -7.75 0.05 -17.78
C LYS B 300 -8.05 1.03 -18.91
N VAL B 301 -8.04 0.54 -20.16
CA VAL B 301 -8.32 1.34 -21.34
C VAL B 301 -9.16 0.53 -22.33
N SER B 302 -10.00 1.23 -23.08
CA SER B 302 -10.86 0.58 -24.07
C SER B 302 -10.10 0.06 -25.28
N TYR B 303 -9.20 0.86 -25.83
CA TYR B 303 -8.49 0.54 -27.06
C TYR B 303 -7.42 -0.55 -26.86
N VAL B 304 -7.03 -1.16 -27.97
CA VAL B 304 -6.12 -2.30 -28.00
C VAL B 304 -4.69 -1.87 -28.30
N LYS B 305 -3.77 -2.27 -27.41
CA LYS B 305 -2.33 -2.04 -27.50
C LYS B 305 -1.65 -3.07 -28.41
N ALA B 306 -0.42 -2.74 -28.83
CA ALA B 306 0.37 -3.62 -29.71
C ALA B 306 0.72 -4.96 -29.06
N ILE B 307 1.05 -4.94 -27.78
CA ILE B 307 1.40 -6.15 -27.04
C ILE B 307 0.24 -7.12 -27.01
N ASP B 308 -0.99 -6.60 -26.95
CA ASP B 308 -2.19 -7.42 -27.03
C ASP B 308 -2.29 -8.13 -28.37
N ILE B 309 -1.92 -7.44 -29.45
CA ILE B 309 -1.94 -8.04 -30.79
C ILE B 309 -0.97 -9.21 -30.86
N TRP B 310 0.24 -9.01 -30.32
CA TRP B 310 1.25 -10.07 -30.36
C TRP B 310 0.82 -11.29 -29.55
N MET B 311 0.29 -11.07 -28.34
CA MET B 311 -0.17 -12.17 -27.50
C MET B 311 -1.34 -12.92 -28.13
N ALA B 312 -2.27 -12.18 -28.76
CA ALA B 312 -3.40 -12.81 -29.44
C ALA B 312 -2.96 -13.70 -30.60
N VAL B 313 -1.99 -13.23 -31.39
CA VAL B 313 -1.49 -14.04 -32.51
C VAL B 313 -0.78 -15.31 -32.04
N CYS B 314 0.04 -15.20 -30.98
CA CYS B 314 0.70 -16.38 -30.43
C CYS B 314 -0.31 -17.40 -29.89
N LEU B 315 -1.35 -16.90 -29.23
CA LEU B 315 -2.42 -17.76 -28.73
C LEU B 315 -3.15 -18.45 -29.88
N LEU B 316 -3.31 -17.76 -31.00
CA LEU B 316 -3.93 -18.36 -32.18
C LEU B 316 -3.10 -19.52 -32.73
N PHE B 317 -1.77 -19.37 -32.78
CA PHE B 317 -0.93 -20.49 -33.25
C PHE B 317 -1.01 -21.71 -32.33
N VAL B 318 -0.86 -21.50 -31.01
CA VAL B 318 -0.88 -22.66 -30.12
C VAL B 318 -2.25 -23.34 -30.10
N PHE B 319 -3.34 -22.59 -30.23
CA PHE B 319 -4.67 -23.19 -30.34
C PHE B 319 -4.81 -23.99 -31.64
N SER B 320 -4.21 -23.48 -32.72
CA SER B 320 -4.25 -24.21 -33.99
C SER B 320 -3.50 -25.54 -33.89
N ALA B 321 -2.45 -25.60 -33.08
CA ALA B 321 -1.71 -26.84 -32.90
C ALA B 321 -2.64 -27.99 -32.44
N LEU B 322 -3.50 -27.70 -31.45
CA LEU B 322 -4.45 -28.71 -30.97
C LEU B 322 -5.45 -29.03 -32.06
N LEU B 323 -5.87 -28.00 -32.80
CA LEU B 323 -6.81 -28.17 -33.90
C LEU B 323 -6.31 -29.27 -34.83
N GLU B 324 -5.10 -29.04 -35.38
CA GLU B 324 -4.44 -30.04 -36.24
C GLU B 324 -4.38 -31.43 -35.63
N TYR B 325 -4.10 -31.53 -34.32
CA TYR B 325 -4.17 -32.84 -33.65
C TYR B 325 -5.54 -33.49 -33.74
N ALA B 326 -6.59 -32.73 -33.40
CA ALA B 326 -7.97 -33.23 -33.56
C ALA B 326 -8.24 -33.74 -34.96
N ALA B 327 -7.73 -33.03 -35.98
CA ALA B 327 -7.91 -33.45 -37.37
C ALA B 327 -7.25 -34.80 -37.64
N VAL B 328 -5.97 -34.94 -37.30
CA VAL B 328 -5.28 -36.21 -37.56
C VAL B 328 -5.86 -37.36 -36.75
N ASN B 329 -6.29 -37.09 -35.52
CA ASN B 329 -6.93 -38.12 -34.70
C ASN B 329 -8.24 -38.60 -35.31
N PHE B 330 -9.04 -37.67 -35.86
CA PHE B 330 -10.30 -38.05 -36.50
C PHE B 330 -10.08 -38.88 -37.76
N ILE B 331 -9.07 -38.51 -38.56
CA ILE B 331 -8.73 -39.29 -39.74
C ILE B 331 -8.24 -40.69 -39.37
N ALA B 332 -7.38 -40.77 -38.35
CA ALA B 332 -6.91 -42.06 -37.86
C ALA B 332 -8.04 -42.91 -37.28
N ARG B 333 -9.01 -42.28 -36.61
CA ARG B 333 -10.16 -43.02 -36.10
C ARG B 333 -10.96 -43.64 -37.25
N GLN B 334 -11.18 -42.89 -38.35
CA GLN B 334 -11.84 -43.50 -39.51
C GLN B 334 -11.03 -44.67 -40.06
N HIS B 335 -9.71 -44.52 -40.08
CA HIS B 335 -8.82 -45.59 -40.56
C HIS B 335 -8.97 -46.85 -39.70
N LYS B 336 -8.98 -46.69 -38.38
CA LYS B 336 -9.13 -47.82 -37.46
C LYS B 336 -10.53 -48.44 -37.56
N GLU B 337 -11.56 -47.59 -37.70
CA GLU B 337 -12.94 -48.05 -37.76
C GLU B 337 -13.18 -48.91 -38.98
N LEU B 338 -12.71 -48.46 -40.15
CA LEU B 338 -12.85 -49.31 -41.33
C LEU B 338 -11.89 -50.50 -41.27
N LEU B 339 -10.72 -50.32 -40.64
CA LEU B 339 -9.71 -51.38 -40.55
C LEU B 339 -10.24 -52.62 -39.82
N ARG B 340 -10.99 -52.42 -38.74
CA ARG B 340 -11.56 -53.52 -37.97
C ARG B 340 -12.58 -54.33 -38.79
N THR B 395 -9.57 -54.12 -50.81
CA THR B 395 -10.04 -52.75 -50.94
C THR B 395 -9.88 -51.98 -49.63
N VAL B 396 -10.14 -52.65 -48.51
CA VAL B 396 -9.99 -52.01 -47.21
C VAL B 396 -8.55 -51.60 -46.94
N GLU B 397 -7.59 -52.47 -47.29
CA GLU B 397 -6.17 -52.14 -47.11
C GLU B 397 -5.78 -50.94 -47.97
N GLU B 398 -6.29 -50.89 -49.20
CA GLU B 398 -6.03 -49.78 -50.10
C GLU B 398 -6.60 -48.49 -49.52
N MET B 399 -7.75 -48.57 -48.86
CA MET B 399 -8.34 -47.40 -48.21
C MET B 399 -7.58 -47.09 -46.93
N ARG B 400 -7.09 -48.13 -46.26
CA ARG B 400 -6.24 -47.96 -45.08
C ARG B 400 -4.95 -47.26 -45.44
N LYS B 401 -4.34 -47.65 -46.57
CA LYS B 401 -3.15 -46.98 -47.06
C LYS B 401 -3.47 -45.53 -47.39
N LEU B 402 -4.66 -45.29 -47.99
CA LEU B 402 -5.01 -43.94 -48.41
C LEU B 402 -5.05 -43.04 -47.17
N PHE B 403 -5.69 -43.55 -46.11
CA PHE B 403 -5.90 -42.77 -44.89
C PHE B 403 -4.59 -42.47 -44.17
N ILE B 404 -3.70 -43.47 -44.06
CA ILE B 404 -2.39 -43.20 -43.44
C ILE B 404 -1.61 -42.23 -44.31
N SER B 405 -1.69 -42.37 -45.65
CA SER B 405 -0.95 -41.46 -46.52
C SER B 405 -1.45 -40.04 -46.26
N ARG B 406 -2.78 -39.89 -46.06
CA ARG B 406 -3.34 -38.56 -45.80
C ARG B 406 -2.71 -38.01 -44.53
N ALA B 407 -2.54 -38.90 -43.54
CA ALA B 407 -2.01 -38.50 -42.24
C ALA B 407 -0.61 -37.95 -42.42
N LYS B 408 0.20 -38.68 -43.20
CA LYS B 408 1.60 -38.29 -43.38
C LYS B 408 1.66 -36.96 -44.13
N ARG B 409 0.79 -36.78 -45.15
CA ARG B 409 0.85 -35.55 -45.94
C ARG B 409 0.57 -34.36 -45.03
N ILE B 410 -0.46 -34.51 -44.19
CA ILE B 410 -0.93 -33.40 -43.35
C ILE B 410 0.18 -33.02 -42.38
N ASP B 411 0.79 -34.02 -41.74
CA ASP B 411 1.79 -33.71 -40.72
C ASP B 411 3.03 -33.09 -41.35
N THR B 412 3.54 -33.65 -42.47
CA THR B 412 4.79 -33.12 -43.02
C THR B 412 4.54 -31.72 -43.57
N VAL B 413 3.38 -31.54 -44.21
CA VAL B 413 3.01 -30.28 -44.85
C VAL B 413 2.99 -29.22 -43.77
N SER B 414 2.43 -29.57 -42.60
CA SER B 414 2.37 -28.63 -41.51
C SER B 414 3.77 -28.29 -41.03
N ARG B 415 4.63 -29.32 -40.93
CA ARG B 415 5.98 -29.17 -40.36
C ARG B 415 6.81 -28.18 -41.15
N VAL B 416 6.47 -27.98 -42.41
CA VAL B 416 7.14 -26.94 -43.18
C VAL B 416 6.22 -25.74 -43.45
N ALA B 417 4.88 -25.89 -43.34
CA ALA B 417 3.97 -24.78 -43.64
C ALA B 417 4.03 -23.70 -42.57
N PHE B 418 3.99 -24.11 -41.30
CA PHE B 418 3.91 -23.12 -40.21
C PHE B 418 5.08 -22.14 -40.09
N PRO B 419 6.38 -22.52 -40.24
CA PRO B 419 7.46 -21.54 -40.01
C PRO B 419 7.38 -20.27 -40.83
N LEU B 420 7.05 -20.40 -42.13
CA LEU B 420 7.06 -19.22 -42.99
C LEU B 420 6.02 -18.21 -42.54
N VAL B 421 4.81 -18.65 -42.15
CA VAL B 421 3.77 -17.68 -41.84
C VAL B 421 4.19 -16.86 -40.62
N PHE B 422 4.92 -17.50 -39.70
CA PHE B 422 5.42 -16.84 -38.50
C PHE B 422 6.44 -15.79 -38.90
N LEU B 423 7.32 -16.20 -39.82
CA LEU B 423 8.39 -15.33 -40.31
C LEU B 423 7.81 -14.10 -41.02
N ILE B 424 6.79 -14.31 -41.85
CA ILE B 424 6.15 -13.22 -42.61
C ILE B 424 5.50 -12.27 -41.62
N PHE B 425 4.96 -12.82 -40.52
CA PHE B 425 4.25 -12.05 -39.53
C PHE B 425 5.25 -11.15 -38.84
N ASN B 426 6.27 -11.74 -38.21
CA ASN B 426 7.24 -10.99 -37.44
C ASN B 426 7.90 -9.89 -38.28
N ILE B 427 8.25 -10.18 -39.54
CA ILE B 427 8.86 -9.14 -40.36
C ILE B 427 7.88 -8.01 -40.63
N PHE B 428 6.61 -8.34 -40.88
CA PHE B 428 5.58 -7.33 -41.13
C PHE B 428 5.35 -6.44 -39.90
N TYR B 429 5.20 -7.07 -38.73
CA TYR B 429 4.93 -6.38 -37.48
C TYR B 429 6.08 -5.46 -37.09
N TRP B 430 7.31 -5.97 -37.16
CA TRP B 430 8.46 -5.18 -36.74
C TRP B 430 8.69 -4.00 -37.69
N ILE B 431 8.56 -4.23 -39.01
CA ILE B 431 8.80 -3.13 -39.94
C ILE B 431 7.72 -2.06 -39.81
N THR B 432 6.44 -2.45 -39.61
CA THR B 432 5.40 -1.44 -39.48
C THR B 432 5.56 -0.64 -38.18
N TYR B 433 5.99 -1.26 -37.08
CA TYR B 433 6.16 -0.47 -35.87
C TYR B 433 7.38 0.46 -35.96
N LYS B 434 8.48 0.01 -36.60
CA LYS B 434 9.62 0.90 -36.80
C LYS B 434 9.27 2.08 -37.70
N ILE B 435 8.47 1.84 -38.74
CA ILE B 435 8.20 2.96 -39.63
C ILE B 435 7.17 3.91 -39.01
N ILE B 436 6.22 3.40 -38.21
CA ILE B 436 5.28 4.33 -37.57
C ILE B 436 6.01 5.20 -36.54
N ARG B 437 6.99 4.66 -35.77
CA ARG B 437 7.70 5.57 -34.86
C ARG B 437 8.52 6.59 -35.64
N SER B 438 9.12 6.16 -36.76
CA SER B 438 9.89 7.06 -37.61
C SER B 438 9.03 8.19 -38.18
N GLU B 439 7.82 7.88 -38.63
CA GLU B 439 6.91 8.93 -39.09
C GLU B 439 6.43 9.83 -37.96
N ASP B 440 6.09 9.25 -36.80
CA ASP B 440 5.55 10.05 -35.70
C ASP B 440 6.56 11.03 -35.12
N ILE B 441 7.84 10.62 -35.02
CA ILE B 441 8.84 11.49 -34.38
C ILE B 441 9.03 12.80 -35.16
N HIS B 442 8.96 12.74 -36.50
CA HIS B 442 8.96 13.94 -37.33
C HIS B 442 7.77 14.85 -37.03
N MET C 32 -5.10 60.59 -5.88
CA MET C 32 -5.43 59.95 -4.61
C MET C 32 -4.47 58.78 -4.35
N PRO C 33 -3.99 58.66 -3.13
CA PRO C 33 -3.11 57.53 -2.81
C PRO C 33 -3.90 56.25 -2.62
N PRO C 34 -3.32 55.10 -2.99
CA PRO C 34 -4.06 53.84 -2.82
C PRO C 34 -4.17 53.42 -1.37
N SER C 35 -3.12 53.68 -0.57
CA SER C 35 -3.04 53.24 0.82
C SER C 35 -4.14 53.84 1.67
N GLU C 36 -4.41 55.14 1.47
CA GLU C 36 -5.45 55.83 2.22
C GLU C 36 -6.81 55.22 1.92
N PHE C 37 -7.10 54.90 0.66
CA PHE C 37 -8.40 54.32 0.36
C PHE C 37 -8.53 52.91 0.94
N LEU C 38 -7.47 52.09 0.82
CA LEU C 38 -7.56 50.73 1.33
C LEU C 38 -7.70 50.66 2.85
N ASP C 39 -7.00 51.52 3.60
CA ASP C 39 -7.26 51.43 5.04
C ASP C 39 -8.50 52.22 5.48
N LYS C 40 -8.88 53.28 4.77
CA LYS C 40 -10.09 54.01 5.13
C LYS C 40 -11.32 53.18 4.89
N LEU C 41 -11.28 52.34 3.85
CA LEU C 41 -12.48 51.60 3.45
C LEU C 41 -12.78 50.47 4.41
N MET C 42 -11.77 49.68 4.76
CA MET C 42 -11.99 48.46 5.53
C MET C 42 -11.02 48.34 6.68
N GLY C 43 -10.81 49.41 7.44
CA GLY C 43 -9.86 49.34 8.53
C GLY C 43 -10.46 49.75 9.86
N LYS C 44 -9.61 50.39 10.67
CA LYS C 44 -9.93 50.73 12.05
C LYS C 44 -10.75 52.00 12.16
N VAL C 45 -10.56 52.93 11.23
CA VAL C 45 -11.34 54.15 11.24
C VAL C 45 -12.76 53.88 10.76
N SER C 46 -12.94 52.85 9.96
CA SER C 46 -14.25 52.42 9.52
C SER C 46 -14.92 51.62 10.62
N GLY C 47 -16.22 51.82 10.78
CA GLY C 47 -17.02 51.06 11.73
C GLY C 47 -17.42 49.66 11.29
N TYR C 48 -16.63 49.07 10.39
CA TYR C 48 -16.90 47.76 9.78
C TYR C 48 -16.50 46.66 10.75
N ASP C 49 -17.47 46.02 11.38
CA ASP C 49 -17.15 44.84 12.19
C ASP C 49 -17.35 43.60 11.31
N ALA C 50 -16.31 42.79 11.22
CA ALA C 50 -16.30 41.60 10.37
C ALA C 50 -17.03 40.41 10.97
N ARG C 51 -17.56 40.53 12.16
CA ARG C 51 -18.28 39.45 12.81
C ARG C 51 -19.79 39.53 12.64
N ILE C 52 -20.30 40.57 11.99
CA ILE C 52 -21.73 40.77 11.83
C ILE C 52 -22.08 40.61 10.35
N ARG C 53 -23.14 39.85 10.08
CA ARG C 53 -23.63 39.67 8.72
C ARG C 53 -24.19 40.98 8.15
N PRO C 54 -24.08 41.19 6.84
CA PRO C 54 -24.77 42.31 6.21
C PRO C 54 -26.28 42.15 6.30
N ASN C 55 -26.96 43.30 6.35
CA ASN C 55 -28.42 43.39 6.55
C ASN C 55 -28.86 42.70 7.82
N PHE C 56 -28.18 43.04 8.92
CA PHE C 56 -28.50 42.48 10.23
C PHE C 56 -29.89 42.88 10.67
N LYS C 57 -30.60 41.93 11.29
CA LYS C 57 -32.03 42.01 11.63
C LYS C 57 -32.87 42.33 10.40
N GLY C 58 -32.57 41.64 9.31
CA GLY C 58 -33.16 41.92 8.01
C GLY C 58 -33.37 40.66 7.20
N PRO C 59 -33.80 40.84 5.94
CA PRO C 59 -33.99 39.69 5.06
C PRO C 59 -32.69 38.92 4.84
N PRO C 60 -32.79 37.61 4.67
CA PRO C 60 -31.60 36.76 4.45
C PRO C 60 -30.73 37.15 3.26
N VAL C 61 -29.42 36.97 3.45
CA VAL C 61 -28.40 37.31 2.46
C VAL C 61 -28.39 36.25 1.36
N ASN C 62 -28.77 36.65 0.14
CA ASN C 62 -28.79 35.72 -0.98
C ASN C 62 -27.39 35.53 -1.56
N VAL C 63 -27.07 34.28 -1.93
CA VAL C 63 -25.74 33.91 -2.42
C VAL C 63 -25.90 33.02 -3.65
N THR C 64 -25.34 33.46 -4.78
CA THR C 64 -25.26 32.64 -5.99
C THR C 64 -23.91 31.93 -6.10
N CYS C 65 -23.95 30.64 -6.46
CA CYS C 65 -22.76 29.79 -6.49
C CYS C 65 -22.51 29.24 -7.89
N ASN C 66 -21.31 29.48 -8.41
CA ASN C 66 -20.86 29.00 -9.72
C ASN C 66 -19.64 28.10 -9.54
N ILE C 67 -19.66 26.91 -10.15
CA ILE C 67 -18.58 25.93 -10.02
C ILE C 67 -17.94 25.63 -11.38
N PHE C 68 -16.60 25.60 -11.40
CA PHE C 68 -15.82 25.20 -12.58
C PHE C 68 -15.00 23.96 -12.24
N ILE C 69 -15.14 22.90 -13.04
CA ILE C 69 -14.45 21.63 -12.81
C ILE C 69 -13.13 21.61 -13.58
N ASN C 70 -12.01 21.62 -12.86
CA ASN C 70 -10.69 21.60 -13.47
C ASN C 70 -10.26 20.20 -13.90
N SER C 71 -10.39 19.20 -13.03
CA SER C 71 -9.88 17.86 -13.33
C SER C 71 -10.62 16.80 -12.54
N PHE C 72 -11.48 16.04 -13.20
CA PHE C 72 -12.20 14.92 -12.60
C PHE C 72 -11.32 13.68 -12.68
N GLY C 73 -11.18 12.95 -11.58
CA GLY C 73 -10.26 11.82 -11.62
C GLY C 73 -10.41 10.87 -10.44
N SER C 74 -9.66 9.76 -10.54
CA SER C 74 -9.53 8.75 -9.46
C SER C 74 -10.82 8.13 -8.97
N ILE C 75 -11.74 7.78 -9.89
CA ILE C 75 -12.93 7.06 -9.45
C ILE C 75 -12.56 5.63 -9.12
N ALA C 76 -13.09 5.12 -8.00
CA ALA C 76 -12.79 3.80 -7.53
C ALA C 76 -14.02 3.19 -6.90
N GLU C 77 -14.00 1.87 -6.76
CA GLU C 77 -15.13 1.13 -6.23
C GLU C 77 -14.96 0.66 -4.79
N THR C 78 -13.77 0.17 -4.42
CA THR C 78 -13.59 -0.41 -3.08
C THR C 78 -13.76 0.64 -1.99
N THR C 79 -13.08 1.78 -2.14
CA THR C 79 -13.16 2.87 -1.18
C THR C 79 -14.52 3.58 -1.22
N MET C 80 -15.25 3.50 -2.35
CA MET C 80 -16.56 4.15 -2.61
C MET C 80 -16.47 5.68 -2.71
N ASP C 81 -15.43 6.21 -3.36
CA ASP C 81 -15.33 7.66 -3.49
C ASP C 81 -14.51 8.06 -4.70
N TYR C 82 -14.63 9.33 -5.09
CA TYR C 82 -13.90 9.89 -6.22
C TYR C 82 -13.22 11.19 -5.81
N ARG C 83 -12.32 11.67 -6.67
CA ARG C 83 -11.52 12.87 -6.45
C ARG C 83 -11.86 13.94 -7.48
N VAL C 84 -11.98 15.20 -7.04
CA VAL C 84 -12.30 16.28 -7.97
C VAL C 84 -11.59 17.54 -7.53
N ASN C 85 -11.10 18.32 -8.50
CA ASN C 85 -10.45 19.61 -8.27
C ASN C 85 -11.32 20.70 -8.89
N ILE C 86 -11.94 21.53 -8.06
CA ILE C 86 -12.91 22.53 -8.51
C ILE C 86 -12.37 23.94 -8.33
N PHE C 87 -13.09 24.89 -8.94
CA PHE C 87 -12.94 26.35 -8.77
C PHE C 87 -14.26 26.91 -8.24
N LEU C 88 -14.45 26.90 -6.91
CA LEU C 88 -15.65 27.49 -6.32
C LEU C 88 -15.70 29.00 -6.53
N ARG C 89 -16.89 29.52 -6.84
CA ARG C 89 -17.12 30.96 -7.03
C ARG C 89 -18.47 31.33 -6.45
N GLN C 90 -18.50 32.25 -5.48
CA GLN C 90 -19.74 32.68 -4.84
C GLN C 90 -19.82 34.20 -4.79
N GLN C 91 -20.98 34.74 -5.14
CA GLN C 91 -21.22 36.18 -5.14
C GLN C 91 -22.34 36.56 -4.19
N TRP C 92 -22.16 37.64 -3.44
CA TRP C 92 -23.20 38.20 -2.60
C TRP C 92 -23.06 39.71 -2.55
N ASN C 93 -24.10 40.36 -2.04
CA ASN C 93 -24.14 41.82 -1.98
C ASN C 93 -23.95 42.31 -0.56
N ASP C 94 -23.31 43.47 -0.42
CA ASP C 94 -23.12 44.12 0.86
C ASP C 94 -23.60 45.56 0.75
N PRO C 95 -24.39 46.06 1.72
CA PRO C 95 -24.76 47.49 1.69
C PRO C 95 -23.60 48.41 2.01
N ARG C 96 -22.70 47.97 2.89
CA ARG C 96 -21.41 48.60 3.10
C ARG C 96 -20.51 48.23 1.93
N LEU C 97 -19.26 48.72 1.96
CA LEU C 97 -18.26 48.52 0.91
C LEU C 97 -18.74 49.07 -0.43
N ALA C 98 -19.45 50.18 -0.38
CA ALA C 98 -19.88 50.91 -1.58
C ALA C 98 -19.12 52.23 -1.61
N TYR C 99 -18.08 52.30 -2.45
CA TYR C 99 -17.18 53.44 -2.39
C TYR C 99 -17.72 54.63 -3.16
N SER C 100 -17.87 54.49 -4.48
CA SER C 100 -18.33 55.54 -5.41
C SER C 100 -17.51 56.83 -5.35
N GLU C 101 -16.19 56.72 -5.29
CA GLU C 101 -15.38 57.94 -5.35
C GLU C 101 -14.29 57.80 -6.40
N TYR C 102 -13.75 56.59 -6.59
CA TYR C 102 -12.86 56.40 -7.73
C TYR C 102 -13.67 56.31 -9.03
N PRO C 103 -13.09 56.77 -10.15
CA PRO C 103 -13.84 56.79 -11.41
C PRO C 103 -14.01 55.44 -12.09
N ASP C 104 -13.41 54.36 -11.59
CA ASP C 104 -13.52 53.07 -12.25
C ASP C 104 -14.63 52.22 -11.64
N ASP C 105 -14.97 51.15 -12.34
CA ASP C 105 -16.13 50.33 -11.99
C ASP C 105 -15.81 49.27 -10.94
N SER C 106 -14.72 48.54 -11.10
CA SER C 106 -14.38 47.44 -10.20
C SER C 106 -12.93 47.56 -9.77
N LEU C 107 -12.59 46.80 -8.74
CA LEU C 107 -11.23 46.80 -8.20
C LEU C 107 -10.77 45.38 -7.95
N ASP C 108 -9.56 45.06 -8.37
CA ASP C 108 -8.95 43.77 -8.10
C ASP C 108 -8.03 43.95 -6.89
N LEU C 109 -8.48 43.51 -5.73
CA LEU C 109 -7.73 43.73 -4.52
C LEU C 109 -6.73 42.61 -4.30
N ASP C 110 -5.86 42.80 -3.31
CA ASP C 110 -4.90 41.80 -2.93
C ASP C 110 -5.63 40.65 -2.22
N PRO C 111 -5.19 39.41 -2.40
CA PRO C 111 -5.80 38.31 -1.65
C PRO C 111 -5.24 37.97 -0.28
N SER C 112 -4.46 38.84 0.34
CA SER C 112 -3.96 38.55 1.67
C SER C 112 -4.79 39.24 2.74
N MET C 113 -5.72 40.10 2.34
CA MET C 113 -6.60 40.78 3.27
C MET C 113 -8.02 40.25 3.18
N LEU C 114 -8.14 38.94 2.97
CA LEU C 114 -9.44 38.27 2.98
C LEU C 114 -9.89 37.89 4.37
N ASP C 115 -9.15 38.30 5.40
CA ASP C 115 -9.56 38.02 6.77
C ASP C 115 -10.30 39.18 7.41
N SER C 116 -10.44 40.30 6.70
CA SER C 116 -11.12 41.47 7.24
C SER C 116 -12.48 41.71 6.60
N ILE C 117 -13.15 40.67 6.11
CA ILE C 117 -14.47 40.80 5.50
C ILE C 117 -15.33 39.63 5.96
N TRP C 118 -16.58 39.62 5.53
CA TRP C 118 -17.56 38.63 5.96
C TRP C 118 -17.66 37.53 4.91
N LYS C 119 -16.75 36.58 4.96
CA LYS C 119 -16.93 35.38 4.16
C LYS C 119 -18.04 34.51 4.76
N PRO C 120 -18.90 33.92 3.94
CA PRO C 120 -19.88 32.97 4.46
C PRO C 120 -19.28 31.60 4.69
N ASP C 121 -19.87 30.85 5.62
CA ASP C 121 -19.43 29.48 5.86
C ASP C 121 -20.06 28.54 4.84
N LEU C 122 -19.28 27.54 4.41
CA LEU C 122 -19.76 26.58 3.42
C LEU C 122 -18.93 25.32 3.59
N PHE C 123 -19.62 24.19 3.67
CA PHE C 123 -18.96 22.89 3.73
C PHE C 123 -19.76 21.88 2.91
N PHE C 124 -19.14 20.74 2.66
CA PHE C 124 -19.74 19.67 1.89
C PHE C 124 -20.05 18.50 2.84
N ALA C 125 -21.25 17.93 2.70
CA ALA C 125 -21.66 16.85 3.61
C ALA C 125 -20.78 15.61 3.48
N ASN C 126 -20.51 15.18 2.25
CA ASN C 126 -19.61 14.05 2.01
C ASN C 126 -18.17 14.52 1.85
N GLU C 127 -17.61 15.00 2.95
CA GLU C 127 -16.29 15.63 2.96
C GLU C 127 -15.16 14.73 3.47
N LYS C 128 -14.21 14.45 2.61
CA LYS C 128 -12.98 13.76 2.97
C LYS C 128 -11.85 14.57 2.33
N GLY C 129 -10.67 14.57 2.95
CA GLY C 129 -9.60 15.43 2.44
C GLY C 129 -9.98 16.90 2.52
N ALA C 130 -10.06 17.54 1.34
CA ALA C 130 -10.45 18.94 1.11
C ALA C 130 -9.41 20.01 1.45
N ASN C 131 -8.13 19.68 1.52
CA ASN C 131 -7.09 20.66 1.78
C ASN C 131 -6.90 21.68 0.67
N PHE C 132 -6.60 22.94 1.06
CA PHE C 132 -6.35 24.04 0.14
C PHE C 132 -4.99 23.94 -0.54
N HIS C 133 -4.87 24.61 -1.69
CA HIS C 133 -3.64 24.69 -2.48
C HIS C 133 -2.94 26.02 -2.23
N GLU C 134 -1.76 26.01 -1.60
CA GLU C 134 -1.06 27.27 -1.30
C GLU C 134 0.38 27.14 -1.78
N VAL C 135 0.59 27.27 -3.09
CA VAL C 135 1.92 27.24 -3.69
C VAL C 135 2.36 28.67 -4.00
N THR C 136 3.46 29.10 -3.38
CA THR C 136 4.12 30.41 -3.47
C THR C 136 3.22 31.47 -2.82
N THR C 137 2.00 31.60 -3.34
CA THR C 137 0.99 32.52 -2.87
C THR C 137 -0.31 31.73 -2.78
N ASP C 138 -1.18 32.12 -1.85
CA ASP C 138 -2.46 31.46 -1.68
C ASP C 138 -3.32 31.67 -2.94
N ASN C 139 -3.92 30.58 -3.42
CA ASN C 139 -4.78 30.65 -4.60
C ASN C 139 -6.14 31.17 -4.16
N LYS C 140 -6.28 32.49 -4.24
CA LYS C 140 -7.45 33.23 -3.80
C LYS C 140 -7.71 34.37 -4.77
N LEU C 141 -8.94 34.88 -4.79
CA LEU C 141 -9.27 35.99 -5.67
C LEU C 141 -10.33 36.85 -5.00
N LEU C 142 -10.16 38.17 -5.09
CA LEU C 142 -11.09 39.15 -4.55
C LEU C 142 -11.41 40.21 -5.59
N ARG C 143 -12.70 40.53 -5.74
CA ARG C 143 -13.13 41.64 -6.56
C ARG C 143 -14.29 42.33 -5.87
N ILE C 144 -14.48 43.61 -6.16
CA ILE C 144 -15.48 44.44 -5.50
C ILE C 144 -15.98 45.47 -6.50
N SER C 145 -17.29 45.61 -6.63
CA SER C 145 -17.89 46.56 -7.56
C SER C 145 -18.33 47.81 -6.81
N LYS C 146 -18.89 48.76 -7.56
CA LYS C 146 -19.27 50.04 -7.00
C LYS C 146 -20.49 49.91 -6.09
N ASN C 147 -21.43 49.06 -6.46
CA ASN C 147 -22.64 48.88 -5.66
C ASN C 147 -22.39 48.05 -4.41
N GLY C 148 -21.40 47.15 -4.44
CA GLY C 148 -21.13 46.30 -3.30
C GLY C 148 -21.12 44.82 -3.59
N ASN C 149 -21.23 44.44 -4.84
CA ASN C 149 -21.20 43.05 -5.24
C ASN C 149 -19.77 42.51 -5.23
N VAL C 150 -19.52 41.46 -4.45
CA VAL C 150 -18.19 40.90 -4.31
C VAL C 150 -18.08 39.63 -5.13
N LEU C 151 -16.85 39.17 -5.35
CA LEU C 151 -16.58 37.95 -6.11
C LEU C 151 -15.44 37.20 -5.42
N TYR C 152 -15.74 36.02 -4.89
CA TYR C 152 -14.81 35.20 -4.13
C TYR C 152 -14.53 33.89 -4.88
N SER C 153 -13.26 33.62 -5.18
CA SER C 153 -12.87 32.41 -5.91
C SER C 153 -11.80 31.62 -5.15
N ILE C 154 -12.04 30.32 -4.96
CA ILE C 154 -11.19 29.44 -4.16
C ILE C 154 -10.93 28.16 -4.95
N ARG C 155 -9.66 27.73 -5.00
CA ARG C 155 -9.28 26.43 -5.56
C ARG C 155 -9.14 25.39 -4.45
N ILE C 156 -9.85 24.27 -4.56
CA ILE C 156 -9.88 23.19 -3.55
C ILE C 156 -10.03 21.84 -4.23
N THR C 157 -9.23 20.86 -3.78
CA THR C 157 -9.36 19.46 -4.19
C THR C 157 -10.21 18.66 -3.20
N LEU C 158 -11.29 18.06 -3.67
CA LEU C 158 -12.28 17.37 -2.83
C LEU C 158 -12.24 15.86 -3.07
N VAL C 159 -12.14 15.10 -1.98
CA VAL C 159 -12.46 13.66 -2.00
C VAL C 159 -13.91 13.51 -1.54
N LEU C 160 -14.79 13.05 -2.44
CA LEU C 160 -16.22 13.00 -2.18
C LEU C 160 -16.73 11.56 -2.28
N ALA C 161 -17.58 11.16 -1.34
CA ALA C 161 -18.08 9.79 -1.27
C ALA C 161 -19.31 9.61 -2.16
N CYS C 162 -19.24 8.64 -3.07
CA CYS C 162 -20.35 8.29 -3.95
C CYS C 162 -20.81 6.87 -3.64
N PRO C 163 -22.03 6.65 -3.16
CA PRO C 163 -22.55 5.30 -2.85
C PRO C 163 -23.13 4.58 -4.06
N MET C 164 -22.24 4.11 -4.92
CA MET C 164 -22.64 3.45 -6.17
C MET C 164 -23.32 2.10 -5.93
N ASP C 165 -24.30 1.80 -6.79
CA ASP C 165 -25.03 0.55 -6.77
C ASP C 165 -24.58 -0.31 -7.95
N LEU C 166 -23.97 -1.45 -7.64
CA LEU C 166 -23.44 -2.35 -8.66
C LEU C 166 -24.40 -3.49 -8.97
N LYS C 167 -25.66 -3.18 -9.26
CA LYS C 167 -26.61 -4.24 -9.65
C LYS C 167 -26.23 -4.87 -10.99
N ASN C 168 -25.76 -4.06 -11.93
CA ASN C 168 -25.31 -4.51 -13.24
C ASN C 168 -23.86 -4.06 -13.36
N PHE C 169 -22.90 -4.96 -13.13
CA PHE C 169 -21.50 -4.50 -13.02
C PHE C 169 -20.86 -4.07 -14.33
N PRO C 170 -20.84 -4.85 -15.41
CA PRO C 170 -20.12 -4.34 -16.61
C PRO C 170 -20.82 -3.18 -17.28
N MET C 171 -22.16 -3.16 -17.30
CA MET C 171 -22.91 -2.10 -17.96
C MET C 171 -23.66 -1.35 -16.87
N ASP C 172 -23.34 -0.08 -16.65
CA ASP C 172 -24.01 0.65 -15.58
C ASP C 172 -23.87 2.14 -15.78
N VAL C 173 -24.78 2.86 -15.15
CA VAL C 173 -24.73 4.31 -15.02
C VAL C 173 -24.71 4.67 -13.55
N GLN C 174 -23.77 5.50 -13.15
CA GLN C 174 -23.58 5.86 -11.76
C GLN C 174 -23.86 7.34 -11.58
N THR C 175 -24.61 7.69 -10.53
CA THR C 175 -24.92 9.06 -10.19
C THR C 175 -24.17 9.43 -8.93
N CYS C 176 -23.36 10.49 -9.01
CA CYS C 176 -22.55 10.95 -7.89
C CYS C 176 -22.97 12.35 -7.48
N ILE C 177 -23.01 12.58 -6.16
CA ILE C 177 -23.70 13.71 -5.54
C ILE C 177 -22.67 14.67 -4.96
N MET C 178 -22.84 15.96 -5.23
CA MET C 178 -22.12 17.04 -4.56
C MET C 178 -23.10 17.93 -3.81
N GLN C 179 -22.88 18.15 -2.51
CA GLN C 179 -23.79 18.95 -1.67
C GLN C 179 -23.05 20.13 -1.04
N LEU C 180 -23.63 21.31 -1.15
CA LEU C 180 -23.12 22.54 -0.53
C LEU C 180 -24.13 23.07 0.47
N GLU C 181 -23.74 23.21 1.74
CA GLU C 181 -24.71 23.63 2.75
C GLU C 181 -24.04 24.46 3.85
N SER C 182 -24.86 25.23 4.56
CA SER C 182 -24.42 26.13 5.63
C SER C 182 -24.42 25.44 6.98
N PHE C 183 -23.25 25.36 7.62
CA PHE C 183 -23.14 24.72 8.92
C PHE C 183 -23.81 25.51 10.04
N GLY C 184 -23.53 26.81 10.13
CA GLY C 184 -23.95 27.55 11.30
C GLY C 184 -25.13 28.50 11.25
N TYR C 185 -25.74 28.73 10.09
CA TYR C 185 -26.83 29.69 10.01
C TYR C 185 -28.11 28.97 9.62
N THR C 186 -29.25 29.51 10.03
CA THR C 186 -30.54 28.88 9.75
C THR C 186 -31.08 29.44 8.43
N MET C 187 -32.35 29.14 8.12
CA MET C 187 -32.95 29.60 6.88
C MET C 187 -33.15 31.09 6.85
N ASN C 188 -33.41 31.71 8.01
CA ASN C 188 -33.59 33.15 8.11
C ASN C 188 -32.38 33.98 7.65
N ASP C 189 -31.25 33.35 7.35
CA ASP C 189 -30.02 33.98 6.89
C ASP C 189 -29.41 33.08 5.83
N LEU C 190 -28.52 33.64 5.02
CA LEU C 190 -27.66 32.94 4.05
C LEU C 190 -28.38 31.88 3.19
N ILE C 191 -29.43 32.28 2.49
CA ILE C 191 -30.05 31.34 1.54
C ILE C 191 -29.17 31.17 0.31
N PHE C 192 -28.85 29.91 -0.02
CA PHE C 192 -28.01 29.58 -1.16
C PHE C 192 -28.83 29.36 -2.43
N GLU C 193 -28.51 30.09 -3.48
CA GLU C 193 -29.15 29.96 -4.78
C GLU C 193 -28.15 29.53 -5.85
N TRP C 194 -28.64 28.85 -6.88
CA TRP C 194 -27.80 28.52 -8.03
C TRP C 194 -27.77 29.70 -8.99
N ASP C 195 -26.96 29.57 -10.03
CA ASP C 195 -26.85 30.59 -11.07
C ASP C 195 -27.58 30.12 -12.32
N GLU C 196 -28.38 31.03 -12.90
CA GLU C 196 -29.21 30.67 -14.06
C GLU C 196 -28.38 30.31 -15.27
N LYS C 197 -27.29 31.01 -15.52
CA LYS C 197 -26.49 30.77 -16.72
C LYS C 197 -25.10 30.27 -16.31
N GLY C 198 -24.64 29.21 -16.96
CA GLY C 198 -23.33 28.64 -16.73
C GLY C 198 -23.08 28.17 -15.30
N ALA C 199 -24.03 27.46 -14.71
CA ALA C 199 -23.88 27.00 -13.33
C ALA C 199 -22.74 26.01 -13.16
N VAL C 200 -22.58 25.08 -14.09
CA VAL C 200 -21.51 24.08 -14.03
C VAL C 200 -20.75 24.11 -15.35
N GLN C 201 -19.45 24.33 -15.27
CA GLN C 201 -18.59 24.34 -16.45
C GLN C 201 -17.52 23.26 -16.31
N VAL C 202 -17.01 22.80 -17.45
CA VAL C 202 -15.97 21.78 -17.50
C VAL C 202 -14.84 22.30 -18.38
N ALA C 203 -13.60 21.99 -18.01
CA ALA C 203 -12.44 22.38 -18.78
C ALA C 203 -12.43 21.65 -20.12
N ASP C 204 -12.00 22.35 -21.16
CA ASP C 204 -11.96 21.79 -22.50
C ASP C 204 -10.95 20.66 -22.61
N GLY C 205 -11.31 19.63 -23.37
CA GLY C 205 -10.46 18.47 -23.55
C GLY C 205 -10.19 17.67 -22.29
N LEU C 206 -11.21 17.45 -21.48
CA LEU C 206 -11.09 16.66 -20.27
C LEU C 206 -11.69 15.29 -20.52
N THR C 207 -10.90 14.25 -20.26
CA THR C 207 -11.31 12.88 -20.52
C THR C 207 -11.01 12.02 -19.30
N LEU C 208 -11.75 10.93 -19.19
CA LEU C 208 -11.58 9.93 -18.17
C LEU C 208 -11.23 8.62 -18.85
N PRO C 209 -10.26 7.87 -18.33
CA PRO C 209 -9.88 6.60 -18.97
C PRO C 209 -10.97 5.55 -18.93
N GLN C 210 -11.68 5.43 -17.82
CA GLN C 210 -12.66 4.36 -17.63
C GLN C 210 -14.10 4.78 -17.95
N PHE C 211 -14.52 6.00 -17.63
CA PHE C 211 -15.91 6.44 -17.76
C PHE C 211 -16.07 7.53 -18.80
N ILE C 212 -17.29 7.69 -19.32
CA ILE C 212 -17.66 8.82 -20.17
C ILE C 212 -18.65 9.71 -19.43
N LEU C 213 -18.29 10.98 -19.25
CA LEU C 213 -19.17 11.95 -18.63
C LEU C 213 -20.27 12.42 -19.59
N LYS C 214 -21.48 12.58 -19.06
CA LYS C 214 -22.64 13.03 -19.83
C LYS C 214 -22.91 14.52 -19.60
N GLU C 215 -23.19 15.22 -20.69
CA GLU C 215 -23.45 16.67 -20.62
C GLU C 215 -24.94 16.91 -20.34
N GLU C 216 -25.35 16.53 -19.12
CA GLU C 216 -26.71 16.86 -18.66
C GLU C 216 -26.69 17.72 -17.40
N LYS C 217 -26.08 17.26 -16.30
CA LYS C 217 -25.83 18.04 -15.08
C LYS C 217 -27.08 18.68 -14.46
N ASP C 218 -28.09 17.85 -14.20
CA ASP C 218 -29.32 18.32 -13.56
C ASP C 218 -29.08 18.82 -12.14
N LEU C 219 -29.65 20.00 -11.84
CA LEU C 219 -29.45 20.71 -10.58
C LEU C 219 -30.76 20.84 -9.83
N ARG C 220 -30.78 20.38 -8.58
CA ARG C 220 -31.92 20.61 -7.70
C ARG C 220 -31.42 20.79 -6.27
N TYR C 221 -32.24 21.42 -5.44
CA TYR C 221 -31.85 21.68 -4.06
C TYR C 221 -32.78 21.02 -3.04
N CYS C 222 -32.18 20.41 -2.03
CA CYS C 222 -32.90 19.74 -0.95
C CYS C 222 -32.50 20.34 0.41
N THR C 223 -33.48 20.84 1.16
CA THR C 223 -33.24 21.43 2.46
C THR C 223 -32.91 20.33 3.48
N LYS C 224 -32.21 20.71 4.56
CA LYS C 224 -31.81 19.81 5.63
C LYS C 224 -32.53 20.19 6.92
N HIS C 225 -33.11 19.21 7.60
CA HIS C 225 -33.79 19.42 8.88
C HIS C 225 -33.02 18.75 10.00
N TYR C 226 -32.79 19.50 11.08
CA TYR C 226 -32.11 18.99 12.27
C TYR C 226 -32.90 19.44 13.48
N ASN C 227 -32.57 18.86 14.64
CA ASN C 227 -33.17 19.29 15.89
C ASN C 227 -32.81 20.74 16.23
N THR C 228 -31.57 21.14 15.92
CA THR C 228 -31.16 22.54 16.14
C THR C 228 -31.93 23.50 15.24
N GLY C 229 -32.16 23.13 13.98
CA GLY C 229 -32.90 24.00 13.08
C GLY C 229 -32.91 23.42 11.68
N LYS C 230 -33.43 24.22 10.75
CA LYS C 230 -33.51 23.85 9.34
C LYS C 230 -32.52 24.69 8.53
N PHE C 231 -31.67 24.01 7.76
CA PHE C 231 -30.51 24.60 7.09
C PHE C 231 -30.56 24.41 5.58
N THR C 232 -30.19 25.45 4.84
CA THR C 232 -30.23 25.43 3.38
C THR C 232 -29.15 24.51 2.79
N CYS C 233 -29.45 23.93 1.63
CA CYS C 233 -28.50 23.11 0.89
C CYS C 233 -28.84 23.12 -0.59
N ILE C 234 -27.84 22.90 -1.44
CA ILE C 234 -28.01 22.77 -2.88
C ILE C 234 -27.17 21.58 -3.36
N GLU C 235 -27.65 20.92 -4.41
CA GLU C 235 -27.09 19.66 -4.87
C GLU C 235 -26.82 19.69 -6.37
N ALA C 236 -25.73 19.03 -6.80
CA ALA C 236 -25.38 18.88 -8.21
C ALA C 236 -25.11 17.41 -8.53
N ARG C 237 -25.64 16.94 -9.66
CA ARG C 237 -25.55 15.53 -10.03
C ARG C 237 -24.83 15.32 -11.35
N PHE C 238 -23.94 14.33 -11.39
CA PHE C 238 -23.19 13.97 -12.58
C PHE C 238 -23.51 12.53 -12.97
N HIS C 239 -23.66 12.27 -14.27
CA HIS C 239 -23.96 10.94 -14.78
C HIS C 239 -22.74 10.36 -15.47
N LEU C 240 -22.40 9.12 -15.15
CA LEU C 240 -21.22 8.46 -15.69
C LEU C 240 -21.56 7.14 -16.38
N GLU C 241 -20.99 6.90 -17.56
CA GLU C 241 -21.16 5.65 -18.30
C GLU C 241 -19.85 4.90 -18.38
N ARG C 242 -19.86 3.64 -17.93
CA ARG C 242 -18.65 2.82 -17.97
C ARG C 242 -18.40 2.29 -19.38
N GLN C 243 -17.13 2.20 -19.75
CA GLN C 243 -16.73 1.66 -21.04
C GLN C 243 -16.65 0.15 -20.99
N MET C 244 -17.26 -0.47 -21.99
CA MET C 244 -17.38 -1.92 -22.14
C MET C 244 -16.15 -2.55 -22.79
N GLY C 245 -15.24 -1.72 -23.32
CA GLY C 245 -14.13 -2.22 -24.15
C GLY C 245 -13.14 -3.09 -23.39
N TYR C 246 -12.76 -2.68 -22.19
CA TYR C 246 -11.72 -3.35 -21.43
C TYR C 246 -12.23 -4.68 -20.88
N TYR C 247 -13.45 -4.66 -20.36
CA TYR C 247 -14.02 -5.82 -19.68
C TYR C 247 -14.19 -6.97 -20.66
N LEU C 248 -14.51 -6.67 -21.93
CA LEU C 248 -14.70 -7.74 -22.91
C LEU C 248 -13.42 -8.52 -23.13
N ILE C 249 -12.31 -7.81 -23.33
CA ILE C 249 -11.04 -8.43 -23.61
C ILE C 249 -10.50 -9.20 -22.40
N GLN C 250 -10.57 -8.62 -21.19
CA GLN C 250 -10.11 -9.41 -20.05
C GLN C 250 -10.99 -10.57 -19.67
N MET C 251 -12.31 -10.45 -19.74
CA MET C 251 -13.09 -11.56 -19.22
C MET C 251 -13.97 -12.28 -20.21
N TYR C 252 -14.69 -11.56 -21.07
CA TYR C 252 -15.66 -12.21 -21.96
C TYR C 252 -14.99 -13.12 -22.98
N ILE C 253 -13.94 -12.63 -23.64
CA ILE C 253 -13.23 -13.40 -24.66
C ILE C 253 -12.46 -14.61 -24.10
N PRO C 254 -11.65 -14.54 -23.03
CA PRO C 254 -10.96 -15.78 -22.59
C PRO C 254 -11.90 -16.84 -22.05
N SER C 255 -12.96 -16.46 -21.33
CA SER C 255 -13.89 -17.47 -20.84
C SER C 255 -14.55 -18.18 -22.02
N LEU C 256 -14.97 -17.41 -23.03
CA LEU C 256 -15.51 -17.99 -24.24
C LEU C 256 -14.45 -18.81 -24.98
N LEU C 257 -13.16 -18.53 -24.77
CA LEU C 257 -12.11 -19.35 -25.35
C LEU C 257 -12.04 -20.69 -24.64
N ILE C 258 -12.13 -20.69 -23.30
CA ILE C 258 -12.07 -21.92 -22.52
C ILE C 258 -13.22 -22.81 -22.95
N VAL C 259 -14.39 -22.18 -23.15
CA VAL C 259 -15.59 -22.86 -23.60
C VAL C 259 -15.34 -23.47 -24.99
N ILE C 260 -14.67 -22.71 -25.86
CA ILE C 260 -14.37 -23.18 -27.22
C ILE C 260 -13.41 -24.36 -27.16
N LEU C 261 -12.45 -24.29 -26.25
CA LEU C 261 -11.50 -25.35 -25.97
C LEU C 261 -12.18 -26.61 -25.42
N SER C 262 -13.39 -26.48 -24.87
CA SER C 262 -14.16 -27.70 -24.60
C SER C 262 -15.19 -28.10 -25.68
N TRP C 263 -15.59 -27.23 -26.62
CA TRP C 263 -16.71 -27.60 -27.50
C TRP C 263 -16.41 -28.75 -28.45
N VAL C 264 -15.26 -28.74 -29.11
CA VAL C 264 -14.97 -29.74 -30.14
C VAL C 264 -13.53 -30.21 -30.05
N SER C 265 -12.91 -29.99 -28.90
CA SER C 265 -11.60 -30.60 -28.68
C SER C 265 -11.63 -32.02 -28.13
N PHE C 266 -12.49 -32.39 -27.19
CA PHE C 266 -12.42 -33.78 -26.74
C PHE C 266 -13.50 -34.69 -27.30
N TRP C 267 -14.62 -34.14 -27.76
CA TRP C 267 -15.66 -34.93 -28.42
C TRP C 267 -15.14 -35.68 -29.64
N ILE C 268 -14.24 -35.06 -30.39
CA ILE C 268 -13.60 -35.72 -31.52
C ILE C 268 -12.74 -36.90 -31.07
N ASN C 269 -12.06 -36.76 -29.93
CA ASN C 269 -11.14 -37.78 -29.44
C ASN C 269 -11.82 -39.10 -29.10
N MET C 270 -11.02 -40.16 -29.18
CA MET C 270 -11.44 -41.55 -28.98
C MET C 270 -12.02 -41.74 -27.59
N ASP C 271 -13.06 -42.60 -27.52
CA ASP C 271 -13.78 -42.83 -26.27
C ASP C 271 -12.89 -43.42 -25.18
N ALA C 272 -11.99 -44.34 -25.53
CA ALA C 272 -11.09 -44.90 -24.53
C ALA C 272 -9.85 -44.02 -24.36
N ALA C 273 -10.06 -42.81 -23.82
CA ALA C 273 -8.89 -41.97 -23.55
C ALA C 273 -8.83 -41.38 -22.14
N PRO C 274 -7.72 -41.60 -21.43
CA PRO C 274 -7.53 -40.95 -20.12
C PRO C 274 -7.39 -39.45 -20.23
N ALA C 275 -6.72 -39.03 -21.30
CA ALA C 275 -6.47 -37.63 -21.57
C ALA C 275 -7.73 -36.84 -21.76
N ARG C 276 -8.78 -37.42 -22.34
CA ARG C 276 -10.00 -36.66 -22.60
C ARG C 276 -10.59 -36.13 -21.29
N VAL C 277 -10.58 -36.96 -20.26
CA VAL C 277 -11.11 -36.55 -18.96
C VAL C 277 -10.12 -35.59 -18.32
N GLY C 278 -8.80 -35.81 -18.54
CA GLY C 278 -7.80 -34.88 -18.03
C GLY C 278 -8.01 -33.48 -18.59
N LEU C 279 -8.24 -33.40 -19.91
CA LEU C 279 -8.50 -32.16 -20.61
C LEU C 279 -9.66 -31.44 -19.95
N GLY C 280 -10.74 -32.20 -19.69
CA GLY C 280 -11.96 -31.58 -19.20
C GLY C 280 -11.78 -31.09 -17.78
N ILE C 281 -11.09 -31.87 -16.94
CA ILE C 281 -10.91 -31.51 -15.54
C ILE C 281 -10.09 -30.23 -15.47
N THR C 282 -8.99 -30.15 -16.26
CA THR C 282 -8.13 -28.97 -16.26
C THR C 282 -8.88 -27.73 -16.69
N THR C 283 -9.74 -27.85 -17.73
CA THR C 283 -10.53 -26.71 -18.18
C THR C 283 -11.47 -26.21 -17.09
N VAL C 284 -12.10 -27.14 -16.35
CA VAL C 284 -13.01 -26.76 -15.26
C VAL C 284 -12.23 -26.02 -14.18
N LEU C 285 -11.06 -26.54 -13.86
CA LEU C 285 -10.20 -25.99 -12.82
C LEU C 285 -9.74 -24.58 -13.14
N THR C 286 -9.09 -24.38 -14.28
CA THR C 286 -8.66 -23.03 -14.62
C THR C 286 -9.81 -22.04 -14.81
N MET C 287 -10.97 -22.44 -15.35
CA MET C 287 -12.03 -21.45 -15.48
C MET C 287 -12.54 -21.01 -14.10
N THR C 288 -12.68 -21.95 -13.14
CA THR C 288 -13.11 -21.53 -11.80
C THR C 288 -12.05 -20.63 -11.15
N THR C 289 -10.76 -20.89 -11.42
CA THR C 289 -9.71 -20.02 -10.89
C THR C 289 -9.83 -18.61 -11.50
N GLN C 290 -10.21 -18.52 -12.78
CA GLN C 290 -10.48 -17.22 -13.40
C GLN C 290 -11.68 -16.53 -12.78
N SER C 291 -12.71 -17.31 -12.45
CA SER C 291 -13.90 -16.77 -11.80
C SER C 291 -13.57 -16.16 -10.45
N SER C 292 -12.70 -16.84 -9.69
CA SER C 292 -12.20 -16.28 -8.44
C SER C 292 -11.37 -15.01 -8.69
N GLY C 293 -10.58 -15.03 -9.77
CA GLY C 293 -9.76 -13.88 -10.14
C GLY C 293 -10.54 -12.62 -10.49
N SER C 294 -11.72 -12.78 -11.10
CA SER C 294 -12.53 -11.65 -11.54
C SER C 294 -12.97 -10.74 -10.39
N ARG C 295 -13.38 -11.32 -9.27
CA ARG C 295 -13.81 -10.53 -8.10
C ARG C 295 -12.65 -10.15 -7.20
N ALA C 296 -11.82 -9.23 -7.68
CA ALA C 296 -10.69 -8.78 -6.88
C ALA C 296 -10.82 -7.32 -6.48
N SER C 297 -10.98 -6.42 -7.45
CA SER C 297 -11.15 -5.00 -7.14
C SER C 297 -12.46 -4.71 -6.41
N LEU C 298 -13.50 -5.49 -6.72
CA LEU C 298 -14.86 -5.23 -6.27
C LEU C 298 -15.02 -5.28 -4.74
N PRO C 299 -15.77 -4.35 -4.16
CA PRO C 299 -16.08 -4.43 -2.74
C PRO C 299 -17.08 -5.55 -2.48
N LYS C 300 -17.03 -6.10 -1.28
CA LYS C 300 -17.91 -7.19 -0.91
C LYS C 300 -19.36 -6.72 -0.86
N VAL C 301 -20.26 -7.44 -1.55
CA VAL C 301 -21.68 -7.11 -1.59
C VAL C 301 -22.49 -8.40 -1.55
N SER C 302 -23.68 -8.31 -0.94
CA SER C 302 -24.57 -9.47 -0.82
C SER C 302 -25.18 -9.89 -2.15
N TYR C 303 -25.68 -8.93 -2.92
CA TYR C 303 -26.41 -9.21 -4.16
C TYR C 303 -25.49 -9.68 -5.29
N VAL C 304 -26.11 -10.31 -6.29
CA VAL C 304 -25.41 -10.94 -7.41
C VAL C 304 -25.38 -10.03 -8.64
N LYS C 305 -24.17 -9.80 -9.15
CA LYS C 305 -23.89 -9.02 -10.35
C LYS C 305 -24.07 -9.85 -11.63
N ALA C 306 -24.17 -9.15 -12.76
CA ALA C 306 -24.36 -9.79 -14.07
C ALA C 306 -23.18 -10.68 -14.47
N ILE C 307 -21.96 -10.22 -14.19
CA ILE C 307 -20.75 -10.97 -14.53
C ILE C 307 -20.73 -12.31 -13.80
N ASP C 308 -21.26 -12.35 -12.57
CA ASP C 308 -21.40 -13.59 -11.83
C ASP C 308 -22.33 -14.56 -12.52
N ILE C 309 -23.42 -14.05 -13.11
CA ILE C 309 -24.36 -14.90 -13.86
C ILE C 309 -23.68 -15.53 -15.04
N TRP C 310 -22.90 -14.74 -15.78
CA TRP C 310 -22.22 -15.26 -16.97
C TRP C 310 -21.18 -16.33 -16.60
N MET C 311 -20.38 -16.06 -15.56
CA MET C 311 -19.38 -17.04 -15.13
C MET C 311 -20.02 -18.33 -14.62
N ALA C 312 -21.14 -18.21 -13.90
CA ALA C 312 -21.84 -19.39 -13.40
C ALA C 312 -22.38 -20.26 -14.54
N VAL C 313 -22.94 -19.63 -15.57
CA VAL C 313 -23.46 -20.38 -16.71
C VAL C 313 -22.34 -21.09 -17.49
N CYS C 314 -21.20 -20.42 -17.69
CA CYS C 314 -20.07 -21.05 -18.37
C CYS C 314 -19.54 -22.25 -17.56
N LEU C 315 -19.48 -22.08 -16.24
CA LEU C 315 -19.05 -23.17 -15.36
C LEU C 315 -20.02 -24.36 -15.44
N LEU C 316 -21.32 -24.06 -15.59
CA LEU C 316 -22.31 -25.12 -15.74
C LEU C 316 -22.09 -25.93 -17.03
N PHE C 317 -21.77 -25.25 -18.14
CA PHE C 317 -21.49 -26.00 -19.39
C PHE C 317 -20.25 -26.88 -19.27
N VAL C 318 -19.15 -26.34 -18.76
CA VAL C 318 -17.93 -27.16 -18.70
C VAL C 318 -18.09 -28.33 -17.72
N PHE C 319 -18.83 -28.16 -16.62
CA PHE C 319 -19.12 -29.26 -15.71
C PHE C 319 -19.99 -30.32 -16.39
N SER C 320 -20.94 -29.87 -17.22
CA SER C 320 -21.78 -30.82 -17.95
C SER C 320 -20.97 -31.66 -18.92
N ALA C 321 -19.90 -31.08 -19.49
CA ALA C 321 -19.03 -31.84 -20.41
C ALA C 321 -18.49 -33.12 -19.74
N LEU C 322 -18.02 -33.00 -18.49
CA LEU C 322 -17.51 -34.16 -17.77
C LEU C 322 -18.66 -35.12 -17.48
N LEU C 323 -19.82 -34.56 -17.14
CA LEU C 323 -21.01 -35.35 -16.87
C LEU C 323 -21.27 -36.32 -18.02
N GLU C 324 -21.43 -35.75 -19.23
CA GLU C 324 -21.61 -36.54 -20.45
C GLU C 324 -20.52 -37.61 -20.64
N TYR C 325 -19.26 -37.28 -20.33
CA TYR C 325 -18.21 -38.30 -20.37
C TYR C 325 -18.48 -39.47 -19.42
N ALA C 326 -18.80 -39.16 -18.16
CA ALA C 326 -19.18 -40.19 -17.20
C ALA C 326 -20.29 -41.09 -17.73
N ALA C 327 -21.29 -40.48 -18.39
CA ALA C 327 -22.39 -41.25 -18.96
C ALA C 327 -21.91 -42.22 -20.04
N VAL C 328 -21.16 -41.74 -21.03
CA VAL C 328 -20.70 -42.63 -22.10
C VAL C 328 -19.73 -43.69 -21.58
N ASN C 329 -18.89 -43.36 -20.60
CA ASN C 329 -18.00 -44.34 -19.99
C ASN C 329 -18.77 -45.44 -19.28
N PHE C 330 -19.84 -45.08 -18.56
CA PHE C 330 -20.65 -46.09 -17.88
C PHE C 330 -21.38 -47.01 -18.86
N ILE C 331 -21.88 -46.46 -19.96
CA ILE C 331 -22.52 -47.28 -20.98
C ILE C 331 -21.51 -48.21 -21.65
N ALA C 332 -20.32 -47.70 -21.96
CA ALA C 332 -19.26 -48.52 -22.53
C ALA C 332 -18.79 -49.60 -21.56
N ARG C 333 -18.74 -49.30 -20.26
CA ARG C 333 -18.39 -50.31 -19.26
C ARG C 333 -19.41 -51.46 -19.26
N GLN C 334 -20.71 -51.14 -19.34
CA GLN C 334 -21.71 -52.22 -19.45
C GLN C 334 -21.49 -53.04 -20.72
N HIS C 335 -21.14 -52.36 -21.81
CA HIS C 335 -20.87 -53.04 -23.09
C HIS C 335 -19.70 -54.01 -22.96
N LYS C 336 -18.62 -53.57 -22.33
CA LYS C 336 -17.44 -54.43 -22.13
C LYS C 336 -17.73 -55.56 -21.15
N GLU C 337 -18.50 -55.29 -20.09
CA GLU C 337 -18.82 -56.27 -19.07
C GLU C 337 -19.63 -57.41 -19.66
N LEU C 338 -20.68 -57.10 -20.42
CA LEU C 338 -21.42 -58.17 -21.07
C LEU C 338 -20.62 -58.80 -22.21
N LEU C 339 -19.76 -58.02 -22.86
CA LEU C 339 -18.97 -58.50 -23.99
C LEU C 339 -18.03 -59.64 -23.59
N ARG C 340 -17.41 -59.53 -22.42
CA ARG C 340 -16.50 -60.57 -21.92
C ARG C 340 -17.23 -61.88 -21.64
N THR C 395 -26.83 -63.22 -29.38
CA THR C 395 -27.61 -62.24 -28.62
C THR C 395 -26.71 -61.20 -27.98
N VAL C 396 -25.56 -61.63 -27.45
CA VAL C 396 -24.62 -60.71 -26.82
C VAL C 396 -24.09 -59.69 -27.83
N GLU C 397 -23.76 -60.13 -29.05
CA GLU C 397 -23.28 -59.21 -30.09
C GLU C 397 -24.36 -58.19 -30.45
N GLU C 398 -25.62 -58.65 -30.54
CA GLU C 398 -26.74 -57.76 -30.83
C GLU C 398 -26.89 -56.73 -29.72
N MET C 399 -26.66 -57.13 -28.46
CA MET C 399 -26.71 -56.20 -27.35
C MET C 399 -25.48 -55.31 -27.35
N ARG C 400 -24.34 -55.86 -27.77
CA ARG C 400 -23.11 -55.10 -27.94
C ARG C 400 -23.29 -54.02 -28.99
N LYS C 401 -23.93 -54.38 -30.11
CA LYS C 401 -24.23 -53.41 -31.15
C LYS C 401 -25.17 -52.34 -30.60
N LEU C 402 -26.15 -52.76 -29.78
CA LEU C 402 -27.14 -51.81 -29.26
C LEU C 402 -26.41 -50.76 -28.43
N PHE C 403 -25.49 -51.22 -27.58
CA PHE C 403 -24.80 -50.35 -26.65
C PHE C 403 -23.86 -49.37 -27.36
N ILE C 404 -23.12 -49.86 -28.37
CA ILE C 404 -22.27 -48.93 -29.13
C ILE C 404 -23.14 -47.96 -29.91
N SER C 405 -24.29 -48.43 -30.45
CA SER C 405 -25.15 -47.52 -31.19
C SER C 405 -25.61 -46.41 -30.25
N ARG C 406 -25.92 -46.77 -28.98
CA ARG C 406 -26.37 -45.78 -28.00
C ARG C 406 -25.27 -44.75 -27.83
N ALA C 407 -24.02 -45.23 -27.81
CA ALA C 407 -22.86 -44.36 -27.57
C ALA C 407 -22.80 -43.34 -28.69
N LYS C 408 -22.95 -43.82 -29.93
CA LYS C 408 -22.81 -42.94 -31.09
C LYS C 408 -23.93 -41.92 -31.08
N ARG C 409 -25.17 -42.34 -30.73
CA ARG C 409 -26.30 -41.42 -30.77
C ARG C 409 -26.05 -40.30 -29.79
N ILE C 410 -25.58 -40.66 -28.59
CA ILE C 410 -25.42 -39.68 -27.51
C ILE C 410 -24.38 -38.66 -27.92
N ASP C 411 -23.24 -39.15 -28.45
CA ASP C 411 -22.16 -38.23 -28.77
C ASP C 411 -22.55 -37.30 -29.92
N THR C 412 -23.14 -37.84 -31.01
CA THR C 412 -23.44 -36.97 -32.16
C THR C 412 -24.52 -35.97 -31.78
N VAL C 413 -25.51 -36.45 -31.01
CA VAL C 413 -26.66 -35.65 -30.61
C VAL C 413 -26.13 -34.48 -29.82
N SER C 414 -25.16 -34.74 -28.94
CA SER C 414 -24.58 -33.69 -28.13
C SER C 414 -23.85 -32.69 -29.02
N ARG C 415 -23.10 -33.23 -30.02
CA ARG C 415 -22.23 -32.40 -30.88
C ARG C 415 -23.03 -31.37 -31.64
N VAL C 416 -24.32 -31.62 -31.83
CA VAL C 416 -25.16 -30.61 -32.44
C VAL C 416 -26.15 -30.00 -31.42
N ALA C 417 -26.41 -30.65 -30.28
CA ALA C 417 -27.38 -30.12 -29.32
C ALA C 417 -26.83 -28.90 -28.59
N PHE C 418 -25.58 -28.99 -28.12
CA PHE C 418 -25.04 -27.90 -27.30
C PHE C 418 -24.93 -26.53 -27.95
N PRO C 419 -24.51 -26.35 -29.23
CA PRO C 419 -24.33 -24.99 -29.78
C PRO C 419 -25.57 -24.10 -29.70
N LEU C 420 -26.75 -24.64 -30.02
CA LEU C 420 -27.93 -23.81 -30.06
C LEU C 420 -28.25 -23.24 -28.68
N VAL C 421 -28.13 -24.04 -27.61
CA VAL C 421 -28.55 -23.54 -26.31
C VAL C 421 -27.67 -22.37 -25.90
N PHE C 422 -26.39 -22.42 -26.30
CA PHE C 422 -25.44 -21.36 -26.02
C PHE C 422 -25.85 -20.10 -26.76
N LEU C 423 -26.24 -20.30 -28.03
CA LEU C 423 -26.66 -19.21 -28.90
C LEU C 423 -27.91 -18.53 -28.36
N ILE C 424 -28.88 -19.33 -27.90
CA ILE C 424 -30.16 -18.81 -27.39
C ILE C 424 -29.86 -18.02 -26.12
N PHE C 425 -28.86 -18.48 -25.35
CA PHE C 425 -28.51 -17.86 -24.08
C PHE C 425 -27.94 -16.50 -24.37
N ASN C 426 -26.85 -16.46 -25.14
CA ASN C 426 -26.15 -15.20 -25.43
C ASN C 426 -27.09 -14.16 -26.03
N ILE C 427 -27.96 -14.56 -26.96
CA ILE C 427 -28.88 -13.58 -27.54
C ILE C 427 -29.85 -13.05 -26.49
N PHE C 428 -30.34 -13.93 -25.61
CA PHE C 428 -31.26 -13.52 -24.54
C PHE C 428 -30.61 -12.56 -23.55
N TYR C 429 -29.39 -12.90 -23.10
CA TYR C 429 -28.66 -12.11 -22.13
C TYR C 429 -28.30 -10.74 -22.68
N TRP C 430 -27.77 -10.69 -23.91
CA TRP C 430 -27.35 -9.42 -24.48
C TRP C 430 -28.55 -8.52 -24.75
N ILE C 431 -29.65 -9.07 -25.27
CA ILE C 431 -30.80 -8.22 -25.57
C ILE C 431 -31.43 -7.70 -24.27
N THR C 432 -31.51 -8.53 -23.22
CA THR C 432 -32.10 -8.04 -21.97
C THR C 432 -31.23 -6.97 -21.31
N TYR C 433 -29.90 -7.09 -21.39
CA TYR C 433 -29.09 -6.03 -20.78
C TYR C 433 -29.13 -4.74 -21.59
N LYS C 434 -29.18 -4.82 -22.93
CA LYS C 434 -29.32 -3.61 -23.74
C LYS C 434 -30.67 -2.93 -23.49
N ILE C 435 -31.74 -3.71 -23.33
CA ILE C 435 -33.02 -3.03 -23.15
C ILE C 435 -33.16 -2.49 -21.74
N ILE C 436 -32.57 -3.14 -20.72
CA ILE C 436 -32.65 -2.57 -19.38
C ILE C 436 -31.85 -1.26 -19.28
N ARG C 437 -30.67 -1.16 -19.95
CA ARG C 437 -29.99 0.15 -19.91
C ARG C 437 -30.81 1.20 -20.64
N SER C 438 -31.43 0.82 -21.77
CA SER C 438 -32.26 1.74 -22.53
C SER C 438 -33.46 2.24 -21.73
N GLU C 439 -34.11 1.36 -20.97
CA GLU C 439 -35.20 1.80 -20.09
C GLU C 439 -34.71 2.66 -18.93
N ASP C 440 -33.58 2.27 -18.30
CA ASP C 440 -33.09 2.99 -17.13
C ASP C 440 -32.65 4.42 -17.46
N ILE C 441 -32.00 4.62 -18.63
CA ILE C 441 -31.46 5.95 -18.95
C ILE C 441 -32.56 6.99 -19.07
N HIS C 442 -33.73 6.61 -19.60
CA HIS C 442 -34.90 7.48 -19.62
C HIS C 442 -35.37 7.85 -18.22
N MET D 32 -29.44 49.68 19.81
CA MET D 32 -28.19 49.28 20.44
C MET D 32 -27.24 48.72 19.39
N PRO D 33 -25.97 49.08 19.45
CA PRO D 33 -25.00 48.53 18.51
C PRO D 33 -24.60 47.12 18.89
N PRO D 34 -24.31 46.27 17.90
CA PRO D 34 -23.93 44.89 18.22
C PRO D 34 -22.53 44.81 18.81
N SER D 35 -21.61 45.66 18.32
CA SER D 35 -20.20 45.62 18.72
C SER D 35 -20.02 45.88 20.20
N GLU D 36 -20.76 46.86 20.73
CA GLU D 36 -20.67 47.20 22.14
C GLU D 36 -21.12 46.03 23.00
N PHE D 37 -22.20 45.34 22.62
CA PHE D 37 -22.64 44.21 23.42
C PHE D 37 -21.65 43.06 23.36
N LEU D 38 -21.14 42.75 22.17
CA LEU D 38 -20.20 41.63 22.05
C LEU D 38 -18.89 41.86 22.80
N ASP D 39 -18.34 43.08 22.77
CA ASP D 39 -17.12 43.22 23.58
C ASP D 39 -17.41 43.49 25.06
N LYS D 40 -18.55 44.11 25.41
CA LYS D 40 -18.86 44.32 26.80
C LYS D 40 -19.15 43.02 27.51
N LEU D 41 -19.73 42.06 26.79
CA LEU D 41 -20.17 40.82 27.41
C LEU D 41 -19.00 39.92 27.75
N MET D 42 -18.09 39.73 26.80
CA MET D 42 -17.04 38.74 26.94
C MET D 42 -15.68 39.30 26.57
N GLY D 43 -15.36 40.51 27.03
CA GLY D 43 -14.08 41.08 26.67
C GLY D 43 -13.25 41.50 27.86
N LYS D 44 -12.52 42.61 27.68
CA LYS D 44 -11.54 43.08 28.64
C LYS D 44 -12.16 43.88 29.76
N VAL D 45 -13.26 44.57 29.48
CA VAL D 45 -13.96 45.31 30.52
C VAL D 45 -14.71 44.37 31.45
N SER D 46 -15.08 43.21 30.96
CA SER D 46 -15.70 42.17 31.76
C SER D 46 -14.64 41.44 32.56
N GLY D 47 -14.98 41.11 33.79
CA GLY D 47 -14.10 40.32 34.66
C GLY D 47 -14.09 38.83 34.39
N TYR D 48 -14.42 38.44 33.16
CA TYR D 48 -14.55 37.04 32.76
C TYR D 48 -13.16 36.46 32.49
N ASP D 49 -12.66 35.63 33.39
CA ASP D 49 -11.43 34.91 33.11
C ASP D 49 -11.79 33.54 32.54
N ALA D 50 -11.25 33.24 31.36
CA ALA D 50 -11.56 32.01 30.65
C ALA D 50 -10.81 30.79 31.16
N ARG D 51 -9.97 30.95 32.17
CA ARG D 51 -9.21 29.84 32.74
C ARG D 51 -9.85 29.24 33.98
N ILE D 52 -10.97 29.79 34.46
CA ILE D 52 -11.63 29.33 35.67
C ILE D 52 -12.97 28.72 35.29
N ARG D 53 -13.25 27.54 35.84
CA ARG D 53 -14.52 26.86 35.64
C ARG D 53 -15.67 27.65 36.26
N PRO D 54 -16.86 27.58 35.67
CA PRO D 54 -18.05 28.13 36.32
C PRO D 54 -18.37 27.38 37.61
N ASN D 55 -18.96 28.12 38.56
CA ASN D 55 -19.28 27.63 39.91
C ASN D 55 -18.03 27.13 40.63
N PHE D 56 -16.99 27.96 40.62
CA PHE D 56 -15.73 27.63 41.27
C PHE D 56 -15.92 27.49 42.78
N LYS D 57 -15.23 26.50 43.36
CA LYS D 57 -15.41 26.06 44.75
C LYS D 57 -16.87 25.69 45.04
N GLY D 58 -17.47 24.97 44.11
CA GLY D 58 -18.88 24.68 44.15
C GLY D 58 -19.21 23.30 43.61
N PRO D 59 -20.49 23.00 43.49
CA PRO D 59 -20.90 21.70 42.95
C PRO D 59 -20.41 21.52 41.52
N PRO D 60 -20.09 20.29 41.13
CA PRO D 60 -19.61 19.99 39.77
C PRO D 60 -20.52 20.43 38.63
N VAL D 61 -19.90 20.86 37.54
CA VAL D 61 -20.57 21.36 36.35
C VAL D 61 -21.14 20.18 35.56
N ASN D 62 -22.47 20.10 35.48
CA ASN D 62 -23.12 19.01 34.75
C ASN D 62 -23.13 19.29 33.25
N VAL D 63 -22.88 18.26 32.45
CA VAL D 63 -22.77 18.37 30.99
C VAL D 63 -23.56 17.25 30.33
N THR D 64 -24.54 17.60 29.51
CA THR D 64 -25.28 16.64 28.68
C THR D 64 -24.69 16.55 27.27
N CYS D 65 -24.54 15.33 26.76
CA CYS D 65 -23.88 15.07 25.48
C CYS D 65 -24.83 14.38 24.51
N ASN D 66 -25.01 14.98 23.34
CA ASN D 66 -25.84 14.44 22.25
C ASN D 66 -24.97 14.20 21.02
N ILE D 67 -25.07 13.02 20.42
CA ILE D 67 -24.25 12.64 19.26
C ILE D 67 -25.14 12.34 18.04
N PHE D 68 -24.74 12.86 16.88
CA PHE D 68 -25.37 12.57 15.59
C PHE D 68 -24.36 11.89 14.67
N ILE D 69 -24.71 10.72 14.14
CA ILE D 69 -23.83 9.96 13.26
C ILE D 69 -24.10 10.31 11.80
N ASN D 70 -23.12 10.95 11.16
CA ASN D 70 -23.25 11.35 9.77
C ASN D 70 -22.97 10.20 8.79
N SER D 71 -21.87 9.47 8.99
CA SER D 71 -21.49 8.43 8.01
C SER D 71 -20.62 7.37 8.67
N PHE D 72 -21.17 6.19 8.90
CA PHE D 72 -20.45 5.05 9.43
C PHE D 72 -19.80 4.30 8.28
N GLY D 73 -18.51 3.98 8.41
CA GLY D 73 -17.84 3.36 7.28
C GLY D 73 -16.51 2.72 7.62
N SER D 74 -15.94 2.04 6.61
CA SER D 74 -14.58 1.46 6.65
C SER D 74 -14.32 0.48 7.78
N ILE D 75 -15.27 -0.42 8.07
CA ILE D 75 -14.98 -1.44 9.06
C ILE D 75 -14.04 -2.48 8.46
N ALA D 76 -13.05 -2.89 9.23
CA ALA D 76 -12.04 -3.82 8.77
C ALA D 76 -11.64 -4.72 9.92
N GLU D 77 -11.01 -5.84 9.57
CA GLU D 77 -10.62 -6.85 10.54
C GLU D 77 -9.14 -6.86 10.87
N THR D 78 -8.27 -6.71 9.87
CA THR D 78 -6.83 -6.84 10.10
C THR D 78 -6.31 -5.73 11.03
N THR D 79 -6.66 -4.49 10.72
CA THR D 79 -6.25 -3.35 11.53
C THR D 79 -6.96 -3.30 12.89
N MET D 80 -8.15 -3.94 13.00
CA MET D 80 -9.01 -3.97 14.20
C MET D 80 -9.65 -2.61 14.54
N ASP D 81 -10.10 -1.86 13.54
CA ASP D 81 -10.71 -0.57 13.83
C ASP D 81 -11.68 -0.15 12.73
N TYR D 82 -12.53 0.83 13.04
CA TYR D 82 -13.51 1.36 12.10
C TYR D 82 -13.43 2.89 12.08
N ARG D 83 -14.09 3.49 11.09
CA ARG D 83 -14.08 4.94 10.86
C ARG D 83 -15.49 5.50 11.03
N VAL D 84 -15.63 6.64 11.70
CA VAL D 84 -16.94 7.25 11.90
C VAL D 84 -16.81 8.77 11.86
N ASN D 85 -17.79 9.43 11.24
CA ASN D 85 -17.88 10.90 11.18
C ASN D 85 -19.09 11.35 11.97
N ILE D 86 -18.86 12.01 13.11
CA ILE D 86 -19.92 12.37 14.04
C ILE D 86 -20.14 13.88 14.08
N PHE D 87 -21.24 14.28 14.72
CA PHE D 87 -21.59 15.65 15.09
C PHE D 87 -21.73 15.71 16.62
N LEU D 88 -20.63 15.92 17.34
CA LEU D 88 -20.70 16.09 18.79
C LEU D 88 -21.46 17.34 19.19
N ARG D 89 -22.30 17.22 20.23
CA ARG D 89 -23.06 18.35 20.79
C ARG D 89 -23.12 18.23 22.30
N GLN D 90 -22.61 19.25 23.00
CA GLN D 90 -22.59 19.26 24.46
C GLN D 90 -23.14 20.57 25.01
N GLN D 91 -24.00 20.48 26.03
CA GLN D 91 -24.62 21.65 26.64
C GLN D 91 -24.27 21.72 28.12
N TRP D 92 -23.95 22.92 28.59
CA TRP D 92 -23.74 23.17 30.02
C TRP D 92 -24.23 24.56 30.37
N ASN D 93 -24.34 24.83 31.67
CA ASN D 93 -24.84 26.09 32.17
C ASN D 93 -23.72 26.92 32.75
N ASP D 94 -23.85 28.25 32.61
CA ASP D 94 -22.91 29.19 33.18
C ASP D 94 -23.69 30.23 33.99
N PRO D 95 -23.27 30.56 35.21
CA PRO D 95 -23.94 31.66 35.94
C PRO D 95 -23.64 33.01 35.36
N ARG D 96 -22.43 33.22 34.84
CA ARG D 96 -22.10 34.36 34.01
C ARG D 96 -22.69 34.14 32.63
N LEU D 97 -22.47 35.11 31.73
CA LEU D 97 -23.01 35.11 30.36
C LEU D 97 -24.54 35.08 30.37
N ALA D 98 -25.14 35.77 31.32
CA ALA D 98 -26.57 35.97 31.40
C ALA D 98 -26.87 37.44 31.12
N TYR D 99 -27.31 37.74 29.90
CA TYR D 99 -27.41 39.13 29.49
C TYR D 99 -28.70 39.78 29.99
N SER D 100 -29.85 39.28 29.51
CA SER D 100 -31.19 39.80 29.81
C SER D 100 -31.38 41.29 29.53
N GLU D 101 -30.88 41.77 28.39
CA GLU D 101 -31.13 43.17 28.04
C GLU D 101 -31.67 43.26 26.62
N TYR D 102 -31.22 42.38 25.71
CA TYR D 102 -31.87 42.32 24.41
C TYR D 102 -33.23 41.62 24.52
N PRO D 103 -34.20 42.01 23.69
CA PRO D 103 -35.54 41.42 23.80
C PRO D 103 -35.69 40.00 23.25
N ASP D 104 -34.67 39.43 22.63
CA ASP D 104 -34.79 38.09 22.06
C ASP D 104 -34.28 37.03 23.02
N ASP D 105 -34.60 35.78 22.70
CA ASP D 105 -34.34 34.65 23.60
C ASP D 105 -32.93 34.09 23.45
N SER D 106 -32.46 33.88 22.22
CA SER D 106 -31.16 33.25 21.99
C SER D 106 -30.38 34.06 20.97
N LEU D 107 -29.09 33.77 20.89
CA LEU D 107 -28.21 34.47 19.96
C LEU D 107 -27.32 33.46 19.26
N ASP D 108 -27.19 33.60 17.95
CA ASP D 108 -26.28 32.78 17.16
C ASP D 108 -25.01 33.60 16.93
N LEU D 109 -23.98 33.30 17.69
CA LEU D 109 -22.76 34.08 17.62
C LEU D 109 -21.84 33.56 16.53
N ASP D 110 -20.79 34.32 16.27
CA ASP D 110 -19.78 33.93 15.31
C ASP D 110 -18.96 32.77 15.89
N PRO D 111 -18.52 31.84 15.07
CA PRO D 111 -17.63 30.77 15.58
C PRO D 111 -16.13 31.02 15.59
N SER D 112 -15.68 32.26 15.45
CA SER D 112 -14.25 32.51 15.49
C SER D 112 -13.82 33.01 16.86
N MET D 113 -14.78 33.30 17.74
CA MET D 113 -14.50 33.74 19.10
C MET D 113 -14.80 32.65 20.12
N LEU D 114 -14.55 31.40 19.74
CA LEU D 114 -14.68 30.27 20.65
C LEU D 114 -13.45 30.07 21.51
N ASP D 115 -12.48 30.98 21.44
CA ASP D 115 -11.31 30.88 22.28
C ASP D 115 -11.41 31.72 23.54
N SER D 116 -12.48 32.49 23.69
CA SER D 116 -12.66 33.35 24.85
C SER D 116 -13.72 32.85 25.82
N ILE D 117 -13.97 31.54 25.87
CA ILE D 117 -14.96 30.95 26.77
C ILE D 117 -14.38 29.67 27.35
N TRP D 118 -15.14 29.04 28.24
CA TRP D 118 -14.68 27.86 28.97
C TRP D 118 -15.23 26.62 28.27
N LYS D 119 -14.55 26.17 27.24
CA LYS D 119 -14.86 24.87 26.70
C LYS D 119 -14.35 23.77 27.64
N PRO D 120 -15.11 22.70 27.85
CA PRO D 120 -14.60 21.57 28.63
C PRO D 120 -13.70 20.67 27.79
N ASP D 121 -12.79 19.99 28.48
CA ASP D 121 -11.93 19.01 27.80
C ASP D 121 -12.67 17.69 27.62
N LEU D 122 -12.43 17.05 26.49
CA LEU D 122 -13.08 15.78 26.18
C LEU D 122 -12.21 15.05 25.18
N PHE D 123 -11.93 13.78 25.46
CA PHE D 123 -11.20 12.93 24.53
C PHE D 123 -11.78 11.53 24.56
N PHE D 124 -11.38 10.73 23.59
CA PHE D 124 -11.83 9.35 23.46
C PHE D 124 -10.68 8.42 23.77
N ALA D 125 -10.94 7.38 24.57
CA ALA D 125 -9.87 6.47 24.99
C ALA D 125 -9.25 5.72 23.81
N ASN D 126 -10.08 5.18 22.93
CA ASN D 126 -9.60 4.50 21.73
C ASN D 126 -9.47 5.48 20.56
N GLU D 127 -8.52 6.40 20.70
CA GLU D 127 -8.35 7.50 19.76
C GLU D 127 -7.22 7.31 18.76
N LYS D 128 -7.57 7.27 17.48
CA LYS D 128 -6.62 7.25 16.38
C LYS D 128 -7.14 8.29 15.40
N GLY D 129 -6.24 8.93 14.64
CA GLY D 129 -6.67 10.01 13.75
C GLY D 129 -7.27 11.16 14.55
N ALA D 130 -8.56 11.42 14.31
CA ALA D 130 -9.41 12.44 14.97
C ALA D 130 -9.20 13.89 14.54
N ASN D 131 -8.62 14.14 13.37
CA ASN D 131 -8.44 15.52 12.89
C ASN D 131 -9.74 16.23 12.56
N PHE D 132 -9.77 17.55 12.85
CA PHE D 132 -10.91 18.42 12.58
C PHE D 132 -11.05 18.74 11.08
N HIS D 133 -12.26 19.12 10.69
CA HIS D 133 -12.62 19.53 9.33
C HIS D 133 -12.68 21.05 9.23
N GLU D 134 -11.77 21.68 8.49
CA GLU D 134 -11.77 23.15 8.40
C GLU D 134 -11.68 23.53 6.92
N VAL D 135 -12.81 23.43 6.22
CA VAL D 135 -12.93 23.83 4.82
C VAL D 135 -13.59 25.19 4.74
N THR D 136 -12.88 26.17 4.20
CA THR D 136 -13.25 27.58 3.99
C THR D 136 -13.35 28.29 5.34
N THR D 137 -14.22 27.77 6.20
CA THR D 137 -14.47 28.26 7.53
C THR D 137 -14.50 27.04 8.46
N ASP D 138 -14.09 27.24 9.70
CA ASP D 138 -14.08 26.16 10.69
C ASP D 138 -15.52 25.68 10.93
N ASN D 139 -15.72 24.37 10.93
CA ASN D 139 -17.04 23.81 11.19
C ASN D 139 -17.28 23.79 12.68
N LYS D 140 -17.88 24.88 13.16
CA LYS D 140 -18.13 25.13 14.56
C LYS D 140 -19.48 25.81 14.71
N LEU D 141 -20.06 25.73 15.90
CA LEU D 141 -21.36 26.37 16.14
C LEU D 141 -21.42 26.83 17.60
N LEU D 142 -21.93 28.04 17.79
CA LEU D 142 -22.10 28.64 19.12
C LEU D 142 -23.50 29.20 19.26
N ARG D 143 -24.15 28.91 20.39
CA ARG D 143 -25.43 29.51 20.74
C ARG D 143 -25.43 29.79 22.24
N ILE D 144 -26.22 30.76 22.66
CA ILE D 144 -26.25 31.22 24.05
C ILE D 144 -27.67 31.70 24.35
N SER D 145 -28.24 31.25 25.47
CA SER D 145 -29.58 31.61 25.86
C SER D 145 -29.53 32.70 26.93
N LYS D 146 -30.72 33.12 27.37
CA LYS D 146 -30.81 34.22 28.32
C LYS D 146 -30.35 33.81 29.71
N ASN D 147 -30.64 32.57 30.10
CA ASN D 147 -30.25 32.09 31.42
C ASN D 147 -28.77 31.75 31.49
N GLY D 148 -28.16 31.37 30.37
CA GLY D 148 -26.75 31.00 30.36
C GLY D 148 -26.44 29.63 29.79
N ASN D 149 -27.45 28.97 29.24
CA ASN D 149 -27.27 27.66 28.62
C ASN D 149 -26.61 27.80 27.25
N VAL D 150 -25.46 27.15 27.06
CA VAL D 150 -24.72 27.26 25.82
C VAL D 150 -24.94 25.99 25.00
N LEU D 151 -24.58 26.05 23.71
CA LEU D 151 -24.69 24.92 22.80
C LEU D 151 -23.47 24.90 21.89
N TYR D 152 -22.65 23.86 22.02
CA TYR D 152 -21.40 23.71 21.29
C TYR D 152 -21.49 22.50 20.36
N SER D 153 -21.27 22.72 19.06
CA SER D 153 -21.33 21.66 18.05
C SER D 153 -20.04 21.58 17.24
N ILE D 154 -19.46 20.39 17.13
CA ILE D 154 -18.18 20.15 16.48
C ILE D 154 -18.30 18.96 15.54
N ARG D 155 -17.80 19.09 14.31
CA ARG D 155 -17.69 17.99 13.36
C ARG D 155 -16.28 17.39 13.40
N ILE D 156 -16.19 16.08 13.63
CA ILE D 156 -14.91 15.35 13.76
C ILE D 156 -15.04 13.95 13.19
N THR D 157 -14.03 13.53 12.41
CA THR D 157 -13.91 12.14 11.94
C THR D 157 -12.99 11.31 12.84
N LEU D 158 -13.53 10.23 13.40
CA LEU D 158 -12.84 9.40 14.38
C LEU D 158 -12.46 8.04 13.81
N VAL D 159 -11.20 7.64 13.94
CA VAL D 159 -10.79 6.25 13.79
C VAL D 159 -10.77 5.60 15.18
N LEU D 160 -11.65 4.64 15.42
CA LEU D 160 -11.84 4.04 16.73
C LEU D 160 -11.55 2.55 16.69
N ALA D 161 -10.83 2.05 17.70
CA ALA D 161 -10.41 0.66 17.75
C ALA D 161 -11.49 -0.23 18.37
N CYS D 162 -11.92 -1.25 17.64
CA CYS D 162 -12.90 -2.23 18.10
C CYS D 162 -12.24 -3.60 18.20
N PRO D 163 -12.11 -4.20 19.40
CA PRO D 163 -11.48 -5.52 19.57
C PRO D 163 -12.45 -6.67 19.33
N MET D 164 -12.77 -6.91 18.05
CA MET D 164 -13.73 -7.94 17.68
C MET D 164 -13.24 -9.36 17.95
N ASP D 165 -14.17 -10.23 18.35
CA ASP D 165 -13.91 -11.64 18.60
C ASP D 165 -14.48 -12.46 17.46
N LEU D 166 -13.60 -13.14 16.73
CA LEU D 166 -13.99 -13.95 15.58
C LEU D 166 -14.14 -15.42 15.93
N LYS D 167 -14.90 -15.75 16.98
CA LYS D 167 -15.13 -17.16 17.30
C LYS D 167 -15.95 -17.85 16.22
N ASN D 168 -16.93 -17.17 15.66
CA ASN D 168 -17.78 -17.67 14.59
C ASN D 168 -17.59 -16.69 13.43
N PHE D 169 -16.77 -17.03 12.44
CA PHE D 169 -16.41 -16.02 11.44
C PHE D 169 -17.53 -15.66 10.44
N PRO D 170 -18.19 -16.59 9.73
CA PRO D 170 -19.19 -16.11 8.77
C PRO D 170 -20.43 -15.54 9.43
N MET D 171 -20.86 -16.09 10.56
CA MET D 171 -22.07 -15.62 11.24
C MET D 171 -21.63 -15.03 12.57
N ASP D 172 -21.81 -13.73 12.76
CA ASP D 172 -21.35 -13.13 14.01
C ASP D 172 -22.04 -11.81 14.26
N VAL D 173 -22.03 -11.40 15.52
CA VAL D 173 -22.45 -10.08 15.96
C VAL D 173 -21.29 -9.42 16.68
N GLN D 174 -20.96 -8.20 16.27
CA GLN D 174 -19.82 -7.49 16.82
C GLN D 174 -20.29 -6.27 17.58
N THR D 175 -19.73 -6.05 18.77
CA THR D 175 -20.05 -4.89 19.58
C THR D 175 -18.85 -3.96 19.59
N CYS D 176 -19.07 -2.72 19.18
CA CYS D 176 -18.01 -1.71 19.10
C CYS D 176 -18.30 -0.55 20.05
N ILE D 177 -17.25 -0.08 20.73
CA ILE D 177 -17.32 0.77 21.90
C ILE D 177 -16.88 2.18 21.56
N MET D 178 -17.65 3.18 21.98
CA MET D 178 -17.24 4.58 21.96
C MET D 178 -17.21 5.12 23.39
N GLN D 179 -16.09 5.70 23.82
CA GLN D 179 -15.93 6.21 25.17
C GLN D 179 -15.59 7.70 25.18
N LEU D 180 -16.32 8.48 25.98
CA LEU D 180 -16.06 9.91 26.17
C LEU D 180 -15.70 10.19 27.62
N GLU D 181 -14.52 10.76 27.86
CA GLU D 181 -14.09 10.97 29.25
C GLU D 181 -13.22 12.21 29.39
N SER D 182 -13.14 12.71 30.62
CA SER D 182 -12.41 13.92 30.97
C SER D 182 -10.97 13.63 31.34
N PHE D 183 -10.03 14.20 30.59
CA PHE D 183 -8.61 13.97 30.86
C PHE D 183 -8.13 14.65 32.14
N GLY D 184 -8.45 15.92 32.33
CA GLY D 184 -7.83 16.67 33.41
C GLY D 184 -8.59 17.00 34.67
N TYR D 185 -9.87 16.68 34.77
CA TYR D 185 -10.64 17.04 35.95
C TYR D 185 -11.11 15.78 36.66
N THR D 186 -11.29 15.87 37.97
CA THR D 186 -11.70 14.72 38.77
C THR D 186 -13.22 14.68 38.84
N MET D 187 -13.78 13.81 39.69
CA MET D 187 -15.23 13.68 39.82
C MET D 187 -15.86 14.91 40.42
N ASN D 188 -15.16 15.61 41.32
CA ASN D 188 -15.67 16.82 41.95
C ASN D 188 -16.01 17.94 40.98
N ASP D 189 -15.69 17.80 39.68
CA ASP D 189 -15.94 18.77 38.63
C ASP D 189 -16.36 17.99 37.38
N LEU D 190 -17.00 18.67 36.45
CA LEU D 190 -17.33 18.20 35.09
C LEU D 190 -17.91 16.75 35.02
N ILE D 191 -18.99 16.51 35.75
CA ILE D 191 -19.66 15.21 35.59
C ILE D 191 -20.40 15.15 34.26
N PHE D 192 -20.12 14.10 33.48
CA PHE D 192 -20.74 13.90 32.16
C PHE D 192 -22.02 13.08 32.27
N GLU D 193 -23.12 13.62 31.76
CA GLU D 193 -24.41 12.93 31.72
C GLU D 193 -24.88 12.73 30.28
N TRP D 194 -25.67 11.69 30.06
CA TRP D 194 -26.30 11.49 28.76
C TRP D 194 -27.57 12.33 28.67
N ASP D 195 -28.19 12.32 27.50
CA ASP D 195 -29.44 13.03 27.26
C ASP D 195 -30.59 12.02 27.23
N GLU D 196 -31.68 12.35 27.93
CA GLU D 196 -32.80 11.42 28.05
C GLU D 196 -33.49 11.17 26.71
N LYS D 197 -33.63 12.19 25.87
CA LYS D 197 -34.35 12.03 24.61
C LYS D 197 -33.39 12.28 23.46
N GLY D 198 -33.42 11.39 22.46
CA GLY D 198 -32.59 11.49 21.28
C GLY D 198 -31.10 11.52 21.53
N ALA D 199 -30.60 10.62 22.38
CA ALA D 199 -29.18 10.60 22.70
C ALA D 199 -28.30 10.24 21.50
N VAL D 200 -28.72 9.28 20.69
CA VAL D 200 -27.97 8.86 19.52
C VAL D 200 -28.91 8.90 18.31
N GLN D 201 -28.52 9.67 17.29
CA GLN D 201 -29.29 9.76 16.07
C GLN D 201 -28.44 9.29 14.89
N VAL D 202 -29.12 8.85 13.83
CA VAL D 202 -28.46 8.38 12.62
C VAL D 202 -29.08 9.10 11.43
N ALA D 203 -28.25 9.44 10.44
CA ALA D 203 -28.73 10.09 9.23
C ALA D 203 -29.62 9.15 8.44
N ASP D 204 -30.67 9.70 7.84
CA ASP D 204 -31.61 8.92 7.06
C ASP D 204 -30.98 8.33 5.82
N GLY D 205 -31.37 7.11 5.49
CA GLY D 205 -30.84 6.40 4.35
C GLY D 205 -29.36 6.10 4.41
N LEU D 206 -28.88 5.66 5.57
CA LEU D 206 -27.48 5.30 5.73
C LEU D 206 -27.37 3.78 5.74
N THR D 207 -26.52 3.26 4.87
CA THR D 207 -26.36 1.82 4.70
C THR D 207 -24.88 1.46 4.70
N LEU D 208 -24.61 0.22 5.06
CA LEU D 208 -23.28 -0.35 5.06
C LEU D 208 -23.28 -1.52 4.08
N PRO D 209 -22.24 -1.63 3.24
CA PRO D 209 -22.23 -2.74 2.27
C PRO D 209 -22.13 -4.11 2.90
N GLN D 210 -21.32 -4.27 3.94
CA GLN D 210 -21.06 -5.57 4.55
C GLN D 210 -21.93 -5.89 5.77
N PHE D 211 -22.24 -4.91 6.62
CA PHE D 211 -22.94 -5.14 7.89
C PHE D 211 -24.32 -4.48 7.90
N ILE D 212 -25.20 -4.98 8.77
CA ILE D 212 -26.48 -4.33 9.07
C ILE D 212 -26.46 -3.80 10.49
N LEU D 213 -26.66 -2.49 10.63
CA LEU D 213 -26.75 -1.85 11.94
C LEU D 213 -28.11 -2.12 12.62
N LYS D 214 -28.07 -2.38 13.92
CA LYS D 214 -29.27 -2.64 14.72
C LYS D 214 -29.71 -1.39 15.48
N GLU D 215 -31.02 -1.13 15.47
CA GLU D 215 -31.58 0.03 16.15
C GLU D 215 -31.87 -0.31 17.63
N GLU D 216 -30.79 -0.54 18.38
CA GLU D 216 -30.92 -0.71 19.83
C GLU D 216 -30.14 0.34 20.61
N LYS D 217 -28.82 0.43 20.42
CA LYS D 217 -27.96 1.51 20.96
C LYS D 217 -28.05 1.68 22.48
N ASP D 218 -27.81 0.59 23.21
CA ASP D 218 -27.80 0.64 24.67
C ASP D 218 -26.67 1.51 25.22
N LEU D 219 -27.02 2.36 26.18
CA LEU D 219 -26.13 3.36 26.76
C LEU D 219 -25.91 3.10 28.24
N ARG D 220 -24.66 2.97 28.65
CA ARG D 220 -24.32 2.89 30.06
C ARG D 220 -22.99 3.58 30.29
N TYR D 221 -22.74 3.98 31.54
CA TYR D 221 -21.51 4.69 31.88
C TYR D 221 -20.66 3.95 32.90
N CYS D 222 -19.35 3.91 32.64
CA CYS D 222 -18.38 3.26 33.52
C CYS D 222 -17.30 4.26 33.93
N THR D 223 -17.13 4.45 35.23
CA THR D 223 -16.13 5.38 35.75
C THR D 223 -14.72 4.79 35.59
N LYS D 224 -13.71 5.66 35.57
CA LYS D 224 -12.31 5.27 35.41
C LYS D 224 -11.55 5.61 36.68
N HIS D 225 -10.76 4.65 37.17
CA HIS D 225 -9.93 4.84 38.36
C HIS D 225 -8.46 4.83 37.99
N TYR D 226 -7.72 5.83 38.46
CA TYR D 226 -6.29 5.94 38.24
C TYR D 226 -5.63 6.29 39.57
N ASN D 227 -4.30 6.17 39.60
CA ASN D 227 -3.55 6.59 40.78
C ASN D 227 -3.68 8.09 41.04
N THR D 228 -3.71 8.89 39.97
CA THR D 228 -3.93 10.34 40.13
C THR D 228 -5.31 10.65 40.69
N GLY D 229 -6.35 9.95 40.24
CA GLY D 229 -7.69 10.19 40.75
C GLY D 229 -8.71 9.36 39.99
N LYS D 230 -9.97 9.64 40.28
CA LYS D 230 -11.09 8.95 39.64
C LYS D 230 -11.81 9.92 38.70
N PHE D 231 -11.97 9.51 37.44
CA PHE D 231 -12.42 10.36 36.34
C PHE D 231 -13.69 9.82 35.69
N THR D 232 -14.61 10.74 35.36
CA THR D 232 -15.89 10.36 34.77
C THR D 232 -15.74 9.87 33.32
N CYS D 233 -16.64 8.97 32.92
CA CYS D 233 -16.68 8.49 31.55
C CYS D 233 -18.09 8.01 31.21
N ILE D 234 -18.43 8.05 29.92
CA ILE D 234 -19.70 7.53 29.42
C ILE D 234 -19.43 6.72 28.14
N GLU D 235 -20.25 5.71 27.90
CA GLU D 235 -20.01 4.73 26.85
C GLU D 235 -21.25 4.52 26.00
N ALA D 236 -21.05 4.31 24.69
CA ALA D 236 -22.11 4.00 23.75
C ALA D 236 -21.78 2.75 22.94
N ARG D 237 -22.74 1.85 22.77
CA ARG D 237 -22.52 0.57 22.12
C ARG D 237 -23.37 0.39 20.87
N PHE D 238 -22.76 -0.12 19.80
CA PHE D 238 -23.44 -0.40 18.54
C PHE D 238 -23.34 -1.88 18.24
N HIS D 239 -24.44 -2.47 17.74
CA HIS D 239 -24.48 -3.88 17.38
C HIS D 239 -24.49 -4.04 15.87
N LEU D 240 -23.64 -4.91 15.34
CA LEU D 240 -23.51 -5.11 13.90
C LEU D 240 -23.73 -6.58 13.51
N GLU D 241 -24.49 -6.82 12.44
CA GLU D 241 -24.73 -8.16 11.91
C GLU D 241 -24.10 -8.29 10.53
N ARG D 242 -23.25 -9.29 10.35
CA ARG D 242 -22.61 -9.51 9.07
C ARG D 242 -23.57 -10.20 8.10
N GLN D 243 -23.48 -9.82 6.82
CA GLN D 243 -24.28 -10.42 5.77
C GLN D 243 -23.65 -11.71 5.26
N MET D 244 -24.48 -12.75 5.19
CA MET D 244 -24.10 -14.10 4.80
C MET D 244 -24.07 -14.27 3.27
N GLY D 245 -24.57 -13.30 2.51
CA GLY D 245 -24.76 -13.46 1.08
C GLY D 245 -23.47 -13.64 0.29
N TYR D 246 -22.46 -12.83 0.59
CA TYR D 246 -21.21 -12.83 -0.17
C TYR D 246 -20.39 -14.07 0.10
N TYR D 247 -20.31 -14.45 1.37
CA TYR D 247 -19.48 -15.55 1.81
C TYR D 247 -19.95 -16.85 1.19
N LEU D 248 -21.27 -17.02 1.01
CA LEU D 248 -21.78 -18.27 0.44
C LEU D 248 -21.30 -18.46 -0.98
N ILE D 249 -21.40 -17.42 -1.80
CA ILE D 249 -21.02 -17.50 -3.20
C ILE D 249 -19.51 -17.67 -3.37
N GLN D 250 -18.70 -16.92 -2.62
CA GLN D 250 -17.25 -17.14 -2.77
C GLN D 250 -16.76 -18.46 -2.19
N MET D 251 -17.27 -18.92 -1.06
CA MET D 251 -16.64 -20.09 -0.50
C MET D 251 -17.51 -21.32 -0.38
N TYR D 252 -18.75 -21.20 0.07
CA TYR D 252 -19.58 -22.38 0.33
C TYR D 252 -19.93 -23.12 -0.94
N ILE D 253 -20.37 -22.41 -1.97
CA ILE D 253 -20.76 -23.02 -3.25
C ILE D 253 -19.59 -23.64 -4.03
N PRO D 254 -18.42 -22.99 -4.25
CA PRO D 254 -17.37 -23.69 -5.01
C PRO D 254 -16.78 -24.89 -4.30
N SER D 255 -16.62 -24.84 -2.97
CA SER D 255 -16.10 -26.00 -2.26
C SER D 255 -17.06 -27.17 -2.42
N LEU D 256 -18.37 -26.90 -2.26
CA LEU D 256 -19.38 -27.92 -2.48
C LEU D 256 -19.40 -28.37 -3.95
N LEU D 257 -18.92 -27.52 -4.87
CA LEU D 257 -18.79 -27.93 -6.27
C LEU D 257 -17.65 -28.93 -6.43
N ILE D 258 -16.52 -28.65 -5.77
CA ILE D 258 -15.35 -29.53 -5.86
C ILE D 258 -15.75 -30.89 -5.32
N VAL D 259 -16.51 -30.87 -4.22
CA VAL D 259 -17.02 -32.09 -3.59
C VAL D 259 -17.93 -32.83 -4.57
N ILE D 260 -18.79 -32.08 -5.29
CA ILE D 260 -19.70 -32.68 -6.27
C ILE D 260 -18.91 -33.30 -7.41
N LEU D 261 -17.85 -32.62 -7.83
CA LEU D 261 -16.91 -33.10 -8.83
C LEU D 261 -16.17 -34.36 -8.39
N SER D 262 -16.10 -34.62 -7.09
CA SER D 262 -15.67 -35.96 -6.68
C SER D 262 -16.76 -36.99 -6.37
N TRP D 263 -18.04 -36.61 -6.17
CA TRP D 263 -19.01 -37.61 -5.70
C TRP D 263 -19.32 -38.71 -6.71
N VAL D 264 -19.55 -38.36 -7.97
CA VAL D 264 -20.00 -39.35 -8.94
C VAL D 264 -19.30 -39.15 -10.29
N SER D 265 -18.18 -38.43 -10.26
CA SER D 265 -17.37 -38.37 -11.46
C SER D 265 -16.35 -39.50 -11.63
N PHE D 266 -15.66 -39.97 -10.60
CA PHE D 266 -14.73 -41.06 -10.89
C PHE D 266 -15.21 -42.44 -10.48
N TRP D 267 -16.16 -42.54 -9.54
CA TRP D 267 -16.76 -43.82 -9.17
C TRP D 267 -17.39 -44.52 -10.36
N ILE D 268 -17.99 -43.78 -11.26
CA ILE D 268 -18.55 -44.35 -12.50
C ILE D 268 -17.45 -44.92 -13.38
N ASN D 269 -16.29 -44.26 -13.44
CA ASN D 269 -15.21 -44.65 -14.33
C ASN D 269 -14.62 -46.03 -13.98
N MET D 270 -14.05 -46.64 -15.03
CA MET D 270 -13.49 -47.99 -15.00
C MET D 270 -12.38 -48.08 -13.96
N ASP D 271 -12.31 -49.25 -13.29
CA ASP D 271 -11.35 -49.48 -12.22
C ASP D 271 -9.91 -49.38 -12.70
N ALA D 272 -9.60 -49.89 -13.88
CA ALA D 272 -8.23 -49.78 -14.39
C ALA D 272 -8.04 -48.44 -15.11
N ALA D 273 -8.06 -47.34 -14.35
CA ALA D 273 -7.80 -46.05 -14.98
C ALA D 273 -6.76 -45.19 -14.27
N PRO D 274 -5.71 -44.75 -14.97
CA PRO D 274 -4.75 -43.80 -14.39
C PRO D 274 -5.37 -42.45 -14.10
N ALA D 275 -6.26 -42.05 -15.01
CA ALA D 275 -6.93 -40.76 -14.92
C ALA D 275 -7.79 -40.64 -13.68
N ARG D 276 -8.40 -41.74 -13.21
CA ARG D 276 -9.28 -41.63 -12.05
C ARG D 276 -8.51 -41.11 -10.83
N VAL D 277 -7.29 -41.61 -10.65
CA VAL D 277 -6.48 -41.17 -9.52
C VAL D 277 -5.96 -39.77 -9.81
N GLY D 278 -5.68 -39.46 -11.09
CA GLY D 278 -5.27 -38.10 -11.45
C GLY D 278 -6.35 -37.09 -11.10
N LEU D 279 -7.60 -37.42 -11.44
CA LEU D 279 -8.77 -36.59 -11.15
C LEU D 279 -8.80 -36.29 -9.66
N GLY D 280 -8.63 -37.35 -8.85
CA GLY D 280 -8.81 -37.22 -7.42
C GLY D 280 -7.69 -36.38 -6.82
N ILE D 281 -6.45 -36.59 -7.29
CA ILE D 281 -5.30 -35.87 -6.74
C ILE D 281 -5.46 -34.39 -7.04
N THR D 282 -5.85 -34.05 -8.28
CA THR D 282 -6.02 -32.65 -8.66
C THR D 282 -7.10 -31.98 -7.83
N THR D 283 -8.22 -32.67 -7.59
CA THR D 283 -9.29 -32.11 -6.76
C THR D 283 -8.81 -31.81 -5.34
N VAL D 284 -8.00 -32.72 -4.76
CA VAL D 284 -7.48 -32.52 -3.41
C VAL D 284 -6.57 -31.30 -3.39
N LEU D 285 -5.74 -31.19 -4.42
CA LEU D 285 -4.76 -30.12 -4.54
C LEU D 285 -5.42 -28.75 -4.65
N THR D 286 -6.30 -28.57 -5.64
CA THR D 286 -6.97 -27.28 -5.75
C THR D 286 -7.86 -26.94 -4.55
N MET D 287 -8.54 -27.90 -3.91
CA MET D 287 -9.34 -27.49 -2.76
C MET D 287 -8.45 -27.01 -1.61
N THR D 288 -7.31 -27.68 -1.35
CA THR D 288 -6.43 -27.17 -0.29
C THR D 288 -5.87 -25.80 -0.66
N THR D 289 -5.61 -25.54 -1.95
CA THR D 289 -5.16 -24.22 -2.36
C THR D 289 -6.25 -23.17 -2.10
N GLN D 290 -7.52 -23.55 -2.30
CA GLN D 290 -8.63 -22.65 -1.95
C GLN D 290 -8.71 -22.41 -0.45
N SER D 291 -8.45 -23.46 0.35
CA SER D 291 -8.45 -23.34 1.81
C SER D 291 -7.38 -22.35 2.26
N SER D 292 -6.20 -22.40 1.65
CA SER D 292 -5.16 -21.41 1.92
C SER D 292 -5.61 -20.02 1.47
N GLY D 293 -6.31 -19.95 0.35
CA GLY D 293 -6.81 -18.68 -0.18
C GLY D 293 -7.82 -17.98 0.71
N SER D 294 -8.66 -18.76 1.42
CA SER D 294 -9.72 -18.19 2.26
C SER D 294 -9.17 -17.32 3.38
N ARG D 295 -8.10 -17.74 4.05
CA ARG D 295 -7.51 -16.97 5.16
C ARG D 295 -6.50 -15.93 4.66
N ALA D 296 -7.01 -14.89 4.02
CA ALA D 296 -6.13 -13.84 3.52
C ALA D 296 -6.38 -12.52 4.23
N SER D 297 -7.61 -12.02 4.23
CA SER D 297 -7.92 -10.78 4.93
C SER D 297 -7.79 -10.90 6.45
N LEU D 298 -8.09 -12.09 6.98
CA LEU D 298 -8.20 -12.33 8.41
C LEU D 298 -6.90 -12.10 9.17
N PRO D 299 -6.96 -11.46 10.34
CA PRO D 299 -5.77 -11.33 11.19
C PRO D 299 -5.44 -12.67 11.81
N LYS D 300 -4.17 -12.87 12.12
CA LYS D 300 -3.71 -14.11 12.71
C LYS D 300 -4.29 -14.29 14.11
N VAL D 301 -4.90 -15.46 14.37
CA VAL D 301 -5.49 -15.78 15.66
C VAL D 301 -5.21 -17.24 15.99
N SER D 302 -5.09 -17.53 17.29
CA SER D 302 -4.82 -18.89 17.75
C SER D 302 -6.02 -19.82 17.59
N TYR D 303 -7.20 -19.37 17.98
CA TYR D 303 -8.40 -20.20 17.99
C TYR D 303 -8.93 -20.48 16.58
N VAL D 304 -9.77 -21.52 16.50
CA VAL D 304 -10.30 -22.04 15.24
C VAL D 304 -11.70 -21.51 14.96
N LYS D 305 -11.86 -20.91 13.78
CA LYS D 305 -13.13 -20.38 13.25
C LYS D 305 -13.98 -21.48 12.62
N ALA D 306 -15.28 -21.16 12.44
CA ALA D 306 -16.23 -22.11 11.85
C ALA D 306 -15.89 -22.48 10.40
N ILE D 307 -15.45 -21.50 9.62
CA ILE D 307 -15.09 -21.73 8.22
C ILE D 307 -13.94 -22.74 8.10
N ASP D 308 -13.02 -22.71 9.07
CA ASP D 308 -11.95 -23.69 9.15
C ASP D 308 -12.48 -25.09 9.35
N ILE D 309 -13.52 -25.23 10.18
CA ILE D 309 -14.14 -26.54 10.42
C ILE D 309 -14.74 -27.09 9.14
N TRP D 310 -15.44 -26.24 8.39
CA TRP D 310 -16.08 -26.66 7.15
C TRP D 310 -15.05 -27.09 6.11
N MET D 311 -13.98 -26.29 5.95
CA MET D 311 -12.94 -26.63 4.98
C MET D 311 -12.20 -27.91 5.36
N ALA D 312 -11.96 -28.10 6.66
CA ALA D 312 -11.30 -29.32 7.13
C ALA D 312 -12.13 -30.57 6.84
N VAL D 313 -13.45 -30.49 7.07
CA VAL D 313 -14.32 -31.63 6.80
C VAL D 313 -14.39 -31.96 5.31
N CYS D 314 -14.48 -30.94 4.45
CA CYS D 314 -14.48 -31.17 3.01
C CYS D 314 -13.17 -31.81 2.54
N LEU D 315 -12.05 -31.35 3.09
CA LEU D 315 -10.75 -31.93 2.79
C LEU D 315 -10.67 -33.39 3.22
N LEU D 316 -11.31 -33.71 4.35
CA LEU D 316 -11.35 -35.09 4.83
C LEU D 316 -12.11 -36.00 3.85
N PHE D 317 -13.24 -35.53 3.31
CA PHE D 317 -13.97 -36.35 2.31
C PHE D 317 -13.15 -36.59 1.04
N VAL D 318 -12.57 -35.53 0.47
CA VAL D 318 -11.84 -35.72 -0.79
C VAL D 318 -10.59 -36.59 -0.59
N PHE D 319 -9.92 -36.50 0.57
CA PHE D 319 -8.80 -37.38 0.87
C PHE D 319 -9.26 -38.83 1.03
N SER D 320 -10.46 -39.03 1.61
CA SER D 320 -11.00 -40.38 1.73
C SER D 320 -11.28 -41.00 0.37
N ALA D 321 -11.68 -40.17 -0.61
CA ALA D 321 -11.92 -40.69 -1.96
C ALA D 321 -10.71 -41.43 -2.52
N LEU D 322 -9.50 -40.84 -2.37
CA LEU D 322 -8.28 -41.50 -2.83
C LEU D 322 -8.03 -42.75 -2.02
N LEU D 323 -8.29 -42.66 -0.70
CA LEU D 323 -8.12 -43.80 0.19
C LEU D 323 -8.85 -45.01 -0.38
N GLU D 324 -10.16 -44.86 -0.57
CA GLU D 324 -10.99 -45.90 -1.18
C GLU D 324 -10.42 -46.43 -2.50
N TYR D 325 -9.90 -45.54 -3.36
CA TYR D 325 -9.23 -46.02 -4.58
C TYR D 325 -8.05 -46.93 -4.30
N ALA D 326 -7.15 -46.51 -3.40
CA ALA D 326 -6.04 -47.36 -2.96
C ALA D 326 -6.51 -48.73 -2.50
N ALA D 327 -7.62 -48.77 -1.75
CA ALA D 327 -8.18 -50.03 -1.28
C ALA D 327 -8.61 -50.94 -2.43
N VAL D 328 -9.42 -50.41 -3.36
CA VAL D 328 -9.89 -51.25 -4.48
C VAL D 328 -8.74 -51.66 -5.39
N ASN D 329 -7.75 -50.79 -5.59
CA ASN D 329 -6.59 -51.14 -6.39
C ASN D 329 -5.77 -52.27 -5.76
N PHE D 330 -5.62 -52.25 -4.43
CA PHE D 330 -4.90 -53.31 -3.75
C PHE D 330 -5.62 -54.65 -3.82
N ILE D 331 -6.95 -54.62 -3.69
CA ILE D 331 -7.73 -55.84 -3.83
C ILE D 331 -7.66 -56.39 -5.25
N ALA D 332 -7.76 -55.51 -6.25
CA ALA D 332 -7.63 -55.92 -7.64
C ALA D 332 -6.23 -56.45 -7.95
N ARG D 333 -5.18 -55.87 -7.34
CA ARG D 333 -3.84 -56.39 -7.52
C ARG D 333 -3.72 -57.81 -7.00
N GLN D 334 -4.30 -58.11 -5.82
CA GLN D 334 -4.30 -59.50 -5.34
C GLN D 334 -5.04 -60.41 -6.30
N HIS D 335 -6.15 -59.92 -6.88
CA HIS D 335 -6.92 -60.70 -7.84
C HIS D 335 -6.09 -61.04 -9.08
N LYS D 336 -5.37 -60.05 -9.60
CA LYS D 336 -4.52 -60.25 -10.78
C LYS D 336 -3.32 -61.15 -10.45
N GLU D 337 -2.74 -60.99 -9.26
CA GLU D 337 -1.57 -61.77 -8.86
C GLU D 337 -1.91 -63.24 -8.74
N LEU D 338 -3.02 -63.57 -8.09
CA LEU D 338 -3.41 -64.97 -8.04
C LEU D 338 -3.92 -65.46 -9.40
N LEU D 339 -4.53 -64.55 -10.17
CA LEU D 339 -5.10 -64.91 -11.47
C LEU D 339 -4.03 -65.42 -12.44
N ARG D 340 -2.86 -64.80 -12.46
CA ARG D 340 -1.75 -65.22 -13.32
C ARG D 340 -1.24 -66.62 -12.97
N THR D 395 -10.45 -73.58 -8.45
CA THR D 395 -10.39 -72.86 -7.18
C THR D 395 -9.95 -71.42 -7.36
N VAL D 396 -8.97 -71.21 -8.25
CA VAL D 396 -8.49 -69.86 -8.51
C VAL D 396 -9.58 -68.97 -9.09
N GLU D 397 -10.39 -69.50 -10.01
CA GLU D 397 -11.49 -68.74 -10.59
C GLU D 397 -12.51 -68.37 -9.53
N GLU D 398 -12.80 -69.31 -8.63
CA GLU D 398 -13.73 -69.08 -7.53
C GLU D 398 -13.19 -67.98 -6.60
N MET D 399 -11.87 -67.95 -6.40
CA MET D 399 -11.26 -66.90 -5.60
C MET D 399 -11.21 -65.60 -6.40
N ARG D 400 -11.04 -65.70 -7.71
CA ARG D 400 -11.08 -64.55 -8.61
C ARG D 400 -12.46 -63.92 -8.59
N LYS D 401 -13.51 -64.77 -8.61
CA LYS D 401 -14.88 -64.27 -8.51
C LYS D 401 -15.07 -63.60 -7.16
N LEU D 402 -14.51 -64.20 -6.09
CA LEU D 402 -14.71 -63.65 -4.75
C LEU D 402 -14.15 -62.24 -4.70
N PHE D 403 -12.96 -62.07 -5.26
CA PHE D 403 -12.24 -60.79 -5.20
C PHE D 403 -12.94 -59.71 -6.01
N ILE D 404 -13.42 -60.05 -7.22
CA ILE D 404 -14.18 -59.06 -7.99
C ILE D 404 -15.49 -58.74 -7.29
N SER D 405 -16.14 -59.75 -6.68
CA SER D 405 -17.39 -59.48 -5.99
C SER D 405 -17.12 -58.50 -4.86
N ARG D 406 -15.97 -58.65 -4.17
CA ARG D 406 -15.61 -57.75 -3.07
C ARG D 406 -15.52 -56.34 -3.63
N ALA D 407 -14.94 -56.24 -4.84
CA ALA D 407 -14.70 -54.93 -5.47
C ALA D 407 -16.04 -54.25 -5.69
N LYS D 408 -17.00 -55.02 -6.24
CA LYS D 408 -18.29 -54.46 -6.58
C LYS D 408 -19.02 -54.03 -5.31
N ARG D 409 -18.92 -54.85 -4.24
CA ARG D 409 -19.65 -54.52 -3.01
C ARG D 409 -19.13 -53.20 -2.47
N ILE D 410 -17.80 -53.04 -2.47
CA ILE D 410 -17.18 -51.88 -1.86
C ILE D 410 -17.59 -50.64 -2.61
N ASP D 411 -17.53 -50.71 -3.96
CA ASP D 411 -17.82 -49.52 -4.75
C ASP D 411 -19.30 -49.13 -4.63
N THR D 412 -20.23 -50.10 -4.74
CA THR D 412 -21.64 -49.72 -4.72
C THR D 412 -22.02 -49.22 -3.34
N VAL D 413 -21.47 -49.88 -2.31
CA VAL D 413 -21.78 -49.56 -0.92
C VAL D 413 -21.36 -48.13 -0.69
N SER D 414 -20.18 -47.76 -1.22
CA SER D 414 -19.70 -46.41 -1.06
C SER D 414 -20.63 -45.43 -1.77
N ARG D 415 -21.08 -45.80 -3.00
CA ARG D 415 -21.86 -44.91 -3.85
C ARG D 415 -23.16 -44.51 -3.19
N VAL D 416 -23.64 -45.32 -2.24
CA VAL D 416 -24.80 -44.92 -1.48
C VAL D 416 -24.44 -44.56 -0.02
N ALA D 417 -23.27 -44.99 0.50
CA ALA D 417 -22.92 -44.72 1.89
C ALA D 417 -22.57 -43.25 2.09
N PHE D 418 -21.75 -42.69 1.21
CA PHE D 418 -21.26 -41.31 1.41
C PHE D 418 -22.33 -40.21 1.45
N PRO D 419 -23.39 -40.18 0.60
CA PRO D 419 -24.31 -39.03 0.62
C PRO D 419 -24.95 -38.74 1.97
N LEU D 420 -25.39 -39.79 2.68
CA LEU D 420 -26.11 -39.56 3.93
C LEU D 420 -25.21 -38.88 4.96
N VAL D 421 -23.93 -39.30 5.06
CA VAL D 421 -23.10 -38.73 6.13
C VAL D 421 -22.91 -37.23 5.90
N PHE D 422 -22.86 -36.84 4.62
CA PHE D 422 -22.71 -35.44 4.24
C PHE D 422 -23.95 -34.69 4.66
N LEU D 423 -25.12 -35.30 4.39
CA LEU D 423 -26.41 -34.73 4.69
C LEU D 423 -26.58 -34.53 6.20
N ILE D 424 -26.17 -35.54 6.99
CA ILE D 424 -26.30 -35.50 8.46
C ILE D 424 -25.40 -34.39 8.97
N PHE D 425 -24.25 -34.19 8.30
CA PHE D 425 -23.25 -33.22 8.73
C PHE D 425 -23.85 -31.84 8.53
N ASN D 426 -24.21 -31.53 7.28
CA ASN D 426 -24.71 -30.20 6.93
C ASN D 426 -25.91 -29.81 7.80
N ILE D 427 -26.85 -30.74 8.02
CA ILE D 427 -28.01 -30.40 8.86
C ILE D 427 -27.57 -30.10 10.29
N PHE D 428 -26.62 -30.88 10.82
CA PHE D 428 -26.12 -30.66 12.18
C PHE D 428 -25.41 -29.32 12.32
N TYR D 429 -24.53 -29.02 11.38
CA TYR D 429 -23.74 -27.78 11.40
C TYR D 429 -24.63 -26.55 11.26
N TRP D 430 -25.56 -26.57 10.31
CA TRP D 430 -26.39 -25.40 10.09
C TRP D 430 -27.35 -25.17 11.27
N ILE D 431 -27.94 -26.24 11.82
CA ILE D 431 -28.87 -26.04 12.94
C ILE D 431 -28.12 -25.55 14.18
N THR D 432 -26.90 -26.08 14.45
CA THR D 432 -26.17 -25.61 15.62
C THR D 432 -25.74 -24.16 15.48
N TYR D 433 -25.35 -23.72 14.27
CA TYR D 433 -24.96 -22.32 14.16
C TYR D 433 -26.17 -21.38 14.23
N LYS D 434 -27.32 -21.78 13.66
CA LYS D 434 -28.52 -20.96 13.82
C LYS D 434 -28.97 -20.86 15.28
N ILE D 435 -28.87 -21.95 16.02
CA ILE D 435 -29.36 -21.87 17.39
C ILE D 435 -28.37 -21.13 18.28
N ILE D 436 -27.06 -21.22 18.01
CA ILE D 436 -26.12 -20.45 18.83
C ILE D 436 -26.28 -18.94 18.58
N ARG D 437 -26.54 -18.51 17.31
CA ARG D 437 -26.78 -17.06 17.14
C ARG D 437 -28.07 -16.64 17.84
N SER D 438 -29.10 -17.51 17.77
CA SER D 438 -30.37 -17.21 18.43
C SER D 438 -30.22 -17.09 19.95
N GLU D 439 -29.41 -17.97 20.57
CA GLU D 439 -29.15 -17.84 22.00
C GLU D 439 -28.30 -16.61 22.33
N ASP D 440 -27.27 -16.34 21.52
CA ASP D 440 -26.36 -15.23 21.82
C ASP D 440 -27.04 -13.87 21.71
N ILE D 441 -27.94 -13.68 20.73
CA ILE D 441 -28.55 -12.37 20.52
C ILE D 441 -29.39 -11.94 21.73
N HIS D 442 -30.08 -12.88 22.38
CA HIS D 442 -30.77 -12.62 23.63
C HIS D 442 -29.82 -12.16 24.75
N MET E 32 -10.47 35.98 48.27
CA MET E 32 -9.39 36.28 47.36
C MET E 32 -9.80 35.94 45.93
N PRO E 33 -9.49 36.81 44.98
CA PRO E 33 -9.81 36.51 43.59
C PRO E 33 -8.83 35.53 42.99
N PRO E 34 -9.28 34.67 42.07
CA PRO E 34 -8.37 33.69 41.48
C PRO E 34 -7.39 34.33 40.50
N SER E 35 -7.85 35.36 39.76
CA SER E 35 -7.05 36.00 38.72
C SER E 35 -5.80 36.65 39.28
N GLU E 36 -5.93 37.32 40.42
CA GLU E 36 -4.79 37.98 41.05
C GLU E 36 -3.74 36.96 41.46
N PHE E 37 -4.16 35.82 42.02
CA PHE E 37 -3.17 34.82 42.41
C PHE E 37 -2.49 34.21 41.20
N LEU E 38 -3.25 33.87 40.15
CA LEU E 38 -2.65 33.26 38.98
C LEU E 38 -1.68 34.17 38.24
N ASP E 39 -1.98 35.48 38.11
CA ASP E 39 -0.96 36.30 37.46
C ASP E 39 0.15 36.75 38.42
N LYS E 40 -0.14 36.90 39.72
CA LYS E 40 0.92 37.28 40.65
C LYS E 40 1.94 36.17 40.82
N LEU E 41 1.48 34.91 40.73
CA LEU E 41 2.36 33.79 41.01
C LEU E 41 3.35 33.56 39.89
N MET E 42 2.87 33.56 38.64
CA MET E 42 3.69 33.15 37.52
C MET E 42 3.58 34.14 36.37
N GLY E 43 3.63 35.44 36.63
CA GLY E 43 3.48 36.40 35.55
C GLY E 43 4.63 37.38 35.48
N LYS E 44 4.28 38.61 35.10
CA LYS E 44 5.25 39.66 34.81
C LYS E 44 5.73 40.36 36.06
N VAL E 45 4.89 40.44 37.08
CA VAL E 45 5.31 41.04 38.35
C VAL E 45 6.24 40.12 39.11
N SER E 46 6.13 38.82 38.87
CA SER E 46 7.03 37.84 39.44
C SER E 46 8.33 37.82 38.67
N GLY E 47 9.44 37.68 39.39
CA GLY E 47 10.75 37.55 38.79
C GLY E 47 11.07 36.17 38.22
N TYR E 48 10.05 35.41 37.85
CA TYR E 48 10.18 34.04 37.38
C TYR E 48 10.59 34.04 35.92
N ASP E 49 11.85 33.73 35.63
CA ASP E 49 12.25 33.55 34.24
C ASP E 49 12.15 32.06 33.91
N ALA E 50 11.42 31.75 32.85
CA ALA E 50 11.15 30.38 32.45
C ALA E 50 12.29 29.74 31.67
N ARG E 51 13.37 30.46 31.43
CA ARG E 51 14.51 29.93 30.70
C ARG E 51 15.62 29.42 31.61
N ILE E 52 15.49 29.55 32.92
CA ILE E 52 16.52 29.14 33.87
C ILE E 52 16.00 27.96 34.67
N ARG E 53 16.85 26.94 34.80
CA ARG E 53 16.52 25.76 35.60
C ARG E 53 16.42 26.11 37.09
N PRO E 54 15.56 25.42 37.83
CA PRO E 54 15.57 25.57 39.29
C PRO E 54 16.86 25.06 39.89
N ASN E 55 17.23 25.68 41.02
CA ASN E 55 18.50 25.44 41.72
C ASN E 55 19.70 25.67 40.82
N PHE E 56 19.70 26.84 40.17
CA PHE E 56 20.79 27.22 39.28
C PHE E 56 22.10 27.38 40.05
N LYS E 57 23.19 26.92 39.41
CA LYS E 57 24.52 26.78 40.03
C LYS E 57 24.45 25.91 41.29
N GLY E 58 23.73 24.81 41.21
CA GLY E 58 23.42 23.98 42.34
C GLY E 58 23.38 22.51 41.98
N PRO E 59 22.99 21.67 42.94
CA PRO E 59 22.87 20.24 42.67
C PRO E 59 21.84 19.96 41.59
N PRO E 60 22.06 18.92 40.78
CA PRO E 60 21.14 18.54 39.70
C PRO E 60 19.69 18.28 40.13
N VAL E 61 18.78 18.68 39.25
CA VAL E 61 17.34 18.56 39.46
C VAL E 61 16.92 17.11 39.27
N ASN E 62 16.47 16.46 40.34
CA ASN E 62 16.03 15.07 40.28
C ASN E 62 14.61 14.97 39.72
N VAL E 63 14.37 13.97 38.87
CA VAL E 63 13.09 13.79 38.17
C VAL E 63 12.70 12.32 38.24
N THR E 64 11.53 12.03 38.82
CA THR E 64 10.95 10.70 38.83
C THR E 64 9.93 10.53 37.69
N CYS E 65 9.99 9.41 36.99
CA CYS E 65 9.18 9.16 35.80
C CYS E 65 8.29 7.93 35.99
N ASN E 66 6.99 8.11 35.82
CA ASN E 66 5.98 7.05 35.91
C ASN E 66 5.25 6.92 34.56
N ILE E 67 5.15 5.69 34.04
CA ILE E 67 4.53 5.43 32.74
C ILE E 67 3.31 4.52 32.89
N PHE E 68 2.22 4.88 32.20
CA PHE E 68 1.01 4.07 32.10
C PHE E 68 0.77 3.68 30.64
N ILE E 69 0.62 2.38 30.37
CA ILE E 69 0.42 1.87 29.01
C ILE E 69 -1.07 1.74 28.73
N ASN E 70 -1.56 2.56 27.81
CA ASN E 70 -2.98 2.54 27.44
C ASN E 70 -3.31 1.42 26.45
N SER E 71 -2.53 1.27 25.37
CA SER E 71 -2.87 0.31 24.32
C SER E 71 -1.62 -0.12 23.55
N PHE E 72 -1.16 -1.34 23.78
CA PHE E 72 -0.04 -1.92 23.06
C PHE E 72 -0.55 -2.56 21.78
N GLY E 73 0.07 -2.29 20.64
CA GLY E 73 -0.48 -2.80 19.40
C GLY E 73 0.47 -2.73 18.22
N SER E 74 0.02 -3.33 17.11
CA SER E 74 0.69 -3.26 15.80
C SER E 74 2.13 -3.76 15.77
N ILE E 75 2.42 -4.87 16.43
CA ILE E 75 3.76 -5.44 16.31
C ILE E 75 3.92 -6.09 14.95
N ALA E 76 5.06 -5.85 14.31
CA ALA E 76 5.31 -6.36 12.98
C ALA E 76 6.78 -6.72 12.86
N GLU E 77 7.08 -7.52 11.85
CA GLU E 77 8.44 -8.02 11.63
C GLU E 77 9.18 -7.34 10.50
N THR E 78 8.52 -7.08 9.37
CA THR E 78 9.22 -6.53 8.21
C THR E 78 9.77 -5.14 8.49
N THR E 79 8.93 -4.26 9.01
CA THR E 79 9.33 -2.89 9.34
C THR E 79 10.28 -2.84 10.55
N MET E 80 10.25 -3.87 11.42
CA MET E 80 11.05 -3.98 12.68
C MET E 80 10.64 -2.98 13.76
N ASP E 81 9.34 -2.73 13.93
CA ASP E 81 8.92 -1.78 14.96
C ASP E 81 7.50 -2.08 15.44
N TYR E 82 7.14 -1.50 16.59
CA TYR E 82 5.82 -1.65 17.19
C TYR E 82 5.25 -0.27 17.55
N ARG E 83 3.97 -0.25 17.87
CA ARG E 83 3.23 0.97 18.20
C ARG E 83 2.72 0.92 19.63
N VAL E 84 2.84 2.02 20.36
CA VAL E 84 2.38 2.05 21.74
C VAL E 84 1.81 3.44 22.06
N ASN E 85 0.72 3.47 22.85
CA ASN E 85 0.09 4.70 23.31
C ASN E 85 0.25 4.77 24.83
N ILE E 86 1.06 5.71 25.31
CA ILE E 86 1.41 5.80 26.72
C ILE E 86 0.81 7.04 27.36
N PHE E 87 0.88 7.07 28.70
CA PHE E 87 0.59 8.23 29.56
C PHE E 87 1.85 8.58 30.35
N LEU E 88 2.74 9.39 29.79
CA LEU E 88 3.93 9.84 30.51
C LEU E 88 3.57 10.71 31.71
N ARG E 89 4.27 10.50 32.82
CA ARG E 89 4.09 11.30 34.05
C ARG E 89 5.44 11.53 34.71
N GLN E 90 5.83 12.79 34.88
CA GLN E 90 7.11 13.15 35.49
C GLN E 90 6.92 14.18 36.57
N GLN E 91 7.58 13.99 37.72
CA GLN E 91 7.48 14.90 38.85
C GLN E 91 8.86 15.44 39.21
N TRP E 92 8.92 16.75 39.50
CA TRP E 92 10.14 17.38 40.00
C TRP E 92 9.78 18.47 40.97
N ASN E 93 10.78 18.96 41.70
CA ASN E 93 10.59 19.98 42.72
C ASN E 93 11.13 21.32 42.25
N ASP E 94 10.48 22.40 42.68
CA ASP E 94 10.92 23.75 42.40
C ASP E 94 10.98 24.52 43.72
N PRO E 95 12.06 25.26 43.99
CA PRO E 95 12.08 26.12 45.19
C PRO E 95 11.15 27.31 45.09
N ARG E 96 10.99 27.87 43.89
CA ARG E 96 9.95 28.83 43.58
C ARG E 96 8.63 28.07 43.44
N LEU E 97 7.55 28.79 43.14
CA LEU E 97 6.19 28.25 43.02
C LEU E 97 5.74 27.60 44.32
N ALA E 98 6.13 28.18 45.44
CA ALA E 98 5.67 27.77 46.76
C ALA E 98 4.80 28.87 47.32
N TYR E 99 3.49 28.68 47.28
CA TYR E 99 2.56 29.76 47.59
C TYR E 99 2.36 29.91 49.09
N SER E 100 1.77 28.89 49.72
CA SER E 100 1.43 28.85 51.15
C SER E 100 0.56 30.02 51.63
N GLU E 101 -0.46 30.38 50.86
CA GLU E 101 -1.36 31.43 51.33
C GLU E 101 -2.81 30.96 51.20
N TYR E 102 -3.13 30.17 50.18
CA TYR E 102 -4.45 29.54 50.17
C TYR E 102 -4.51 28.38 51.16
N PRO E 103 -5.68 28.14 51.75
CA PRO E 103 -5.78 27.08 52.77
C PRO E 103 -5.77 25.65 52.25
N ASP E 104 -5.79 25.43 50.94
CA ASP E 104 -5.82 24.08 50.41
C ASP E 104 -4.42 23.56 50.07
N ASP E 105 -4.34 22.25 49.85
CA ASP E 105 -3.05 21.59 49.67
C ASP E 105 -2.53 21.65 48.24
N SER E 106 -3.37 21.36 47.25
CA SER E 106 -2.94 21.31 45.86
C SER E 106 -3.90 22.11 45.00
N LEU E 107 -3.46 22.38 43.77
CA LEU E 107 -4.26 23.14 42.82
C LEU E 107 -4.23 22.47 41.46
N ASP E 108 -5.38 22.35 40.83
CA ASP E 108 -5.49 21.81 39.48
C ASP E 108 -5.59 23.01 38.55
N LEU E 109 -4.50 23.35 37.89
CA LEU E 109 -4.47 24.53 37.05
C LEU E 109 -4.95 24.21 35.64
N ASP E 110 -5.14 25.26 34.85
CA ASP E 110 -5.52 25.12 33.47
C ASP E 110 -4.32 24.57 32.68
N PRO E 111 -4.56 23.73 31.67
CA PRO E 111 -3.43 23.29 30.83
C PRO E 111 -3.06 24.14 29.63
N SER E 112 -3.51 25.39 29.53
CA SER E 112 -3.11 26.22 28.41
C SER E 112 -1.98 27.14 28.78
N MET E 113 -1.62 27.19 30.05
CA MET E 113 -0.51 28.02 30.52
C MET E 113 0.69 27.17 30.90
N LEU E 114 0.92 26.08 30.15
CA LEU E 114 2.10 25.25 30.32
C LEU E 114 3.30 25.79 29.58
N ASP E 115 3.21 26.97 28.99
CA ASP E 115 4.34 27.57 28.31
C ASP E 115 5.09 28.54 29.19
N SER E 116 4.61 28.81 30.40
CA SER E 116 5.24 29.77 31.30
C SER E 116 5.95 29.11 32.48
N ILE E 117 6.41 27.86 32.32
CA ILE E 117 7.10 27.14 33.38
C ILE E 117 8.27 26.39 32.75
N TRP E 118 9.05 25.73 33.61
CA TRP E 118 10.27 25.04 33.18
C TRP E 118 9.97 23.56 32.99
N LYS E 119 9.43 23.22 31.83
CA LYS E 119 9.35 21.81 31.48
C LYS E 119 10.75 21.28 31.13
N PRO E 120 11.09 20.06 31.55
CA PRO E 120 12.35 19.47 31.11
C PRO E 120 12.24 18.86 29.73
N ASP E 121 13.38 18.79 29.04
CA ASP E 121 13.42 18.14 27.74
C ASP E 121 13.53 16.63 27.90
N LEU E 122 12.85 15.90 27.02
CA LEU E 122 12.85 14.44 27.08
C LEU E 122 12.52 13.93 25.69
N PHE E 123 13.32 13.00 25.19
CA PHE E 123 13.07 12.35 23.92
C PHE E 123 13.44 10.88 24.02
N PHE E 124 13.01 10.12 23.02
CA PHE E 124 13.27 8.69 22.95
C PHE E 124 14.26 8.42 21.83
N ALA E 125 15.27 7.58 22.09
CA ALA E 125 16.30 7.33 21.08
C ALA E 125 15.74 6.64 19.84
N ASN E 126 14.92 5.62 20.01
CA ASN E 126 14.27 4.95 18.88
C ASN E 126 12.93 5.60 18.56
N GLU E 127 12.99 6.83 18.08
CA GLU E 127 11.81 7.66 17.85
C GLU E 127 11.36 7.73 16.39
N LYS E 128 10.15 7.26 16.13
CA LYS E 128 9.48 7.38 14.84
C LYS E 128 8.08 7.86 15.17
N GLY E 129 7.45 8.63 14.27
CA GLY E 129 6.14 9.19 14.59
C GLY E 129 6.23 10.13 15.77
N ALA E 130 5.52 9.77 16.85
CA ALA E 130 5.45 10.46 18.15
C ALA E 130 4.60 11.73 18.21
N ASN E 131 3.66 11.93 17.30
CA ASN E 131 2.77 13.09 17.33
C ASN E 131 1.82 13.11 18.53
N PHE E 132 1.56 14.31 19.05
CA PHE E 132 0.64 14.53 20.17
C PHE E 132 -0.82 14.43 19.74
N HIS E 133 -1.68 14.16 20.73
CA HIS E 133 -3.13 14.06 20.55
C HIS E 133 -3.81 15.35 21.02
N GLU E 134 -4.41 16.11 20.11
CA GLU E 134 -5.04 17.39 20.49
C GLU E 134 -6.45 17.41 19.91
N VAL E 135 -7.38 16.70 20.54
CA VAL E 135 -8.79 16.67 20.16
C VAL E 135 -9.57 17.58 21.09
N THR E 136 -10.19 18.62 20.54
CA THR E 136 -11.01 19.65 21.17
C THR E 136 -10.13 20.55 22.05
N THR E 137 -9.46 19.93 23.00
CA THR E 137 -8.54 20.55 23.94
C THR E 137 -7.30 19.69 24.00
N ASP E 138 -6.14 20.31 24.24
CA ASP E 138 -4.89 19.59 24.34
C ASP E 138 -4.94 18.64 25.54
N ASN E 139 -4.51 17.40 25.32
CA ASN E 139 -4.48 16.40 26.39
C ASN E 139 -3.24 16.64 27.23
N LYS E 140 -3.42 17.45 28.26
CA LYS E 140 -2.36 17.89 29.16
C LYS E 140 -2.91 17.97 30.57
N LEU E 141 -2.01 17.93 31.57
CA LEU E 141 -2.44 18.00 32.95
C LEU E 141 -1.36 18.72 33.76
N LEU E 142 -1.80 19.61 34.64
CA LEU E 142 -0.92 20.36 35.53
C LEU E 142 -1.44 20.31 36.96
N ARG E 143 -0.55 20.03 37.91
CA ARG E 143 -0.86 20.12 39.33
C ARG E 143 0.35 20.71 40.04
N ILE E 144 0.10 21.33 41.20
CA ILE E 144 1.13 22.05 41.95
C ILE E 144 0.78 21.94 43.43
N SER E 145 1.75 21.56 44.25
CA SER E 145 1.54 21.41 45.68
C SER E 145 2.08 22.64 46.41
N LYS E 146 1.94 22.61 47.75
CA LYS E 146 2.33 23.76 48.56
C LYS E 146 3.84 23.90 48.63
N ASN E 147 4.55 22.78 48.69
CA ASN E 147 6.01 22.84 48.77
C ASN E 147 6.66 23.17 47.44
N GLY E 148 6.01 22.83 46.33
CA GLY E 148 6.58 23.09 45.01
C GLY E 148 6.69 21.88 44.10
N ASN E 149 6.14 20.75 44.53
CA ASN E 149 6.15 19.54 43.73
C ASN E 149 5.11 19.62 42.62
N VAL E 150 5.53 19.49 41.37
CA VAL E 150 4.64 19.60 40.24
C VAL E 150 4.33 18.21 39.70
N LEU E 151 3.29 18.12 38.86
CA LEU E 151 2.88 16.86 38.23
C LEU E 151 2.47 17.15 36.80
N TYR E 152 3.23 16.61 35.85
CA TYR E 152 3.04 16.82 34.41
C TYR E 152 2.64 15.51 33.74
N SER E 153 1.49 15.50 33.06
CA SER E 153 1.00 14.31 32.36
C SER E 153 0.71 14.60 30.90
N ILE E 154 1.25 13.76 30.01
CA ILE E 154 1.16 13.94 28.55
C ILE E 154 0.75 12.62 27.92
N ARG E 155 -0.22 12.67 27.00
CA ARG E 155 -0.60 11.52 26.17
C ARG E 155 0.09 11.59 24.81
N ILE E 156 0.81 10.53 24.44
CA ILE E 156 1.60 10.46 23.19
C ILE E 156 1.59 9.04 22.64
N THR E 157 1.38 8.90 21.33
CA THR E 157 1.52 7.62 20.62
C THR E 157 2.90 7.49 19.98
N LEU E 158 3.63 6.44 20.36
CA LEU E 158 5.02 6.22 19.94
C LEU E 158 5.15 5.05 18.97
N VAL E 159 5.79 5.27 17.84
CA VAL E 159 6.31 4.17 17.01
C VAL E 159 7.77 3.93 17.39
N LEU E 160 8.06 2.76 17.97
CA LEU E 160 9.38 2.47 18.52
C LEU E 160 10.00 1.27 17.82
N ALA E 161 11.29 1.36 17.49
CA ALA E 161 11.98 0.31 16.74
C ALA E 161 12.52 -0.76 17.68
N CYS E 162 12.14 -2.02 17.42
CA CYS E 162 12.61 -3.17 18.17
C CYS E 162 13.41 -4.08 17.25
N PRO E 163 14.71 -4.28 17.48
CA PRO E 163 15.56 -5.14 16.63
C PRO E 163 15.48 -6.62 17.01
N MET E 164 14.36 -7.25 16.66
CA MET E 164 14.12 -8.64 17.03
C MET E 164 15.04 -9.62 16.30
N ASP E 165 15.43 -10.68 17.02
CA ASP E 165 16.26 -11.76 16.50
C ASP E 165 15.39 -12.99 16.24
N LEU E 166 15.27 -13.38 14.98
CA LEU E 166 14.45 -14.51 14.59
C LEU E 166 15.27 -15.79 14.44
N LYS E 167 16.07 -16.15 15.43
CA LYS E 167 16.81 -17.42 15.36
C LYS E 167 15.88 -18.63 15.39
N ASN E 168 14.82 -18.55 16.19
CA ASN E 168 13.81 -19.60 16.31
C ASN E 168 12.49 -18.93 15.95
N PHE E 169 12.00 -19.10 14.71
CA PHE E 169 10.85 -18.30 14.28
C PHE E 169 9.52 -18.68 14.91
N PRO E 170 9.04 -19.93 14.90
CA PRO E 170 7.71 -20.15 15.49
C PRO E 170 7.69 -20.02 17.00
N MET E 171 8.74 -20.41 17.69
CA MET E 171 8.79 -20.35 19.15
C MET E 171 9.87 -19.35 19.51
N ASP E 172 9.49 -18.23 20.12
CA ASP E 172 10.50 -17.23 20.45
C ASP E 172 10.01 -16.28 21.53
N VAL E 173 10.96 -15.64 22.18
CA VAL E 173 10.71 -14.55 23.11
C VAL E 173 11.45 -13.32 22.63
N GLN E 174 10.75 -12.20 22.53
CA GLN E 174 11.32 -10.98 22.00
C GLN E 174 11.38 -9.93 23.09
N THR E 175 12.50 -9.23 23.18
CA THR E 175 12.68 -8.15 24.14
C THR E 175 12.71 -6.84 23.39
N CYS E 176 11.82 -5.92 23.76
CA CYS E 176 11.71 -4.62 23.12
C CYS E 176 12.01 -3.50 24.12
N ILE E 177 12.74 -2.50 23.65
CA ILE E 177 13.43 -1.52 24.47
C ILE E 177 12.74 -0.16 24.35
N MET E 178 12.49 0.49 25.49
CA MET E 178 12.08 1.89 25.53
C MET E 178 13.14 2.71 26.28
N GLN E 179 13.63 3.78 25.67
CA GLN E 179 14.68 4.61 26.28
C GLN E 179 14.23 6.06 26.42
N LEU E 180 14.41 6.63 27.61
CA LEU E 180 14.13 8.04 27.90
C LEU E 180 15.41 8.76 28.29
N GLU E 181 15.77 9.82 27.55
CA GLU E 181 17.04 10.49 27.84
C GLU E 181 16.95 11.97 27.53
N SER E 182 17.87 12.73 28.12
CA SER E 182 17.94 14.19 28.01
C SER E 182 18.83 14.62 26.84
N PHE E 183 18.25 15.34 25.89
CA PHE E 183 19.01 15.79 24.72
C PHE E 183 20.02 16.87 25.06
N GLY E 184 19.61 17.91 25.79
CA GLY E 184 20.46 19.07 25.93
C GLY E 184 21.20 19.34 27.22
N TYR E 185 21.02 18.54 28.28
CA TYR E 185 21.67 18.82 29.54
C TYR E 185 22.63 17.67 29.87
N THR E 186 23.69 17.98 30.63
CA THR E 186 24.68 16.97 30.96
C THR E 186 24.29 16.32 32.29
N MET E 187 25.19 15.52 32.88
CA MET E 187 24.90 14.84 34.13
C MET E 187 24.76 15.79 35.29
N ASN E 188 25.51 16.90 35.28
CA ASN E 188 25.45 17.90 36.34
C ASN E 188 24.07 18.53 36.55
N ASP E 189 23.09 18.24 35.67
CA ASP E 189 21.73 18.74 35.73
C ASP E 189 20.82 17.59 35.31
N LEU E 190 19.53 17.71 35.66
CA LEU E 190 18.43 16.84 35.22
C LEU E 190 18.73 15.32 35.27
N ILE E 191 19.12 14.81 36.44
CA ILE E 191 19.26 13.37 36.56
C ILE E 191 17.90 12.69 36.60
N PHE E 192 17.69 11.71 35.72
CA PHE E 192 16.42 10.97 35.64
C PHE E 192 16.43 9.73 36.53
N GLU E 193 15.44 9.63 37.41
CA GLU E 193 15.27 8.49 38.29
C GLU E 193 13.94 7.78 38.02
N TRP E 194 13.89 6.49 38.30
CA TRP E 194 12.63 5.75 38.21
C TRP E 194 11.85 5.94 39.52
N ASP E 195 10.64 5.41 39.53
CA ASP E 195 9.78 5.45 40.72
C ASP E 195 9.77 4.08 41.38
N GLU E 196 9.92 4.07 42.71
CA GLU E 196 10.02 2.82 43.45
C GLU E 196 8.74 2.00 43.39
N LYS E 197 7.58 2.65 43.45
CA LYS E 197 6.32 1.92 43.47
C LYS E 197 5.51 2.27 42.23
N GLY E 198 4.97 1.25 41.58
CA GLY E 198 4.14 1.41 40.39
C GLY E 198 4.81 2.11 39.23
N ALA E 199 6.04 1.73 38.91
CA ALA E 199 6.78 2.38 37.82
C ALA E 199 6.14 2.14 36.46
N VAL E 200 5.66 0.94 36.18
CA VAL E 200 5.02 0.62 34.91
C VAL E 200 3.67 -0.01 35.21
N GLN E 201 2.61 0.58 34.67
CA GLN E 201 1.25 0.07 34.83
C GLN E 201 0.67 -0.26 33.47
N VAL E 202 -0.30 -1.17 33.45
CA VAL E 202 -0.98 -1.59 32.24
C VAL E 202 -2.48 -1.48 32.47
N ALA E 203 -3.22 -1.07 31.44
CA ALA E 203 -4.67 -0.98 31.52
C ALA E 203 -5.28 -2.36 31.66
N ASP E 204 -6.33 -2.44 32.46
CA ASP E 204 -7.01 -3.70 32.72
C ASP E 204 -7.69 -4.25 31.47
N GLY E 205 -7.63 -5.56 31.31
CA GLY E 205 -8.20 -6.23 30.15
C GLY E 205 -7.57 -5.86 28.82
N LEU E 206 -6.25 -5.78 28.78
CA LEU E 206 -5.54 -5.47 27.54
C LEU E 206 -4.92 -6.76 27.01
N THR E 207 -5.23 -7.07 25.76
CA THR E 207 -4.79 -8.30 25.12
C THR E 207 -4.20 -8.00 23.75
N LEU E 208 -3.34 -8.90 23.32
CA LEU E 208 -2.71 -8.85 22.01
C LEU E 208 -3.14 -10.09 21.25
N PRO E 209 -3.51 -9.97 19.97
CA PRO E 209 -3.92 -11.15 19.22
C PRO E 209 -2.83 -12.18 19.00
N GLN E 210 -1.61 -11.73 18.72
CA GLN E 210 -0.51 -12.62 18.36
C GLN E 210 0.40 -12.99 19.54
N PHE E 211 0.68 -12.07 20.46
CA PHE E 211 1.66 -12.26 21.52
C PHE E 211 1.01 -12.26 22.90
N ILE E 212 1.67 -12.86 23.88
CA ILE E 212 1.30 -12.77 25.29
C ILE E 212 2.34 -11.96 26.05
N LEU E 213 1.92 -10.86 26.67
CA LEU E 213 2.80 -10.04 27.49
C LEU E 213 3.06 -10.68 28.85
N LYS E 214 4.31 -10.59 29.31
CA LYS E 214 4.74 -11.13 30.60
C LYS E 214 4.80 -10.05 31.67
N GLU E 215 4.30 -10.38 32.86
CA GLU E 215 4.28 -9.42 33.97
C GLU E 215 5.60 -9.51 34.74
N GLU E 216 6.69 -9.08 34.09
CA GLU E 216 7.98 -8.96 34.75
C GLU E 216 8.51 -7.53 34.74
N LYS E 217 8.70 -6.93 33.55
CA LYS E 217 9.04 -5.51 33.37
C LYS E 217 10.28 -5.04 34.14
N ASP E 218 11.40 -5.74 33.93
CA ASP E 218 12.66 -5.36 34.56
C ASP E 218 13.16 -4.00 34.09
N LEU E 219 13.58 -3.17 35.05
CA LEU E 219 13.98 -1.79 34.82
C LEU E 219 15.44 -1.59 35.21
N ARG E 220 16.24 -1.08 34.27
CA ARG E 220 17.61 -0.68 34.56
C ARG E 220 17.97 0.54 33.72
N TYR E 221 18.98 1.27 34.15
CA TYR E 221 19.38 2.49 33.47
C TYR E 221 20.82 2.43 32.96
N CYS E 222 21.02 2.87 31.72
CA CYS E 222 22.33 2.91 31.07
C CYS E 222 22.64 4.34 30.61
N THR E 223 23.76 4.87 31.08
CA THR E 223 24.18 6.22 30.72
C THR E 223 24.69 6.25 29.28
N LYS E 224 24.66 7.44 28.66
CA LYS E 224 25.10 7.65 27.28
C LYS E 224 26.32 8.55 27.27
N HIS E 225 27.36 8.14 26.54
CA HIS E 225 28.58 8.93 26.39
C HIS E 225 28.70 9.46 24.97
N TYR E 226 28.97 10.75 24.84
CA TYR E 226 29.19 11.39 23.55
C TYR E 226 30.42 12.28 23.65
N ASN E 227 30.90 12.74 22.49
CA ASN E 227 32.01 13.69 22.48
C ASN E 227 31.64 15.01 23.14
N THR E 228 30.39 15.46 22.96
CA THR E 228 29.92 16.68 23.63
C THR E 228 29.86 16.50 25.15
N GLY E 229 29.41 15.35 25.63
CA GLY E 229 29.35 15.13 27.06
C GLY E 229 28.68 13.80 27.36
N LYS E 230 28.44 13.57 28.65
CA LYS E 230 27.79 12.37 29.13
C LYS E 230 26.38 12.69 29.63
N PHE E 231 25.39 11.98 29.11
CA PHE E 231 23.97 12.29 29.27
C PHE E 231 23.21 11.13 29.92
N THR E 232 22.30 11.47 30.83
CA THR E 232 21.52 10.48 31.56
C THR E 232 20.49 9.79 30.68
N CYS E 233 20.20 8.52 31.00
CA CYS E 233 19.16 7.76 30.31
C CYS E 233 18.62 6.68 31.23
N ILE E 234 17.36 6.27 30.99
CA ILE E 234 16.72 5.17 31.70
C ILE E 234 16.00 4.29 30.68
N GLU E 235 15.93 2.99 30.99
CA GLU E 235 15.45 1.99 30.04
C GLU E 235 14.39 1.09 30.68
N ALA E 236 13.40 0.69 29.88
CA ALA E 236 12.35 -0.25 30.30
C ALA E 236 12.22 -1.38 29.29
N ARG E 237 12.11 -2.62 29.79
CA ARG E 237 12.09 -3.80 28.93
C ARG E 237 10.80 -4.60 29.09
N PHE E 238 10.25 -5.04 27.95
CA PHE E 238 9.04 -5.86 27.92
C PHE E 238 9.35 -7.20 27.26
N HIS E 239 8.81 -8.28 27.81
CA HIS E 239 9.01 -9.62 27.28
C HIS E 239 7.74 -10.11 26.60
N LEU E 240 7.87 -10.65 25.38
CA LEU E 240 6.73 -11.10 24.59
C LEU E 240 6.88 -12.56 24.19
N GLU E 241 5.80 -13.34 24.32
CA GLU E 241 5.76 -14.74 23.89
C GLU E 241 4.79 -14.91 22.73
N ARG E 242 5.27 -15.47 21.64
CA ARG E 242 4.43 -15.71 20.47
C ARG E 242 3.55 -16.93 20.68
N GLN E 243 2.32 -16.86 20.16
CA GLN E 243 1.37 -17.96 20.22
C GLN E 243 1.62 -18.95 19.09
N MET E 244 1.68 -20.22 19.46
CA MET E 244 1.96 -21.33 18.57
C MET E 244 0.71 -21.83 17.84
N GLY E 245 -0.48 -21.35 18.22
CA GLY E 245 -1.73 -21.90 17.72
C GLY E 245 -1.95 -21.71 16.23
N TYR E 246 -1.68 -20.51 15.74
CA TYR E 246 -1.97 -20.16 14.34
C TYR E 246 -1.00 -20.85 13.39
N TYR E 247 0.27 -20.85 13.77
CA TYR E 247 1.32 -21.38 12.91
C TYR E 247 1.12 -22.86 12.66
N LEU E 248 0.63 -23.60 13.67
CA LEU E 248 0.43 -25.04 13.51
C LEU E 248 -0.59 -25.34 12.42
N ILE E 249 -1.73 -24.65 12.47
CA ILE E 249 -2.80 -24.88 11.51
C ILE E 249 -2.42 -24.44 10.11
N GLN E 250 -1.79 -23.27 9.95
CA GLN E 250 -1.39 -22.90 8.58
C GLN E 250 -0.24 -23.73 8.02
N MET E 251 0.76 -24.08 8.82
CA MET E 251 1.89 -24.72 8.16
C MET E 251 2.19 -26.15 8.60
N TYR E 252 2.15 -26.44 9.90
CA TYR E 252 2.56 -27.75 10.36
C TYR E 252 1.61 -28.86 9.90
N ILE E 253 0.31 -28.65 10.04
CA ILE E 253 -0.69 -29.64 9.65
C ILE E 253 -0.79 -29.87 8.14
N PRO E 254 -0.86 -28.87 7.23
CA PRO E 254 -0.93 -29.22 5.79
C PRO E 254 0.32 -29.87 5.26
N SER E 255 1.51 -29.45 5.70
CA SER E 255 2.72 -30.09 5.22
C SER E 255 2.73 -31.56 5.64
N LEU E 256 2.37 -31.82 6.89
CA LEU E 256 2.23 -33.20 7.37
C LEU E 256 1.12 -33.94 6.62
N LEU E 257 0.14 -33.21 6.06
CA LEU E 257 -0.88 -33.83 5.24
C LEU E 257 -0.29 -34.27 3.91
N ILE E 258 0.52 -33.40 3.29
CA ILE E 258 1.13 -33.71 1.99
C ILE E 258 2.00 -34.96 2.17
N VAL E 259 2.72 -35.00 3.30
CA VAL E 259 3.56 -36.13 3.64
C VAL E 259 2.71 -37.39 3.80
N ILE E 260 1.53 -37.25 4.43
CA ILE E 260 0.61 -38.39 4.62
C ILE E 260 0.09 -38.87 3.27
N LEU E 261 -0.19 -37.93 2.39
CA LEU E 261 -0.61 -38.18 1.02
C LEU E 261 0.48 -38.87 0.20
N SER E 262 1.74 -38.79 0.62
CA SER E 262 2.74 -39.69 0.03
C SER E 262 3.05 -40.97 0.80
N TRP E 263 2.68 -41.13 2.08
CA TRP E 263 3.17 -42.30 2.82
C TRP E 263 2.61 -43.63 2.34
N VAL E 264 1.31 -43.72 2.10
CA VAL E 264 0.69 -45.00 1.77
C VAL E 264 -0.35 -44.82 0.66
N SER E 265 -0.26 -43.73 -0.07
CA SER E 265 -1.07 -43.61 -1.27
C SER E 265 -0.48 -44.22 -2.54
N PHE E 266 0.81 -44.11 -2.83
CA PHE E 266 1.25 -44.75 -4.07
C PHE E 266 1.99 -46.06 -3.88
N TRP E 267 2.54 -46.33 -2.70
CA TRP E 267 3.17 -47.62 -2.40
C TRP E 267 2.20 -48.79 -2.59
N ILE E 268 0.93 -48.58 -2.24
CA ILE E 268 -0.09 -49.60 -2.45
C ILE E 268 -0.32 -49.85 -3.93
N ASN E 269 -0.26 -48.79 -4.76
CA ASN E 269 -0.54 -48.89 -6.19
C ASN E 269 0.44 -49.78 -6.94
N MET E 270 -0.06 -50.31 -8.05
CA MET E 270 0.64 -51.26 -8.92
C MET E 270 1.94 -50.65 -9.45
N ASP E 271 2.97 -51.50 -9.56
CA ASP E 271 4.29 -51.04 -9.99
C ASP E 271 4.29 -50.46 -11.40
N ALA E 272 3.54 -51.05 -12.33
CA ALA E 272 3.47 -50.50 -13.68
C ALA E 272 2.40 -49.41 -13.76
N ALA E 273 2.65 -48.28 -13.08
CA ALA E 273 1.70 -47.19 -13.21
C ALA E 273 2.31 -45.83 -13.53
N PRO E 274 1.86 -45.18 -14.61
CA PRO E 274 2.32 -43.80 -14.91
C PRO E 274 1.86 -42.81 -13.84
N ALA E 275 0.64 -43.03 -13.36
CA ALA E 275 0.03 -42.17 -12.37
C ALA E 275 0.80 -42.12 -11.07
N ARG E 276 1.44 -43.24 -10.67
CA ARG E 276 2.13 -43.25 -9.38
C ARG E 276 3.24 -42.19 -9.36
N VAL E 277 3.98 -42.07 -10.48
CA VAL E 277 5.05 -41.09 -10.57
C VAL E 277 4.42 -39.70 -10.72
N GLY E 278 3.27 -39.61 -11.42
CA GLY E 278 2.57 -38.33 -11.52
C GLY E 278 2.18 -37.81 -10.16
N LEU E 279 1.62 -38.69 -9.33
CA LEU E 279 1.19 -38.39 -7.96
C LEU E 279 2.38 -37.80 -7.20
N GLY E 280 3.53 -38.48 -7.32
CA GLY E 280 4.69 -38.11 -6.52
C GLY E 280 5.23 -36.77 -6.97
N ILE E 281 5.29 -36.53 -8.29
CA ILE E 281 5.86 -35.30 -8.83
C ILE E 281 4.99 -34.13 -8.37
N THR E 282 3.65 -34.28 -8.47
CA THR E 282 2.74 -33.20 -8.09
C THR E 282 2.88 -32.88 -6.61
N THR E 283 3.01 -33.90 -5.75
CA THR E 283 3.20 -33.65 -4.32
C THR E 283 4.47 -32.87 -4.04
N VAL E 284 5.56 -33.21 -4.75
CA VAL E 284 6.83 -32.49 -4.55
C VAL E 284 6.67 -31.04 -4.97
N LEU E 285 5.99 -30.83 -6.09
CA LEU E 285 5.78 -29.51 -6.66
C LEU E 285 4.97 -28.60 -5.73
N THR E 286 3.77 -29.04 -5.36
CA THR E 286 2.98 -28.21 -4.45
C THR E 286 3.62 -28.00 -3.07
N MET E 287 4.33 -28.99 -2.51
CA MET E 287 4.94 -28.71 -1.21
C MET E 287 6.04 -27.64 -1.33
N THR E 288 6.87 -27.70 -2.39
CA THR E 288 7.88 -26.64 -2.55
C THR E 288 7.22 -25.28 -2.79
N THR E 289 6.07 -25.24 -3.48
CA THR E 289 5.35 -23.98 -3.66
C THR E 289 4.85 -23.46 -2.31
N GLN E 290 4.43 -24.36 -1.41
CA GLN E 290 4.06 -23.96 -0.06
C GLN E 290 5.26 -23.43 0.73
N SER E 291 6.42 -24.07 0.54
CA SER E 291 7.65 -23.62 1.21
C SER E 291 8.02 -22.21 0.78
N SER E 292 7.86 -21.91 -0.51
CA SER E 292 8.04 -20.54 -1.00
C SER E 292 7.00 -19.60 -0.39
N GLY E 293 5.76 -20.09 -0.27
CA GLY E 293 4.68 -19.30 0.32
C GLY E 293 4.88 -18.91 1.77
N SER E 294 5.53 -19.77 2.55
CA SER E 294 5.72 -19.52 3.99
C SER E 294 6.55 -18.27 4.27
N ARG E 295 7.62 -18.04 3.51
CA ARG E 295 8.48 -16.86 3.70
C ARG E 295 7.97 -15.65 2.93
N ALA E 296 6.86 -15.09 3.39
CA ALA E 296 6.31 -13.92 2.74
C ALA E 296 6.36 -12.69 3.64
N SER E 297 5.79 -12.76 4.84
CA SER E 297 5.83 -11.63 5.77
C SER E 297 7.25 -11.35 6.26
N LEU E 298 8.06 -12.39 6.40
CA LEU E 298 9.38 -12.32 7.04
C LEU E 298 10.36 -11.40 6.32
N PRO E 299 11.12 -10.59 7.07
CA PRO E 299 12.18 -9.80 6.46
C PRO E 299 13.33 -10.69 6.05
N LYS E 300 14.06 -10.26 5.02
CA LYS E 300 15.19 -11.03 4.52
C LYS E 300 16.30 -11.12 5.57
N VAL E 301 16.78 -12.32 5.86
CA VAL E 301 17.84 -12.56 6.82
C VAL E 301 18.77 -13.66 6.29
N SER E 302 20.05 -13.56 6.66
CA SER E 302 21.04 -14.54 6.23
C SER E 302 20.88 -15.90 6.92
N TYR E 303 20.68 -15.89 8.22
CA TYR E 303 20.63 -17.13 9.02
C TYR E 303 19.34 -17.93 8.78
N VAL E 304 19.40 -19.20 9.16
CA VAL E 304 18.33 -20.17 8.91
C VAL E 304 17.45 -20.35 10.15
N LYS E 305 16.14 -20.16 9.96
CA LYS E 305 15.10 -20.34 10.96
C LYS E 305 14.69 -21.81 11.11
N ALA E 306 14.01 -22.12 12.22
CA ALA E 306 13.56 -23.48 12.52
C ALA E 306 12.54 -24.00 11.50
N ILE E 307 11.62 -23.14 11.06
CA ILE E 307 10.60 -23.51 10.09
C ILE E 307 11.24 -23.94 8.77
N ASP E 308 12.35 -23.31 8.41
CA ASP E 308 13.11 -23.70 7.23
C ASP E 308 13.66 -25.12 7.37
N ILE E 309 14.11 -25.49 8.56
CA ILE E 309 14.62 -26.83 8.81
C ILE E 309 13.52 -27.87 8.62
N TRP E 310 12.33 -27.57 9.16
CA TRP E 310 11.21 -28.50 9.04
C TRP E 310 10.78 -28.69 7.59
N MET E 311 10.66 -27.58 6.83
CA MET E 311 10.27 -27.66 5.44
C MET E 311 11.31 -28.39 4.60
N ALA E 312 12.60 -28.16 4.88
CA ALA E 312 13.66 -28.86 4.16
C ALA E 312 13.62 -30.37 4.39
N VAL E 313 13.38 -30.79 5.63
CA VAL E 313 13.31 -32.23 5.93
C VAL E 313 12.11 -32.88 5.25
N CYS E 314 10.94 -32.22 5.26
CA CYS E 314 9.77 -32.76 4.57
C CYS E 314 10.00 -32.89 3.06
N LEU E 315 10.67 -31.89 2.48
CA LEU E 315 11.02 -31.92 1.06
C LEU E 315 11.97 -33.06 0.76
N LEU E 316 12.88 -33.36 1.69
CA LEU E 316 13.79 -34.49 1.53
C LEU E 316 13.05 -35.82 1.49
N PHE E 317 12.05 -36.00 2.36
CA PHE E 317 11.27 -37.25 2.31
C PHE E 317 10.49 -37.41 1.01
N VAL E 318 9.78 -36.38 0.58
CA VAL E 318 8.98 -36.52 -0.64
C VAL E 318 9.87 -36.73 -1.88
N PHE E 319 11.05 -36.10 -1.92
CA PHE E 319 12.00 -36.34 -3.02
C PHE E 319 12.52 -37.77 -2.98
N SER E 320 12.73 -38.31 -1.77
CA SER E 320 13.18 -39.70 -1.65
C SER E 320 12.14 -40.66 -2.17
N ALA E 321 10.85 -40.34 -2.01
CA ALA E 321 9.78 -41.19 -2.53
C ALA E 321 9.95 -41.48 -4.03
N LEU E 322 10.23 -40.42 -4.82
CA LEU E 322 10.45 -40.59 -6.25
C LEU E 322 11.71 -41.40 -6.49
N LEU E 323 12.74 -41.13 -5.67
CA LEU E 323 14.01 -41.85 -5.77
C LEU E 323 13.75 -43.35 -5.75
N GLU E 324 13.11 -43.82 -4.67
CA GLU E 324 12.72 -45.22 -4.52
C GLU E 324 11.93 -45.75 -5.73
N TYR E 325 11.01 -44.94 -6.28
CA TYR E 325 10.33 -45.36 -7.52
C TYR E 325 11.29 -45.61 -8.68
N ALA E 326 12.20 -44.65 -8.93
CA ALA E 326 13.23 -44.85 -9.94
C ALA E 326 14.01 -46.14 -9.74
N ALA E 327 14.33 -46.46 -8.49
CA ALA E 327 15.04 -47.70 -8.18
C ALA E 327 14.25 -48.94 -8.57
N VAL E 328 12.99 -49.03 -8.12
CA VAL E 328 12.18 -50.22 -8.44
C VAL E 328 11.89 -50.31 -9.94
N ASN E 329 11.69 -49.18 -10.62
CA ASN E 329 11.48 -49.19 -12.06
C ASN E 329 12.71 -49.69 -12.80
N PHE E 330 13.91 -49.29 -12.37
CA PHE E 330 15.13 -49.79 -13.01
C PHE E 330 15.35 -51.28 -12.80
N ILE E 331 15.04 -51.77 -11.61
CA ILE E 331 15.13 -53.21 -11.35
C ILE E 331 14.12 -53.99 -12.19
N ALA E 332 12.89 -53.48 -12.28
CA ALA E 332 11.87 -54.11 -13.11
C ALA E 332 12.23 -54.07 -14.59
N ARG E 333 12.86 -52.98 -15.05
CA ARG E 333 13.31 -52.91 -16.43
C ARG E 333 14.35 -53.99 -16.73
N GLN E 334 15.30 -54.22 -15.81
CA GLN E 334 16.24 -55.34 -16.02
C GLN E 334 15.52 -56.68 -16.07
N HIS E 335 14.50 -56.83 -15.22
CA HIS E 335 13.70 -58.06 -15.20
C HIS E 335 13.00 -58.29 -16.54
N LYS E 336 12.39 -57.25 -17.09
CA LYS E 336 11.71 -57.34 -18.38
C LYS E 336 12.70 -57.56 -19.52
N GLU E 337 13.86 -56.90 -19.47
CA GLU E 337 14.87 -57.00 -20.52
C GLU E 337 15.42 -58.42 -20.61
N LEU E 338 15.77 -59.02 -19.49
CA LEU E 338 16.22 -60.41 -19.54
C LEU E 338 15.05 -61.35 -19.81
N LEU E 339 13.84 -60.99 -19.37
CA LEU E 339 12.66 -61.84 -19.55
C LEU E 339 12.33 -62.07 -21.02
N ARG E 340 12.46 -61.03 -21.85
CA ARG E 340 12.20 -61.13 -23.28
C ARG E 340 13.18 -62.07 -23.98
N THR E 395 16.90 -71.00 -16.21
CA THR E 395 17.76 -70.05 -15.51
C THR E 395 17.20 -68.64 -15.54
N VAL E 396 16.65 -68.26 -16.70
CA VAL E 396 16.05 -66.93 -16.83
C VAL E 396 14.88 -66.73 -15.89
N GLU E 397 14.02 -67.76 -15.75
CA GLU E 397 12.89 -67.66 -14.82
C GLU E 397 13.37 -67.52 -13.39
N GLU E 398 14.42 -68.27 -13.04
CA GLU E 398 15.00 -68.19 -11.70
C GLU E 398 15.57 -66.79 -11.45
N MET E 399 16.13 -66.17 -12.48
CA MET E 399 16.64 -64.80 -12.34
C MET E 399 15.47 -63.82 -12.35
N ARG E 400 14.41 -64.15 -13.10
CA ARG E 400 13.18 -63.37 -13.10
C ARG E 400 12.54 -63.37 -11.71
N LYS E 401 12.50 -64.56 -11.09
CA LYS E 401 11.99 -64.67 -9.73
C LYS E 401 12.86 -63.86 -8.79
N LEU E 402 14.19 -63.90 -8.99
CA LEU E 402 15.10 -63.20 -8.09
C LEU E 402 14.78 -61.71 -8.12
N PHE E 403 14.59 -61.18 -9.34
CA PHE E 403 14.40 -59.75 -9.54
C PHE E 403 13.06 -59.28 -8.97
N ILE E 404 11.98 -60.05 -9.19
CA ILE E 404 10.70 -59.68 -8.58
C ILE E 404 10.80 -59.78 -7.06
N SER E 405 11.50 -60.81 -6.54
CA SER E 405 11.63 -60.93 -5.09
C SER E 405 12.32 -59.69 -4.56
N ARG E 406 13.33 -59.19 -5.29
CA ARG E 406 14.07 -58.00 -4.86
C ARG E 406 13.09 -56.85 -4.77
N ALA E 407 12.17 -56.78 -5.75
CA ALA E 407 11.21 -55.69 -5.84
C ALA E 407 10.34 -55.70 -4.59
N LYS E 408 9.85 -56.90 -4.23
CA LYS E 408 8.94 -57.02 -3.11
C LYS E 408 9.67 -56.66 -1.82
N ARG E 409 10.95 -57.09 -1.68
CA ARG E 409 11.67 -56.82 -0.43
C ARG E 409 11.81 -55.33 -0.26
N ILE E 410 12.15 -54.64 -1.35
CA ILE E 410 12.45 -53.20 -1.29
C ILE E 410 11.19 -52.46 -0.89
N ASP E 411 10.06 -52.81 -1.54
CA ASP E 411 8.83 -52.07 -1.28
C ASP E 411 8.34 -52.31 0.15
N THR E 412 8.32 -53.58 0.61
CA THR E 412 7.76 -53.83 1.94
C THR E 412 8.66 -53.23 3.01
N VAL E 413 9.98 -53.34 2.78
CA VAL E 413 10.97 -52.86 3.73
C VAL E 413 10.77 -51.38 3.90
N SER E 414 10.53 -50.69 2.77
CA SER E 414 10.32 -49.25 2.82
C SER E 414 9.04 -48.95 3.59
N ARG E 415 7.97 -49.74 3.35
CA ARG E 415 6.64 -49.49 3.92
C ARG E 415 6.67 -49.52 5.42
N VAL E 416 7.66 -50.22 5.99
CA VAL E 416 7.82 -50.17 7.44
C VAL E 416 9.06 -49.38 7.86
N ALA E 417 10.04 -49.15 6.96
CA ALA E 417 11.26 -48.44 7.34
C ALA E 417 11.00 -46.96 7.56
N PHE E 418 10.27 -46.33 6.63
CA PHE E 418 10.08 -44.87 6.71
C PHE E 418 9.37 -44.34 7.95
N PRO E 419 8.29 -44.95 8.51
CA PRO E 419 7.59 -44.31 9.65
C PRO E 419 8.46 -44.02 10.86
N LEU E 420 9.34 -44.96 11.23
CA LEU E 420 10.12 -44.77 12.44
C LEU E 420 11.05 -43.56 12.32
N VAL E 421 11.69 -43.37 11.14
CA VAL E 421 12.67 -42.28 11.06
C VAL E 421 11.96 -40.93 11.24
N PHE E 422 10.71 -40.87 10.76
CA PHE E 422 9.90 -39.66 10.88
C PHE E 422 9.60 -39.42 12.35
N LEU E 423 9.24 -40.50 13.04
CA LEU E 423 8.89 -40.47 14.46
C LEU E 423 10.08 -40.03 15.30
N ILE E 424 11.28 -40.56 14.99
CA ILE E 424 12.49 -40.24 15.74
C ILE E 424 12.81 -38.76 15.51
N PHE E 425 12.52 -38.27 14.31
CA PHE E 425 12.82 -36.91 13.93
C PHE E 425 11.94 -35.98 14.75
N ASN E 426 10.63 -36.14 14.61
CA ASN E 426 9.68 -35.26 15.28
C ASN E 426 9.91 -35.22 16.79
N ILE E 427 10.17 -36.38 17.42
CA ILE E 427 10.41 -36.37 18.86
C ILE E 427 11.69 -35.60 19.19
N PHE E 428 12.73 -35.77 18.38
CA PHE E 428 14.00 -35.05 18.60
C PHE E 428 13.84 -33.54 18.46
N TYR E 429 13.18 -33.12 17.38
CA TYR E 429 12.97 -31.71 17.08
C TYR E 429 12.12 -31.03 18.14
N TRP E 430 11.01 -31.65 18.52
CA TRP E 430 10.12 -31.03 19.48
C TRP E 430 10.76 -30.95 20.86
N ILE E 431 11.46 -32.00 21.30
CA ILE E 431 12.08 -31.96 22.62
C ILE E 431 13.21 -30.93 22.66
N THR E 432 14.02 -30.83 21.58
CA THR E 432 15.10 -29.85 21.61
C THR E 432 14.56 -28.41 21.59
N TYR E 433 13.47 -28.14 20.88
CA TYR E 433 12.96 -26.77 20.91
C TYR E 433 12.30 -26.43 22.24
N LYS E 434 11.60 -27.40 22.87
CA LYS E 434 11.05 -27.14 24.20
C LYS E 434 12.14 -26.91 25.24
N ILE E 435 13.25 -27.66 25.16
CA ILE E 435 14.26 -27.47 26.19
C ILE E 435 15.06 -26.20 25.92
N ILE E 436 15.27 -25.80 24.67
CA ILE E 436 15.98 -24.54 24.44
C ILE E 436 15.14 -23.35 24.91
N ARG E 437 13.80 -23.36 24.72
CA ARG E 437 13.04 -22.23 25.27
C ARG E 437 13.08 -22.24 26.80
N SER E 438 13.03 -23.44 27.39
CA SER E 438 13.10 -23.55 28.86
C SER E 438 14.44 -23.04 29.40
N GLU E 439 15.55 -23.34 28.73
CA GLU E 439 16.84 -22.78 29.16
C GLU E 439 16.92 -21.28 28.92
N ASP E 440 16.44 -20.79 27.78
CA ASP E 440 16.56 -19.37 27.46
C ASP E 440 15.75 -18.48 28.40
N ILE E 441 14.54 -18.92 28.80
CA ILE E 441 13.68 -18.06 29.62
C ILE E 441 14.32 -17.75 30.98
N HIS E 442 15.02 -18.71 31.56
CA HIS E 442 15.81 -18.50 32.77
C HIS E 442 16.90 -17.44 32.57
C1 NAG F . 38.75 30.90 6.59
C2 NAG F . 39.23 32.29 7.00
C3 NAG F . 40.03 32.93 5.86
C4 NAG F . 41.15 32.00 5.40
C5 NAG F . 40.58 30.64 5.04
C6 NAG F . 41.64 29.63 4.68
C7 NAG F . 38.09 33.87 8.52
C8 NAG F . 39.28 33.75 9.43
N2 NAG F . 38.13 33.15 7.39
O3 NAG F . 40.57 34.17 6.30
O4 NAG F . 41.80 32.55 4.26
O5 NAG F . 39.87 30.10 6.15
O6 NAG F . 42.34 29.19 5.83
O7 NAG F . 37.13 34.58 8.80
C1 TCI G . 25.07 -34.53 -26.28
O1 TCI G . 26.62 -33.13 -25.25
C2 TCI G . 23.80 -34.82 -26.72
O2 TCI G . 21.94 -31.90 -25.71
C3 TCI G . 22.78 -33.91 -26.51
C4 TCI G . 23.03 -32.71 -25.87
C5 TCI G . 24.33 -32.39 -25.42
C6 TCI G . 25.33 -33.33 -25.63
C7 TCI G . 24.70 -31.11 -24.68
C8 TCI G . 24.07 -29.80 -25.04
C9 TCI G . 24.34 -28.74 -24.32
C10 TCI G . 25.35 -28.80 -23.21
C11 TCI G . 26.53 -29.71 -23.60
C12 TCI G . 26.21 -30.80 -24.64
C13 TCI G . 26.98 -32.07 -24.30
C14 TCI G . 28.49 -31.80 -24.43
C15 TCI G . 26.68 -32.55 -22.88
C16 TCI G . 23.34 -27.64 -24.18
C17 TCI G . 23.47 -36.11 -27.43
C18 TCI G . 24.71 -36.84 -27.95
C19 TCI G . 25.00 -36.40 -29.39
C20 TCI G . 26.12 -37.25 -29.96
N GLY H . 22.49 15.89 22.39
CA GLY H . 23.37 14.97 21.71
C GLY H . 24.46 15.66 20.93
O GLY H . 25.54 15.10 20.71
OXT GLY H . 24.30 16.80 20.50
N GLY I . 20.41 28.49 -4.96
CA GLY I . 20.44 27.90 -6.28
C GLY I . 19.82 28.78 -7.34
O GLY I . 20.16 28.69 -8.51
OXT GLY I . 18.96 29.61 -7.03
C1 NAG J . 6.34 44.88 -21.14
C2 NAG J . 6.33 46.40 -20.97
C3 NAG J . 5.36 47.04 -21.96
C4 NAG J . 5.66 46.59 -23.38
C5 NAG J . 5.67 45.07 -23.45
C6 NAG J . 6.08 44.55 -24.81
C7 NAG J . 6.71 47.66 -18.87
C8 NAG J . 7.93 48.26 -19.52
N2 NAG J . 6.01 46.79 -19.60
O3 NAG J . 5.46 48.45 -21.87
O4 NAG J . 4.67 47.10 -24.27
O5 NAG J . 6.62 44.55 -22.52
O6 NAG J . 7.47 44.71 -25.03
O7 NAG J . 6.38 47.95 -17.73
C1 TCI K . -2.24 -25.83 -42.93
O1 TCI K . -1.37 -23.71 -43.38
C2 TCI K . -2.92 -26.71 -42.12
O2 TCI K . -3.71 -24.69 -39.25
C3 TCI K . -3.40 -26.29 -40.90
C4 TCI K . -3.21 -24.98 -40.48
C5 TCI K . -2.53 -24.06 -41.29
C6 TCI K . -2.03 -24.51 -42.52
C7 TCI K . -2.24 -22.62 -40.92
C8 TCI K . -3.24 -21.79 -40.15
C9 TCI K . -2.92 -20.60 -39.76
C10 TCI K . -1.61 -19.97 -40.15
C11 TCI K . -1.25 -20.36 -41.58
C12 TCI K . -1.83 -21.70 -42.09
C13 TCI K . -0.82 -22.42 -42.98
C14 TCI K . -0.56 -21.59 -44.23
C15 TCI K . 0.50 -22.65 -42.24
C16 TCI K . -3.53 -20.01 -38.52
C17 TCI K . -3.15 -28.15 -42.53
C18 TCI K . -2.95 -28.39 -44.02
C19 TCI K . -4.27 -28.21 -44.76
C20 TCI K . -4.10 -28.61 -46.23
N GLY L . -8.65 32.52 -11.25
CA GLY L . -9.57 31.70 -12.02
C GLY L . -11.01 31.99 -11.70
O GLY L . -11.91 31.80 -12.52
OXT GLY L . -11.34 32.43 -10.61
C1 NAG M . -33.30 37.33 -1.41
C2 NAG M . -33.73 38.71 -0.88
C3 NAG M . -35.14 38.63 -0.29
C4 NAG M . -36.11 38.03 -1.30
C5 NAG M . -35.60 36.68 -1.78
C6 NAG M . -36.45 36.08 -2.87
C7 NAG M . -32.26 40.45 0.07
C8 NAG M . -32.66 41.33 -1.08
N2 NAG M . -32.79 39.22 0.10
O3 NAG M . -35.56 39.93 0.07
O4 NAG M . -37.39 37.87 -0.70
O5 NAG M . -34.28 36.84 -2.34
O6 NAG M . -36.26 36.76 -4.10
O7 NAG M . -31.48 40.83 0.92
C1 TCI N . -28.32 -33.47 -24.01
O1 TCI N . -29.24 -31.35 -24.34
C2 TCI N . -27.50 -34.35 -23.34
O2 TCI N . -26.01 -32.24 -20.83
C3 TCI N . -26.75 -33.88 -22.28
C4 TCI N . -26.81 -32.56 -21.88
C5 TCI N . -27.65 -31.66 -22.55
C6 TCI N . -28.39 -32.12 -23.63
C7 TCI N . -27.77 -30.18 -22.21
C8 TCI N . -27.73 -29.70 -20.78
C9 TCI N . -27.76 -28.41 -20.54
C10 TCI N . -27.91 -27.41 -21.65
C11 TCI N . -28.90 -27.94 -22.70
C12 TCI N . -29.03 -29.48 -22.80
C13 TCI N . -29.19 -29.89 -24.25
C14 TCI N . -30.52 -29.33 -24.78
C15 TCI N . -28.05 -29.37 -25.14
C16 TCI N . -27.08 -27.87 -19.31
C17 TCI N . -27.38 -35.80 -23.73
C18 TCI N . -28.53 -36.27 -24.62
C19 TCI N . -29.66 -36.84 -23.76
C20 TCI N . -30.73 -37.45 -24.66
N GLY O . -24.75 22.50 12.09
CA GLY O . -25.40 21.22 12.31
C GLY O . -25.70 20.95 13.77
O GLY O . -26.61 20.21 14.11
OXT GLY O . -25.00 21.46 14.64
C1 NAG P . -25.47 18.44 38.90
C2 NAG P . -25.66 19.59 39.90
C3 NAG P . -25.55 19.06 41.33
C4 NAG P . -26.50 17.90 41.56
C5 NAG P . -26.26 16.82 40.51
C6 NAG P . -27.25 15.68 40.60
C7 NAG P . -25.02 21.95 39.56
C8 NAG P . -26.48 22.29 39.69
N2 NAG P . -24.70 20.66 39.66
O3 NAG P . -25.84 20.12 42.24
O4 NAG P . -26.30 17.35 42.86
O5 NAG P . -26.40 17.38 39.20
O6 NAG P . -28.53 16.08 40.11
O7 NAG P . -24.18 22.81 39.37
C1 TCI Q . -17.31 -46.83 3.96
O1 TCI Q . -18.68 -45.43 5.23
C2 TCI Q . -16.15 -47.10 3.28
O2 TCI Q . -14.28 -44.05 3.70
C3 TCI Q . -15.16 -46.14 3.22
C4 TCI Q . -15.33 -44.92 3.84
C5 TCI Q . -16.51 -44.62 4.55
C6 TCI Q . -17.50 -45.60 4.58
C7 TCI Q . -16.80 -43.30 5.24
C8 TCI Q . -15.71 -42.54 5.95
C9 TCI Q . -15.99 -41.37 6.46
C10 TCI Q . -17.38 -40.81 6.41
C11 TCI Q . -18.41 -41.92 6.65
C12 TCI Q . -17.96 -43.35 6.26
C13 TCI Q . -19.14 -44.11 5.67
C14 TCI Q . -20.21 -44.31 6.74
C15 TCI Q . -19.74 -43.38 4.47
C16 TCI Q . -14.91 -40.32 6.56
C17 TCI Q . -15.91 -48.43 2.58
C18 TCI Q . -16.87 -49.53 3.04
C19 TCI Q . -16.25 -50.30 4.20
C20 TCI Q . -17.13 -51.49 4.55
N GLY R . -5.49 12.07 32.92
CA GLY R . -5.03 10.72 33.19
C GLY R . -3.74 10.70 33.98
O GLY R . -3.45 9.74 34.69
OXT GLY R . -2.95 11.63 33.91
C1 NAG S . 19.15 14.54 43.89
C2 NAG S . 19.53 15.70 44.81
C3 NAG S . 21.01 15.62 45.18
C4 NAG S . 21.35 14.25 45.75
C5 NAG S . 20.92 13.16 44.77
C6 NAG S . 21.11 11.77 45.33
C7 NAG S . 18.55 17.97 44.82
C8 NAG S . 18.07 17.70 46.22
N2 NAG S . 19.22 16.99 44.21
O3 NAG S . 21.31 16.63 46.13
O4 NAG S . 22.75 14.15 45.97
O5 NAG S . 19.51 13.29 44.50
O6 NAG S . 20.15 11.47 46.32
O7 NAG S . 18.32 19.04 44.26
C1 TCI T . 15.59 -47.49 2.81
O1 TCI T . 15.77 -46.54 4.93
C2 TCI T . 15.47 -47.40 1.44
O2 TCI T . 15.28 -43.83 0.92
C3 TCI T . 15.36 -46.16 0.86
C4 TCI T . 15.39 -45.01 1.62
C5 TCI T . 15.54 -45.08 3.01
C6 TCI T . 15.62 -46.34 3.59
C7 TCI T . 15.55 -43.88 3.95
C8 TCI T . 16.23 -42.59 3.56
C9 TCI T . 16.14 -41.55 4.35
C10 TCI T . 15.46 -41.65 5.68
C11 TCI T . 15.77 -43.01 6.34
C12 TCI T . 16.10 -44.16 5.37
C13 TCI T . 15.51 -45.46 5.89
C14 TCI T . 16.19 -45.83 7.21
C15 TCI T . 14.00 -45.35 6.12
C16 TCI T . 16.17 -40.16 3.78
C17 TCI T . 15.43 -48.62 0.55
C18 TCI T . 15.94 -49.89 1.25
C19 TCI T . 17.45 -50.04 0.99
C20 TCI T . 17.92 -51.38 1.54
#